data_6R1B
#
_entry.id   6R1B
#
_cell.length_a   46.110
_cell.length_b   169.860
_cell.length_c   213.310
_cell.angle_alpha   90.000
_cell.angle_beta   90.000
_cell.angle_gamma   90.000
#
_symmetry.space_group_name_H-M   'P 21 21 21'
#
loop_
_entity.id
_entity.type
_entity.pdbx_description
1 polymer 'Putative Sn-glycerol-3-phosphate-binding lipoprotein UgpB'
2 polymer 'Putative Sn-glycerol-3-phosphate-binding lipoprotein UgpB'
3 polymer 'Putative Sn-glycerol-3-phosphate-binding lipoprotein UgpB'
4 polymer 'Putative Sn-glycerol-3-phosphate-binding lipoprotein UgpB'
5 non-polymer 2-(((R)-2,3-DIHYDROXYPROPYL)PHOSPHORYLOXY)-N,N,N-TRIMETHYLETHANAMINIUM
6 non-polymer 'MAGNESIUM ION'
7 non-polymer GLYCEROL
8 water water
#
loop_
_entity_poly.entity_id
_entity_poly.type
_entity_poly.pdbx_seq_one_letter_code
_entity_poly.pdbx_strand_id
1 'polypeptide(L)'
;SGPIDFWSSHPGQSSAAERELIGRFQDRFPTLSVKLIDAGKDYDEVAQKFNAALIGTDVPDVVLLDDRWWFHFALSGVLT
ALDDLFGQVGVDTTDYVDSLLADYEFNGRHYAVPYARSTPLFYYN(MLZ)AAWQQAGLPDRGPQSWSEFDEWGPELQRVV
GAGRSAHGWANADLISWTFQGPNWAFGGAYSDKWTLTLTEPATIAAGNFYRNSIHGKGYAAVANDIANEFATGILASAVA
STGSLAGITASARFDFGAAPLPTGPDAAPACPTGGAGLAIPAKLSEERKVNALKFIAFVTNPTNTAYFSQQTGYLPVRKS
AVDDASERHYLADNPRARVALDQLPHTRTQDYARVFLPGGDRIISAGLESIGLRGADVTKTFTNIQKRLQVILDRQIM
;
A
2 'polypeptide(L)'
;GSGPIDFWSSHPGQSSAAERELIGRFQDRFPTLSVKLIDAGKDYDEVAQKFNAALIGTDVPDVVLLDDRWWFHFALSGVL
TALDDLFGQVGVDTTDYVDSLLADYEFNGRHYAVPYARSTPLFYYN(MLZ)AAWQQAGLPDRGPQSWSEFDEWGPELQRV
VGAGRSAHGWANADLISWTFQGPNWAFGGAYSDKWTLTLTEPATIAAGNFYRNSIHGKGYAAVANDIANEFATGILASAV
ASTGSLAGITASARFDFGAAPLPTGPDAAPACPTGGAGLAIPAKLSEERKVNALKFIAFVTNPTNTAYFSQQTGYLPVRK
SAVDDASERHYLADNPRARVALDQLPHTRTQDYARVFLPGGDRIISAGLESIGLRGADVTKTFTNIQKRLQVILDRQIM
;
B
3 'polypeptide(L)'
;GSGPIDFWSSHPGQSSAAERELIGRFQDRFPTLSVKLIDAGKDYDEVAQKFNAALIGTDVPDVVLLDDRWWFHFALSGVL
TALDDLFGQVGVDTTDYVDSLLADYEFNGRHYAVPYARSTPLFYYN(MLZ)AAWQQAGLPDRGPQSWSEFDEWGPELQRV
VGAGRSAHGWANADLISWTFQGPNWAFGGAYSDKWTLTLTEPATIAAGNFYRNSIHGKGYAAVANDIANEFATGILASAV
ASTGSLAGITASARFDFGAAPLPTGPDAAPACPTGGAGLAIPAKLSEERKVNALKFIAFVTNPTNTAYFSQQTGYLPVRK
SAVDRARVALDQLPHTRTQDYARVFLPGGDRIISAGLESIGLRGADVTKTFTNIQKRLQVILDRQIMR
;
C
4 'polypeptide(L)'
;GSGPIDFWSSHPGQSSAAERELIGRFQDRFPTLSVKLIDAGKDYDEVAQKFNAALIGTDVPDVVLLDDRWWFHFALSGVL
TALDDLFGQVGVDTTDYVDSLLADYEFNGRHYAVPYARSTPLFYYN(MLZ)AAWQQAGLPDRGPQSWSEFDEWGPELQRV
VGAGRSAHGWANADLISWTFQGPNWAFGGAYSDKWTLTLTEPATIAAGNFYRNSIHGKGYAAVANDIANEFATGILASAV
ASTGSLAGITASARFDFGAAPLPTGPDAAPACPTGGAGLAIPAKLSEERKVNALKFIAFVTNPTNTAYFSQQTGYLPVRK
SAVDRARVALDQLPHTRTQDYARVFLPGGDRIISAGLESIGLRGADVTKTFTNIQKRLQVILDRQI
;
D
#
# COMPACT_ATOMS: atom_id res chain seq x y z
N SER A 1 22.91 11.23 -56.04
CA SER A 1 22.52 12.49 -56.66
C SER A 1 21.41 12.26 -57.67
N GLY A 2 20.92 13.34 -58.27
CA GLY A 2 19.80 13.27 -59.17
C GLY A 2 18.49 13.20 -58.42
N PRO A 3 17.45 12.67 -59.06
CA PRO A 3 16.12 12.67 -58.45
C PRO A 3 16.06 11.78 -57.21
N ILE A 4 14.94 11.92 -56.49
CA ILE A 4 14.61 10.98 -55.42
C ILE A 4 14.26 9.64 -56.05
N ASP A 5 15.07 8.62 -55.77
CA ASP A 5 14.85 7.28 -56.31
C ASP A 5 13.91 6.50 -55.39
N PHE A 6 12.75 6.14 -55.92
CA PHE A 6 11.70 5.46 -55.16
C PHE A 6 11.66 4.00 -55.62
N TRP A 7 12.14 3.09 -54.78
CA TRP A 7 12.12 1.67 -55.11
C TRP A 7 10.86 1.03 -54.54
N SER A 8 10.02 0.50 -55.41
CA SER A 8 8.75 -0.12 -55.04
C SER A 8 8.59 -1.44 -55.77
N SER A 9 7.74 -2.30 -55.21
CA SER A 9 7.30 -3.51 -55.88
C SER A 9 5.92 -3.35 -56.49
N HIS A 10 5.39 -2.12 -56.47
CA HIS A 10 4.04 -1.82 -56.92
C HIS A 10 3.04 -2.79 -56.31
N PRO A 11 3.01 -2.92 -54.98
CA PRO A 11 2.12 -3.89 -54.35
C PRO A 11 0.67 -3.59 -54.68
N GLY A 12 -0.10 -4.65 -54.89
CA GLY A 12 -1.48 -4.47 -55.29
C GLY A 12 -1.64 -3.92 -56.69
N GLN A 13 -0.66 -4.18 -57.56
CA GLN A 13 -0.68 -3.69 -58.94
C GLN A 13 -0.92 -2.19 -58.98
N SER A 14 -0.11 -1.46 -58.22
CA SER A 14 -0.40 -0.07 -57.90
C SER A 14 0.53 0.93 -58.59
N SER A 15 1.25 0.50 -59.63
CA SER A 15 2.23 1.39 -60.25
C SER A 15 1.56 2.65 -60.80
N ALA A 16 0.34 2.53 -61.34
CA ALA A 16 -0.35 3.71 -61.85
C ALA A 16 -0.68 4.68 -60.72
N ALA A 17 -1.19 4.17 -59.61
CA ALA A 17 -1.45 5.03 -58.46
C ALA A 17 -0.18 5.73 -57.98
N GLU A 18 0.95 5.02 -57.98
CA GLU A 18 2.19 5.62 -57.50
C GLU A 18 2.67 6.71 -58.44
N ARG A 19 2.56 6.49 -59.76
CA ARG A 19 2.89 7.54 -60.71
C ARG A 19 2.05 8.78 -60.48
N GLU A 20 0.78 8.58 -60.09
CA GLU A 20 -0.12 9.71 -59.89
C GLU A 20 0.24 10.48 -58.63
N LEU A 21 0.53 9.77 -57.54
CA LEU A 21 1.01 10.44 -56.34
C LEU A 21 2.29 11.20 -56.60
N ILE A 22 3.17 10.65 -57.45
CA ILE A 22 4.38 11.36 -57.86
C ILE A 22 4.02 12.64 -58.60
N GLY A 23 2.98 12.61 -59.42
CA GLY A 23 2.54 13.83 -60.07
C GLY A 23 2.11 14.88 -59.06
N ARG A 24 1.30 14.47 -58.09
CA ARG A 24 0.89 15.38 -57.02
C ARG A 24 2.10 15.94 -56.28
N PHE A 25 3.11 15.10 -56.04
CA PHE A 25 4.29 15.58 -55.32
C PHE A 25 5.07 16.59 -56.15
N GLN A 26 5.11 16.43 -57.46
CA GLN A 26 5.89 17.35 -58.29
C GLN A 26 5.16 18.67 -58.53
N ASP A 27 3.83 18.65 -58.61
CA ASP A 27 3.10 19.92 -58.65
C ASP A 27 3.21 20.67 -57.33
N ARG A 28 3.30 19.94 -56.22
CA ARG A 28 3.38 20.59 -54.91
C ARG A 28 4.77 21.13 -54.62
N PHE A 29 5.81 20.41 -55.05
CA PHE A 29 7.19 20.84 -54.95
C PHE A 29 7.78 20.87 -56.37
N PRO A 30 7.56 21.95 -57.12
CA PRO A 30 8.13 22.02 -58.47
C PRO A 30 9.64 21.93 -58.49
N THR A 31 10.28 21.95 -57.33
CA THR A 31 11.72 21.96 -57.23
C THR A 31 12.33 20.56 -57.16
N LEU A 32 11.55 19.56 -56.75
CA LEU A 32 12.05 18.19 -56.60
C LEU A 32 11.41 17.27 -57.64
N SER A 33 12.16 16.23 -58.02
CA SER A 33 11.69 15.23 -58.96
C SER A 33 11.88 13.84 -58.38
N VAL A 34 11.04 12.92 -58.83
CA VAL A 34 11.03 11.54 -58.36
C VAL A 34 11.18 10.61 -59.55
N LYS A 35 11.93 9.53 -59.37
CA LYS A 35 12.00 8.46 -60.36
C LYS A 35 11.45 7.20 -59.71
N LEU A 36 10.27 6.76 -60.14
CA LEU A 36 9.70 5.51 -59.68
C LEU A 36 10.41 4.33 -60.34
N ILE A 37 10.91 3.41 -59.53
CA ILE A 37 11.74 2.32 -60.03
C ILE A 37 11.06 0.99 -59.71
N ASP A 38 10.81 0.19 -60.74
CA ASP A 38 10.29 -1.14 -60.51
C ASP A 38 11.41 -2.00 -59.92
N ALA A 39 11.50 -2.04 -58.59
CA ALA A 39 12.63 -2.63 -57.90
C ALA A 39 12.46 -4.13 -57.65
N GLY A 40 11.38 -4.71 -58.08
CA GLY A 40 11.17 -6.14 -57.84
C GLY A 40 9.70 -6.48 -57.89
N LYS A 41 9.44 -7.76 -58.14
CA LYS A 41 8.08 -8.24 -58.30
C LYS A 41 7.37 -8.48 -56.96
N ASP A 42 8.13 -8.57 -55.86
CA ASP A 42 7.54 -8.73 -54.53
C ASP A 42 8.52 -8.17 -53.51
N TYR A 43 8.08 -8.16 -52.24
CA TYR A 43 8.90 -7.54 -51.20
C TYR A 43 10.27 -8.19 -51.08
N ASP A 44 10.37 -9.49 -51.33
CA ASP A 44 11.67 -10.15 -51.21
C ASP A 44 12.63 -9.70 -52.29
N GLU A 45 12.13 -9.42 -53.50
CA GLU A 45 13.04 -8.97 -54.55
C GLU A 45 13.54 -7.56 -54.27
N VAL A 46 12.66 -6.67 -53.78
CA VAL A 46 13.11 -5.33 -53.42
C VAL A 46 14.20 -5.40 -52.34
N ALA A 47 13.99 -6.23 -51.32
CA ALA A 47 14.96 -6.35 -50.24
C ALA A 47 16.27 -6.95 -50.75
N GLN A 48 16.18 -7.99 -51.59
CA GLN A 48 17.38 -8.51 -52.23
C GLN A 48 18.14 -7.42 -52.96
N LYS A 49 17.44 -6.64 -53.78
CA LYS A 49 18.13 -5.60 -54.54
C LYS A 49 18.75 -4.57 -53.62
N PHE A 50 18.02 -4.15 -52.58
CA PHE A 50 18.57 -3.18 -51.63
C PHE A 50 19.83 -3.72 -50.98
N ASN A 51 19.79 -4.99 -50.55
CA ASN A 51 20.98 -5.60 -49.98
C ASN A 51 22.19 -5.44 -50.90
N ALA A 52 22.04 -5.84 -52.17
CA ALA A 52 23.14 -5.70 -53.12
C ALA A 52 23.59 -4.25 -53.22
N ALA A 53 22.65 -3.32 -53.26
CA ALA A 53 23.00 -1.91 -53.46
C ALA A 53 23.77 -1.34 -52.28
N LEU A 54 23.49 -1.82 -51.07
CA LEU A 54 24.16 -1.28 -49.88
C LEU A 54 25.65 -1.59 -49.90
N ILE A 55 26.03 -2.76 -50.38
CA ILE A 55 27.45 -3.06 -50.55
C ILE A 55 28.05 -2.16 -51.61
N GLY A 56 27.26 -1.77 -52.61
CA GLY A 56 27.74 -0.87 -53.63
C GLY A 56 27.61 0.59 -53.23
N THR A 57 27.30 1.45 -54.19
CA THR A 57 27.20 2.88 -53.96
C THR A 57 25.82 3.45 -54.19
N ASP A 58 25.10 2.98 -55.22
CA ASP A 58 23.84 3.59 -55.63
C ASP A 58 22.71 3.02 -54.79
N VAL A 59 22.43 3.67 -53.66
CA VAL A 59 21.33 3.27 -52.80
C VAL A 59 20.11 4.14 -53.11
N PRO A 60 18.90 3.59 -53.03
CA PRO A 60 17.73 4.42 -53.30
C PRO A 60 17.53 5.45 -52.20
N ASP A 61 16.75 6.49 -52.52
CA ASP A 61 16.36 7.46 -51.51
C ASP A 61 15.23 6.94 -50.64
N VAL A 62 14.27 6.25 -51.26
CA VAL A 62 13.09 5.72 -50.59
C VAL A 62 12.95 4.26 -51.01
N VAL A 63 12.80 3.36 -50.03
CA VAL A 63 12.69 1.95 -50.33
C VAL A 63 11.53 1.34 -49.54
N LEU A 64 10.73 0.53 -50.24
CA LEU A 64 9.60 -0.17 -49.66
C LEU A 64 10.08 -1.44 -48.96
N LEU A 65 9.83 -1.54 -47.65
CA LEU A 65 10.28 -2.68 -46.86
C LEU A 65 9.07 -3.30 -46.14
N ASP A 66 8.90 -4.62 -46.26
CA ASP A 66 7.69 -5.24 -45.71
C ASP A 66 7.84 -5.47 -44.21
N ASP A 67 6.86 -6.16 -43.62
CA ASP A 67 6.77 -6.34 -42.17
C ASP A 67 7.92 -7.16 -41.60
N ARG A 68 8.75 -7.75 -42.44
CA ARG A 68 9.91 -8.49 -41.97
C ARG A 68 11.21 -7.80 -42.31
N TRP A 69 11.29 -7.17 -43.48
CA TRP A 69 12.55 -6.61 -43.95
C TRP A 69 12.91 -5.31 -43.25
N TRP A 70 11.93 -4.47 -42.91
CA TRP A 70 12.24 -3.24 -42.22
C TRP A 70 13.01 -3.52 -40.93
N PHE A 71 12.58 -4.52 -40.17
CA PHE A 71 13.26 -4.82 -38.91
C PHE A 71 14.67 -5.35 -39.17
N HIS A 72 14.82 -6.20 -40.18
CA HIS A 72 16.13 -6.73 -40.53
C HIS A 72 17.11 -5.61 -40.88
N PHE A 73 16.66 -4.64 -41.68
CA PHE A 73 17.58 -3.57 -42.06
C PHE A 73 17.76 -2.53 -40.95
N ALA A 74 16.70 -2.25 -40.18
CA ALA A 74 16.85 -1.37 -39.04
C ALA A 74 17.86 -1.92 -38.05
N LEU A 75 17.67 -3.18 -37.65
CA LEU A 75 18.62 -3.83 -36.75
C LEU A 75 20.03 -3.88 -37.32
N SER A 76 20.19 -3.78 -38.64
CA SER A 76 21.51 -3.74 -39.26
C SER A 76 22.09 -2.34 -39.27
N GLY A 77 21.32 -1.32 -38.89
CA GLY A 77 21.81 0.04 -38.87
C GLY A 77 21.99 0.69 -40.22
N VAL A 78 21.28 0.22 -41.24
CA VAL A 78 21.37 0.83 -42.58
C VAL A 78 20.20 1.78 -42.86
N LEU A 79 19.34 2.02 -41.88
CA LEU A 79 18.14 2.84 -42.07
C LEU A 79 18.15 4.06 -41.16
N THR A 80 17.66 5.17 -41.70
CA THR A 80 17.55 6.41 -40.92
C THR A 80 16.51 6.24 -39.83
N ALA A 81 16.91 6.44 -38.58
CA ALA A 81 15.92 6.72 -37.55
C ALA A 81 15.24 8.05 -37.89
N LEU A 82 13.91 8.08 -37.83
CA LEU A 82 13.14 9.16 -38.42
C LEU A 82 12.55 10.14 -37.41
N ASP A 83 12.71 9.91 -36.11
CA ASP A 83 11.93 10.65 -35.13
C ASP A 83 12.26 12.14 -35.16
N ASP A 84 13.54 12.50 -35.28
CA ASP A 84 13.87 13.91 -35.38
C ASP A 84 13.50 14.49 -36.75
N LEU A 85 13.49 13.66 -37.79
CA LEU A 85 13.11 14.14 -39.12
C LEU A 85 11.61 14.43 -39.18
N PHE A 86 10.80 13.63 -38.47
CA PHE A 86 9.38 13.91 -38.40
C PHE A 86 9.14 15.34 -37.93
N GLY A 87 9.83 15.75 -36.86
CA GLY A 87 9.65 17.10 -36.36
C GLY A 87 10.15 18.15 -37.33
N GLN A 88 11.30 17.90 -37.97
CA GLN A 88 11.91 18.92 -38.81
C GLN A 88 11.10 19.18 -40.06
N VAL A 89 10.39 18.17 -40.57
CA VAL A 89 9.62 18.36 -41.78
C VAL A 89 8.20 18.84 -41.48
N GLY A 90 7.73 18.71 -40.24
CA GLY A 90 6.36 19.01 -39.92
C GLY A 90 5.40 17.86 -40.13
N VAL A 91 5.87 16.61 -40.01
CA VAL A 91 4.97 15.48 -40.11
C VAL A 91 4.06 15.44 -38.88
N ASP A 92 2.77 15.26 -39.11
CA ASP A 92 1.79 15.15 -38.02
C ASP A 92 1.62 13.68 -37.69
N THR A 93 2.59 13.15 -36.92
CA THR A 93 2.60 11.72 -36.63
C THR A 93 1.44 11.29 -35.75
N THR A 94 0.84 12.20 -34.99
CA THR A 94 -0.38 11.92 -34.24
C THR A 94 -1.50 11.44 -35.16
N ASP A 95 -1.42 11.77 -36.45
CA ASP A 95 -2.49 11.51 -37.38
C ASP A 95 -2.38 10.16 -38.09
N TYR A 96 -1.19 9.54 -38.08
CA TYR A 96 -1.10 8.17 -38.59
C TYR A 96 -1.80 7.22 -37.64
N VAL A 97 -2.38 6.16 -38.20
CA VAL A 97 -3.03 5.19 -37.32
C VAL A 97 -1.96 4.60 -36.41
N ASP A 98 -2.20 4.70 -35.10
CA ASP A 98 -1.13 4.52 -34.13
C ASP A 98 -0.51 3.13 -34.23
N SER A 99 -1.34 2.09 -34.37
CA SER A 99 -0.81 0.75 -34.52
C SER A 99 0.06 0.62 -35.77
N LEU A 100 -0.33 1.29 -36.86
CA LEU A 100 0.41 1.15 -38.10
C LEU A 100 1.78 1.83 -38.03
N LEU A 101 1.88 2.94 -37.29
CA LEU A 101 3.17 3.59 -37.16
C LEU A 101 4.02 2.89 -36.10
N ALA A 102 3.41 2.39 -35.02
CA ALA A 102 4.15 1.63 -34.02
C ALA A 102 4.75 0.35 -34.60
N ASP A 103 4.24 -0.15 -35.72
CA ASP A 103 4.80 -1.33 -36.37
C ASP A 103 6.25 -1.13 -36.79
N TYR A 104 6.76 0.10 -36.80
CA TYR A 104 8.12 0.39 -37.24
C TYR A 104 8.97 0.97 -36.13
N GLU A 105 8.47 0.96 -34.90
CA GLU A 105 9.21 1.49 -33.76
C GLU A 105 10.16 0.42 -33.22
N PHE A 106 11.43 0.78 -33.11
CA PHE A 106 12.44 -0.13 -32.59
C PHE A 106 13.26 0.60 -31.54
N ASN A 107 13.12 0.19 -30.28
CA ASN A 107 13.95 0.72 -29.21
C ASN A 107 13.83 2.24 -29.15
N GLY A 108 12.59 2.73 -29.22
CA GLY A 108 12.30 4.14 -29.07
C GLY A 108 12.30 4.96 -30.35
N ARG A 109 12.77 4.39 -31.46
CA ARG A 109 12.90 5.12 -32.72
C ARG A 109 12.09 4.45 -33.81
N HIS A 110 11.60 5.26 -34.75
CA HIS A 110 10.84 4.79 -35.91
C HIS A 110 11.73 4.77 -37.14
N TYR A 111 11.71 3.66 -37.87
CA TYR A 111 12.61 3.48 -39.01
C TYR A 111 11.88 3.38 -40.34
N ALA A 112 10.55 3.51 -40.36
CA ALA A 112 9.78 3.46 -41.59
C ALA A 112 8.44 4.12 -41.33
N VAL A 113 7.72 4.40 -42.42
CA VAL A 113 6.42 5.03 -42.36
C VAL A 113 5.43 4.11 -43.07
N PRO A 114 4.29 3.78 -42.46
CA PRO A 114 3.35 2.85 -43.12
C PRO A 114 2.89 3.36 -44.48
N TYR A 115 2.70 2.44 -45.43
CA TYR A 115 2.44 2.78 -46.82
C TYR A 115 1.38 1.88 -47.47
N ALA A 116 1.71 0.61 -47.63
CA ALA A 116 0.78 -0.37 -48.16
C ALA A 116 0.53 -1.35 -47.01
N ARG A 117 -0.49 -1.04 -46.22
CA ARG A 117 -0.80 -1.80 -45.01
C ARG A 117 -2.11 -2.55 -45.18
N SER A 118 -2.19 -3.73 -44.59
CA SER A 118 -3.25 -4.68 -44.87
C SER A 118 -3.69 -5.43 -43.62
N THR A 119 -4.78 -6.16 -43.77
CA THR A 119 -5.12 -7.35 -43.01
C THR A 119 -5.46 -8.40 -44.04
N PRO A 120 -5.34 -9.68 -43.71
CA PRO A 120 -5.92 -10.71 -44.56
C PRO A 120 -7.43 -10.54 -44.60
N LEU A 121 -8.05 -11.12 -45.63
CA LEU A 121 -9.50 -11.19 -45.72
C LEU A 121 -9.89 -12.59 -46.13
N PHE A 122 -11.06 -13.01 -45.67
CA PHE A 122 -11.64 -14.27 -46.12
C PHE A 122 -12.51 -13.99 -47.35
N TYR A 123 -11.93 -14.17 -48.54
CA TYR A 123 -12.66 -14.03 -49.80
C TYR A 123 -13.49 -15.28 -50.06
N TYR A 124 -14.76 -15.10 -50.40
CA TYR A 124 -15.58 -16.25 -50.76
C TYR A 124 -16.44 -15.96 -51.99
N ASN A 125 -16.54 -16.96 -52.85
CA ASN A 125 -17.33 -16.91 -54.05
C ASN A 125 -18.80 -17.03 -53.69
N ALA A 127 -21.58 -17.38 -55.79
CA ALA A 127 -22.25 -18.43 -56.54
C ALA A 127 -22.00 -19.79 -55.89
N ALA A 128 -20.74 -20.05 -55.50
CA ALA A 128 -20.43 -21.31 -54.81
C ALA A 128 -21.17 -21.38 -53.48
N TRP A 129 -21.13 -20.29 -52.71
CA TRP A 129 -21.86 -20.23 -51.45
C TRP A 129 -23.34 -20.54 -51.63
N GLN A 130 -23.95 -20.01 -52.69
CA GLN A 130 -25.37 -20.25 -52.94
C GLN A 130 -25.61 -21.71 -53.33
N GLN A 131 -24.76 -22.25 -54.23
CA GLN A 131 -24.88 -23.66 -54.61
C GLN A 131 -24.83 -24.56 -53.40
N ALA A 132 -23.96 -24.25 -52.42
CA ALA A 132 -23.77 -25.09 -51.25
C ALA A 132 -24.80 -24.84 -50.16
N GLY A 133 -25.65 -23.82 -50.31
CA GLY A 133 -26.65 -23.53 -49.30
C GLY A 133 -26.12 -22.76 -48.11
N LEU A 134 -25.03 -22.05 -48.27
CA LEU A 134 -24.48 -21.38 -47.11
C LEU A 134 -25.10 -20.00 -46.92
N PRO A 135 -25.10 -19.48 -45.70
CA PRO A 135 -25.50 -18.09 -45.49
C PRO A 135 -24.44 -17.16 -46.07
N ASP A 136 -24.87 -15.94 -46.40
CA ASP A 136 -24.01 -14.99 -47.11
C ASP A 136 -23.09 -14.29 -46.09
N ARG A 137 -21.99 -14.96 -45.76
CA ARG A 137 -21.03 -14.45 -44.79
C ARG A 137 -19.87 -15.42 -44.72
N GLY A 138 -18.79 -14.98 -44.06
CA GLY A 138 -17.68 -15.86 -43.80
C GLY A 138 -17.96 -16.75 -42.61
N PRO A 139 -17.15 -17.79 -42.45
CA PRO A 139 -17.29 -18.65 -41.28
C PRO A 139 -17.00 -17.86 -40.01
N GLN A 140 -17.76 -18.15 -38.96
CA GLN A 140 -17.52 -17.55 -37.65
C GLN A 140 -16.41 -18.26 -36.90
N SER A 141 -16.10 -19.50 -37.26
CA SER A 141 -15.05 -20.27 -36.62
C SER A 141 -14.50 -21.23 -37.66
N TRP A 142 -13.21 -21.56 -37.53
CA TRP A 142 -12.62 -22.52 -38.45
C TRP A 142 -13.24 -23.89 -38.30
N SER A 143 -13.87 -24.17 -37.16
CA SER A 143 -14.64 -25.40 -37.03
C SER A 143 -15.89 -25.35 -37.90
N GLU A 144 -16.56 -24.19 -37.95
CA GLU A 144 -17.72 -24.06 -38.83
C GLU A 144 -17.32 -24.22 -40.29
N PHE A 145 -16.19 -23.64 -40.69
CA PHE A 145 -15.79 -23.77 -42.08
C PHE A 145 -15.39 -25.20 -42.42
N ASP A 146 -14.88 -25.94 -41.43
CA ASP A 146 -14.60 -27.35 -41.65
C ASP A 146 -15.87 -28.13 -41.98
N GLU A 147 -17.04 -27.61 -41.60
CA GLU A 147 -18.31 -28.19 -41.97
C GLU A 147 -18.81 -27.70 -43.32
N TRP A 148 -18.48 -26.46 -43.68
CA TRP A 148 -18.82 -25.95 -45.00
C TRP A 148 -17.93 -26.59 -46.08
N GLY A 149 -16.66 -26.80 -45.76
CA GLY A 149 -15.66 -27.25 -46.70
C GLY A 149 -16.13 -28.37 -47.60
N PRO A 150 -16.48 -29.52 -47.03
CA PRO A 150 -16.94 -30.64 -47.87
C PRO A 150 -18.19 -30.33 -48.67
N GLU A 151 -19.08 -29.45 -48.20
CA GLU A 151 -20.24 -29.10 -49.00
C GLU A 151 -19.83 -28.27 -50.21
N LEU A 152 -18.94 -27.30 -50.01
CA LEU A 152 -18.42 -26.52 -51.12
C LEU A 152 -17.70 -27.40 -52.13
N GLN A 153 -16.83 -28.29 -51.64
CA GLN A 153 -16.07 -29.16 -52.54
C GLN A 153 -17.00 -29.95 -53.45
N ARG A 154 -18.14 -30.38 -52.94
CA ARG A 154 -19.06 -31.13 -53.78
C ARG A 154 -19.62 -30.26 -54.90
N VAL A 155 -19.95 -29.00 -54.62
CA VAL A 155 -20.61 -28.20 -55.67
C VAL A 155 -19.59 -27.63 -56.67
N VAL A 156 -18.35 -27.40 -56.24
CA VAL A 156 -17.39 -26.87 -57.21
C VAL A 156 -16.83 -27.97 -58.10
N GLY A 157 -16.82 -29.21 -57.63
CA GLY A 157 -16.41 -30.30 -58.48
C GLY A 157 -14.90 -30.47 -58.57
N ALA A 158 -14.51 -31.23 -59.60
CA ALA A 158 -13.28 -32.01 -59.60
C ALA A 158 -12.02 -31.16 -59.77
N GLY A 159 -12.03 -30.18 -60.67
CA GLY A 159 -10.83 -29.41 -60.89
C GLY A 159 -10.84 -28.10 -60.12
N ARG A 160 -11.59 -28.06 -59.02
CA ARG A 160 -11.69 -26.87 -58.19
C ARG A 160 -11.62 -27.28 -56.73
N SER A 161 -11.47 -26.30 -55.86
CA SER A 161 -11.33 -26.55 -54.44
C SER A 161 -12.24 -25.61 -53.67
N ALA A 162 -12.75 -26.09 -52.54
CA ALA A 162 -13.54 -25.25 -51.66
C ALA A 162 -12.72 -24.09 -51.13
N HIS A 163 -11.43 -24.33 -50.87
CA HIS A 163 -10.56 -23.36 -50.20
C HIS A 163 -9.15 -23.55 -50.72
N GLY A 164 -8.50 -22.44 -51.05
CA GLY A 164 -7.08 -22.42 -51.40
C GLY A 164 -6.27 -21.78 -50.29
N TRP A 165 -5.26 -22.51 -49.82
CA TRP A 165 -4.29 -21.98 -48.87
C TRP A 165 -3.09 -21.46 -49.66
N ALA A 166 -2.51 -20.36 -49.20
CA ALA A 166 -1.36 -19.81 -49.90
C ALA A 166 -0.20 -20.78 -49.84
N ASN A 167 0.70 -20.66 -50.80
CA ASN A 167 1.92 -21.47 -50.77
C ASN A 167 2.93 -20.80 -49.86
N ALA A 168 4.20 -21.21 -49.94
CA ALA A 168 5.23 -20.67 -49.07
C ALA A 168 5.41 -19.15 -49.21
N ASP A 169 4.92 -18.55 -50.29
CA ASP A 169 5.10 -17.11 -50.43
C ASP A 169 4.34 -16.32 -49.37
N LEU A 170 3.33 -16.91 -48.75
CA LEU A 170 2.49 -16.12 -47.85
C LEU A 170 1.84 -16.95 -46.75
N ILE A 171 2.01 -18.27 -46.70
CA ILE A 171 1.25 -19.09 -45.76
C ILE A 171 1.56 -18.73 -44.31
N SER A 172 2.81 -18.32 -44.02
CA SER A 172 3.12 -17.97 -42.64
C SER A 172 2.27 -16.80 -42.17
N TRP A 173 1.92 -15.90 -43.09
CA TRP A 173 1.11 -14.74 -42.74
C TRP A 173 -0.37 -15.08 -42.65
N THR A 174 -0.90 -15.89 -43.60
CA THR A 174 -2.33 -16.20 -43.57
C THR A 174 -2.67 -17.26 -42.53
N PHE A 175 -1.76 -18.19 -42.25
CA PHE A 175 -2.00 -19.19 -41.21
C PHE A 175 -1.89 -18.60 -39.82
N GLN A 176 -1.35 -17.39 -39.70
CA GLN A 176 -1.10 -16.83 -38.38
C GLN A 176 -2.40 -16.67 -37.60
N GLY A 177 -3.42 -16.11 -38.24
CA GLY A 177 -4.68 -15.84 -37.59
C GLY A 177 -5.39 -17.08 -37.08
N PRO A 178 -5.69 -18.01 -38.00
CA PRO A 178 -6.27 -19.29 -37.56
C PRO A 178 -5.49 -19.94 -36.42
N ASN A 179 -4.16 -19.99 -36.52
CA ASN A 179 -3.35 -20.46 -35.40
C ASN A 179 -3.74 -19.73 -34.11
N TRP A 180 -3.81 -18.39 -34.16
CA TRP A 180 -4.24 -17.64 -33.00
C TRP A 180 -5.65 -18.01 -32.59
N ALA A 181 -6.55 -18.15 -33.56
CA ALA A 181 -7.94 -18.46 -33.24
C ALA A 181 -8.04 -19.77 -32.48
N PHE A 182 -7.11 -20.70 -32.74
CA PHE A 182 -7.04 -21.94 -31.97
C PHE A 182 -6.37 -21.78 -30.62
N GLY A 183 -5.82 -20.61 -30.33
CA GLY A 183 -5.03 -20.42 -29.13
C GLY A 183 -3.58 -20.83 -29.27
N GLY A 184 -3.12 -21.09 -30.50
CA GLY A 184 -1.71 -21.31 -30.75
C GLY A 184 -1.00 -20.02 -31.10
N ALA A 185 0.29 -20.18 -31.40
CA ALA A 185 1.14 -19.11 -31.91
C ALA A 185 2.44 -19.76 -32.33
N TYR A 186 3.16 -19.11 -33.24
CA TYR A 186 4.53 -19.53 -33.50
C TYR A 186 5.41 -19.30 -32.27
N SER A 187 5.23 -18.14 -31.63
CA SER A 187 6.04 -17.76 -30.50
C SER A 187 5.25 -16.75 -29.67
N ASP A 188 5.62 -16.63 -28.41
CA ASP A 188 5.10 -15.62 -27.50
C ASP A 188 6.29 -14.75 -27.10
N LYS A 189 6.35 -13.56 -27.68
CA LYS A 189 7.58 -12.75 -27.65
C LYS A 189 8.67 -13.67 -28.20
N TRP A 190 9.78 -13.85 -27.50
CA TRP A 190 10.91 -14.61 -28.03
C TRP A 190 10.84 -16.11 -27.72
N THR A 191 9.87 -16.55 -26.93
CA THR A 191 9.76 -17.96 -26.57
C THR A 191 8.99 -18.70 -27.66
N LEU A 192 9.58 -19.77 -28.19
CA LEU A 192 8.95 -20.51 -29.28
C LEU A 192 7.85 -21.41 -28.73
N THR A 193 6.75 -21.54 -29.48
CA THR A 193 5.59 -22.28 -29.01
C THR A 193 4.98 -23.11 -30.13
N LEU A 194 5.79 -23.47 -31.13
CA LEU A 194 5.28 -24.25 -32.26
C LEU A 194 4.86 -25.64 -31.85
N THR A 195 5.35 -26.13 -30.71
CA THR A 195 5.04 -27.47 -30.25
C THR A 195 4.05 -27.46 -29.09
N GLU A 196 3.39 -26.33 -28.84
CA GLU A 196 2.32 -26.34 -27.86
C GLU A 196 1.11 -27.06 -28.46
N PRO A 197 0.28 -27.68 -27.62
CA PRO A 197 -0.82 -28.50 -28.17
C PRO A 197 -1.80 -27.71 -29.02
N ALA A 198 -1.99 -26.41 -28.74
CA ALA A 198 -2.93 -25.62 -29.53
C ALA A 198 -2.36 -25.26 -30.88
N THR A 199 -1.06 -25.02 -30.97
CA THR A 199 -0.44 -24.74 -32.27
C THR A 199 -0.52 -25.98 -33.16
N ILE A 200 -0.25 -27.15 -32.59
CA ILE A 200 -0.37 -28.40 -33.32
C ILE A 200 -1.80 -28.63 -33.76
N ALA A 201 -2.77 -28.32 -32.89
CA ALA A 201 -4.17 -28.47 -33.26
C ALA A 201 -4.50 -27.62 -34.48
N ALA A 202 -4.10 -26.35 -34.48
CA ALA A 202 -4.30 -25.52 -35.67
C ALA A 202 -3.56 -26.12 -36.86
N GLY A 203 -2.35 -26.64 -36.66
CA GLY A 203 -1.64 -27.27 -37.75
C GLY A 203 -2.44 -28.41 -38.36
N ASN A 204 -2.95 -29.31 -37.52
CA ASN A 204 -3.68 -30.46 -38.03
C ASN A 204 -4.99 -30.05 -38.71
N PHE A 205 -5.64 -28.98 -38.23
CA PHE A 205 -6.79 -28.48 -38.96
C PHE A 205 -6.40 -28.12 -40.40
N TYR A 206 -5.32 -27.38 -40.56
CA TYR A 206 -4.83 -27.01 -41.89
C TYR A 206 -4.51 -28.26 -42.71
N ARG A 207 -3.75 -29.20 -42.12
CA ARG A 207 -3.39 -30.42 -42.81
C ARG A 207 -4.63 -31.21 -43.22
N ASN A 208 -5.56 -31.40 -42.29
CA ASN A 208 -6.75 -32.21 -42.56
C ASN A 208 -7.59 -31.61 -43.69
N SER A 209 -7.65 -30.28 -43.80
CA SER A 209 -8.46 -29.67 -44.84
C SER A 209 -7.94 -30.04 -46.23
N ILE A 210 -6.66 -30.34 -46.35
CA ILE A 210 -6.06 -30.70 -47.63
C ILE A 210 -6.04 -32.20 -47.84
N HIS A 211 -5.56 -32.95 -46.86
CA HIS A 211 -5.31 -34.38 -47.02
C HIS A 211 -6.34 -35.26 -46.33
N GLY A 212 -7.02 -34.78 -45.30
CA GLY A 212 -8.07 -35.55 -44.66
C GLY A 212 -9.39 -35.42 -45.38
N LYS A 213 -10.07 -34.28 -45.18
CA LYS A 213 -11.36 -34.07 -45.81
C LYS A 213 -11.24 -33.62 -47.26
N GLY A 214 -10.12 -33.01 -47.65
CA GLY A 214 -9.82 -32.81 -49.05
C GLY A 214 -10.57 -31.71 -49.77
N TYR A 215 -11.15 -30.76 -49.05
CA TYR A 215 -11.79 -29.61 -49.68
C TYR A 215 -10.84 -28.43 -49.87
N ALA A 216 -9.59 -28.56 -49.41
CA ALA A 216 -8.64 -27.47 -49.48
C ALA A 216 -7.41 -27.90 -50.26
N ALA A 217 -6.74 -26.93 -50.86
CA ALA A 217 -5.53 -27.20 -51.63
C ALA A 217 -4.55 -26.05 -51.43
N VAL A 218 -3.29 -26.32 -51.72
CA VAL A 218 -2.26 -25.28 -51.71
C VAL A 218 -2.28 -24.59 -53.07
N ALA A 219 -2.47 -23.27 -53.07
CA ALA A 219 -2.61 -22.51 -54.30
C ALA A 219 -1.25 -22.03 -54.83
N ASN A 220 -1.25 -21.60 -56.08
CA ASN A 220 -0.13 -20.85 -56.65
C ASN A 220 -0.35 -19.36 -56.45
N ASP A 221 -0.83 -18.66 -57.47
CA ASP A 221 -1.26 -17.28 -57.31
C ASP A 221 -2.65 -17.33 -56.67
N ILE A 222 -2.70 -17.13 -55.35
CA ILE A 222 -3.96 -17.35 -54.66
C ILE A 222 -5.01 -16.33 -55.07
N ALA A 223 -4.60 -15.08 -55.27
CA ALA A 223 -5.56 -14.06 -55.67
C ALA A 223 -6.19 -14.38 -57.02
N ASN A 224 -5.36 -14.77 -57.99
CA ASN A 224 -5.88 -15.02 -59.32
C ASN A 224 -6.65 -16.34 -59.36
N GLU A 225 -6.16 -17.35 -58.64
CA GLU A 225 -6.91 -18.59 -58.57
C GLU A 225 -8.28 -18.38 -57.94
N PHE A 226 -8.39 -17.46 -56.97
CA PHE A 226 -9.73 -17.14 -56.46
C PHE A 226 -10.54 -16.37 -57.49
N ALA A 227 -9.94 -15.36 -58.12
CA ALA A 227 -10.69 -14.53 -59.06
C ALA A 227 -11.16 -15.32 -60.27
N THR A 228 -10.37 -16.29 -60.73
CA THR A 228 -10.82 -17.06 -61.89
C THR A 228 -11.80 -18.17 -61.53
N GLY A 229 -12.10 -18.37 -60.25
CA GLY A 229 -13.10 -19.34 -59.86
C GLY A 229 -12.57 -20.73 -59.53
N ILE A 230 -11.26 -20.91 -59.55
CA ILE A 230 -10.67 -22.21 -59.21
C ILE A 230 -10.81 -22.51 -57.73
N LEU A 231 -10.75 -21.47 -56.90
CA LEU A 231 -10.90 -21.56 -55.45
C LEU A 231 -12.21 -20.90 -55.06
N ALA A 232 -13.07 -21.64 -54.37
CA ALA A 232 -14.32 -21.05 -53.90
C ALA A 232 -14.09 -20.03 -52.79
N SER A 233 -12.92 -20.07 -52.13
CA SER A 233 -12.62 -19.13 -51.07
C SER A 233 -11.12 -19.21 -50.77
N ALA A 234 -10.63 -18.21 -50.05
CA ALA A 234 -9.21 -18.13 -49.72
C ALA A 234 -8.98 -16.96 -48.76
N VAL A 235 -7.97 -17.10 -47.93
CA VAL A 235 -7.46 -16.00 -47.13
C VAL A 235 -6.33 -15.36 -47.91
N ALA A 236 -6.50 -14.08 -48.28
CA ALA A 236 -5.45 -13.38 -48.98
C ALA A 236 -5.49 -11.94 -48.51
N SER A 237 -4.55 -11.14 -49.01
CA SER A 237 -4.46 -9.77 -48.52
C SER A 237 -5.61 -8.92 -49.08
N THR A 238 -6.08 -7.99 -48.26
CA THR A 238 -6.94 -6.92 -48.76
C THR A 238 -6.23 -6.09 -49.80
N GLY A 239 -4.89 -6.17 -49.84
CA GLY A 239 -4.13 -5.46 -50.87
C GLY A 239 -4.40 -5.97 -52.27
N SER A 240 -4.94 -7.18 -52.41
CA SER A 240 -5.29 -7.73 -53.71
C SER A 240 -6.75 -7.48 -54.06
N LEU A 241 -7.46 -6.67 -53.26
CA LEU A 241 -8.91 -6.55 -53.46
C LEU A 241 -9.26 -5.90 -54.80
N ALA A 242 -8.49 -4.90 -55.23
CA ALA A 242 -8.81 -4.25 -56.51
C ALA A 242 -8.63 -5.22 -57.67
N GLY A 243 -7.50 -5.93 -57.71
CA GLY A 243 -7.26 -6.87 -58.79
C GLY A 243 -8.30 -7.97 -58.83
N ILE A 244 -8.58 -8.58 -57.68
CA ILE A 244 -9.65 -9.57 -57.64
C ILE A 244 -10.96 -8.96 -58.14
N THR A 245 -11.26 -7.74 -57.70
CA THR A 245 -12.47 -7.06 -58.12
C THR A 245 -12.53 -6.85 -59.63
N ALA A 246 -11.38 -6.63 -60.27
CA ALA A 246 -11.42 -6.41 -61.71
C ALA A 246 -11.63 -7.69 -62.50
N SER A 247 -11.09 -8.82 -62.01
CA SER A 247 -11.07 -10.07 -62.76
C SER A 247 -12.26 -10.98 -62.49
N ALA A 248 -12.80 -10.97 -61.28
CA ALA A 248 -13.84 -11.92 -60.91
C ALA A 248 -15.12 -11.65 -61.71
N ARG A 249 -15.59 -12.65 -62.45
CA ARG A 249 -16.87 -12.60 -63.17
C ARG A 249 -18.01 -13.21 -62.36
N PHE A 250 -17.94 -13.15 -61.04
CA PHE A 250 -18.99 -13.58 -60.15
C PHE A 250 -19.06 -12.58 -59.02
N ASP A 251 -20.16 -12.56 -58.29
CA ASP A 251 -20.21 -11.77 -57.07
C ASP A 251 -19.48 -12.52 -55.94
N PHE A 252 -18.79 -11.77 -55.10
CA PHE A 252 -18.00 -12.37 -54.02
C PHE A 252 -18.05 -11.50 -52.79
N GLY A 253 -17.80 -12.13 -51.64
CA GLY A 253 -17.70 -11.41 -50.38
C GLY A 253 -16.28 -11.37 -49.87
N ALA A 254 -16.00 -10.37 -49.03
CA ALA A 254 -14.78 -10.32 -48.23
C ALA A 254 -15.22 -10.20 -46.78
N ALA A 255 -14.73 -11.12 -45.95
CA ALA A 255 -15.12 -11.19 -44.55
C ALA A 255 -13.88 -11.15 -43.66
N PRO A 256 -14.02 -10.69 -42.42
CA PRO A 256 -12.92 -10.77 -41.47
C PRO A 256 -12.66 -12.22 -41.05
N LEU A 257 -11.49 -12.45 -40.50
CA LEU A 257 -11.14 -13.79 -40.10
C LEU A 257 -11.96 -14.19 -38.88
N PRO A 258 -12.17 -15.48 -38.69
CA PRO A 258 -12.81 -15.93 -37.44
C PRO A 258 -11.98 -15.52 -36.24
N THR A 259 -12.63 -14.89 -35.26
CA THR A 259 -11.93 -14.45 -34.06
C THR A 259 -11.58 -15.65 -33.18
N GLY A 260 -10.87 -15.38 -32.09
CA GLY A 260 -10.58 -16.38 -31.09
C GLY A 260 -11.73 -16.52 -30.12
N PRO A 261 -11.49 -17.19 -28.99
CA PRO A 261 -12.54 -17.35 -28.00
C PRO A 261 -12.92 -16.01 -27.39
N ASP A 262 -14.22 -15.77 -27.28
CA ASP A 262 -14.73 -14.51 -26.76
C ASP A 262 -14.14 -13.33 -27.52
N ALA A 263 -14.14 -13.46 -28.85
CA ALA A 263 -13.76 -12.39 -29.78
C ALA A 263 -12.31 -11.94 -29.61
N ALA A 264 -11.46 -12.77 -29.04
CA ALA A 264 -10.05 -12.42 -28.92
C ALA A 264 -9.45 -12.22 -30.31
N PRO A 265 -8.63 -11.19 -30.51
CA PRO A 265 -8.09 -10.91 -31.85
C PRO A 265 -7.42 -12.14 -32.45
N ALA A 266 -7.74 -12.42 -33.71
CA ALA A 266 -7.16 -13.57 -34.41
C ALA A 266 -6.84 -13.21 -35.85
N CYS A 267 -6.30 -12.01 -36.05
CA CYS A 267 -6.02 -11.48 -37.36
C CYS A 267 -4.78 -10.61 -37.27
N PRO A 268 -3.80 -10.80 -38.14
CA PRO A 268 -2.63 -9.90 -38.18
C PRO A 268 -2.90 -8.69 -39.06
N THR A 269 -2.02 -7.70 -38.91
CA THR A 269 -1.83 -6.72 -39.97
C THR A 269 -0.65 -7.15 -40.84
N GLY A 270 -0.46 -6.48 -41.96
CA GLY A 270 0.68 -6.77 -42.80
C GLY A 270 0.97 -5.63 -43.74
N GLY A 271 1.74 -5.94 -44.78
CA GLY A 271 2.13 -4.95 -45.76
C GLY A 271 3.50 -4.32 -45.50
N ALA A 272 3.69 -3.10 -45.98
CA ALA A 272 5.01 -2.51 -46.02
C ALA A 272 4.96 -1.02 -45.74
N GLY A 273 6.12 -0.48 -45.35
CA GLY A 273 6.29 0.94 -45.12
C GLY A 273 7.45 1.47 -45.94
N LEU A 274 7.59 2.78 -45.94
CA LEU A 274 8.67 3.48 -46.61
C LEU A 274 9.77 3.84 -45.63
N ALA A 275 11.02 3.65 -46.07
CA ALA A 275 12.19 3.94 -45.25
C ALA A 275 13.26 4.60 -46.10
N ILE A 276 14.22 5.22 -45.41
CA ILE A 276 15.27 6.05 -46.00
C ILE A 276 16.63 5.44 -45.66
N PRO A 277 17.43 5.03 -46.63
CA PRO A 277 18.75 4.48 -46.31
C PRO A 277 19.60 5.45 -45.50
N ALA A 278 20.27 4.91 -44.49
CA ALA A 278 21.05 5.74 -43.58
C ALA A 278 22.25 6.38 -44.28
N LYS A 279 22.75 5.77 -45.36
CA LYS A 279 23.96 6.29 -46.00
C LYS A 279 23.68 7.41 -47.00
N LEU A 280 22.45 7.89 -47.09
CA LEU A 280 22.21 9.13 -47.83
C LEU A 280 22.77 10.32 -47.05
N SER A 281 22.99 11.41 -47.78
CA SER A 281 23.34 12.67 -47.13
C SER A 281 22.15 13.22 -46.35
N GLU A 282 22.43 14.24 -45.53
CA GLU A 282 21.38 14.82 -44.70
C GLU A 282 20.36 15.59 -45.54
N GLU A 283 20.78 16.23 -46.63
CA GLU A 283 19.83 16.90 -47.51
C GLU A 283 18.88 15.89 -48.13
N ARG A 284 19.42 14.84 -48.75
CA ARG A 284 18.56 13.84 -49.38
C ARG A 284 17.66 13.14 -48.37
N LYS A 285 18.12 12.99 -47.13
CA LYS A 285 17.25 12.43 -46.11
C LYS A 285 16.07 13.35 -45.84
N VAL A 286 16.26 14.66 -45.98
CA VAL A 286 15.17 15.62 -45.82
C VAL A 286 14.14 15.45 -46.95
N ASN A 287 14.61 15.56 -48.20
CA ASN A 287 13.70 15.45 -49.34
C ASN A 287 12.99 14.10 -49.32
N ALA A 288 13.71 13.03 -48.97
CA ALA A 288 13.09 11.71 -48.94
C ALA A 288 11.95 11.66 -47.94
N LEU A 289 12.15 12.21 -46.74
CA LEU A 289 11.05 12.27 -45.78
C LEU A 289 9.95 13.21 -46.25
N LYS A 290 10.32 14.33 -46.90
CA LYS A 290 9.31 15.15 -47.55
C LYS A 290 8.41 14.29 -48.43
N PHE A 291 9.02 13.46 -49.28
CA PHE A 291 8.23 12.65 -50.21
C PHE A 291 7.39 11.64 -49.46
N ILE A 292 8.02 10.84 -48.59
CA ILE A 292 7.28 9.81 -47.86
C ILE A 292 6.07 10.41 -47.15
N ALA A 293 6.26 11.57 -46.50
CA ALA A 293 5.18 12.16 -45.74
C ALA A 293 4.05 12.66 -46.65
N PHE A 294 4.39 13.05 -47.87
CA PHE A 294 3.38 13.59 -48.78
C PHE A 294 2.47 12.48 -49.32
N VAL A 295 3.05 11.47 -49.96
CA VAL A 295 2.24 10.41 -50.53
C VAL A 295 1.54 9.57 -49.47
N THR A 296 1.87 9.76 -48.19
CA THR A 296 1.11 9.15 -47.11
C THR A 296 0.32 10.17 -46.30
N ASN A 297 -0.02 11.32 -46.87
CA ASN A 297 -0.87 12.26 -46.17
C ASN A 297 -2.33 11.84 -46.33
N PRO A 298 -3.25 12.51 -45.63
CA PRO A 298 -4.65 12.04 -45.62
C PRO A 298 -5.24 11.77 -47.00
N THR A 299 -5.20 12.77 -47.90
CA THR A 299 -5.79 12.61 -49.22
C THR A 299 -5.12 11.48 -50.00
N ASN A 300 -3.80 11.39 -49.88
CA ASN A 300 -3.04 10.51 -50.75
C ASN A 300 -3.07 9.06 -50.26
N THR A 301 -3.00 8.83 -48.95
CA THR A 301 -3.20 7.46 -48.49
C THR A 301 -4.61 7.01 -48.79
N ALA A 302 -5.58 7.93 -48.76
CA ALA A 302 -6.94 7.60 -49.18
C ALA A 302 -6.96 7.17 -50.63
N TYR A 303 -6.24 7.90 -51.49
CA TYR A 303 -6.22 7.57 -52.91
C TYR A 303 -5.58 6.21 -53.15
N PHE A 304 -4.37 6.00 -52.62
CA PHE A 304 -3.69 4.72 -52.80
C PHE A 304 -4.57 3.57 -52.34
N SER A 305 -5.26 3.77 -51.22
CA SER A 305 -6.16 2.75 -50.68
C SER A 305 -7.30 2.45 -51.66
N GLN A 306 -7.81 3.49 -52.34
CA GLN A 306 -8.92 3.30 -53.29
C GLN A 306 -8.48 2.50 -54.51
N GLN A 307 -7.22 2.62 -54.91
CA GLN A 307 -6.74 1.96 -56.10
C GLN A 307 -6.36 0.51 -55.86
N THR A 308 -6.14 0.09 -54.61
CA THR A 308 -5.56 -1.22 -54.33
C THR A 308 -6.46 -2.11 -53.48
N GLY A 309 -7.03 -1.58 -52.40
CA GLY A 309 -7.62 -2.36 -51.35
C GLY A 309 -6.83 -2.30 -50.06
N TYR A 310 -5.69 -1.63 -50.07
CA TYR A 310 -4.91 -1.41 -48.87
C TYR A 310 -5.62 -0.42 -47.93
N LEU A 311 -5.10 -0.32 -46.70
CA LEU A 311 -5.69 0.55 -45.69
C LEU A 311 -5.16 1.98 -45.85
N PRO A 312 -6.02 2.98 -45.70
CA PRO A 312 -5.51 4.35 -45.52
C PRO A 312 -4.79 4.45 -44.18
N VAL A 313 -3.59 5.03 -44.20
CA VAL A 313 -2.74 5.00 -43.02
C VAL A 313 -2.93 6.19 -42.09
N ARG A 314 -3.70 7.19 -42.49
CA ARG A 314 -3.99 8.37 -41.68
C ARG A 314 -5.38 8.29 -41.07
N LYS A 315 -5.48 8.66 -39.78
CA LYS A 315 -6.79 8.67 -39.12
C LYS A 315 -7.78 9.56 -39.86
N SER A 316 -7.33 10.73 -40.33
CA SER A 316 -8.24 11.68 -40.95
C SER A 316 -8.48 11.42 -42.43
N ALA A 317 -7.91 10.35 -42.99
CA ALA A 317 -8.21 10.01 -44.38
C ALA A 317 -9.72 9.85 -44.61
N VAL A 318 -10.47 9.44 -43.58
CA VAL A 318 -11.91 9.28 -43.72
C VAL A 318 -12.60 10.63 -43.63
N ASP A 319 -11.83 11.70 -43.42
CA ASP A 319 -12.40 13.03 -43.58
C ASP A 319 -12.41 13.48 -45.03
N ASP A 320 -11.74 12.74 -45.91
CA ASP A 320 -11.62 13.08 -47.31
C ASP A 320 -12.90 12.75 -48.06
N ALA A 321 -13.39 13.69 -48.87
CA ALA A 321 -14.68 13.52 -49.52
C ALA A 321 -14.74 12.26 -50.39
N SER A 322 -13.69 12.03 -51.19
CA SER A 322 -13.70 10.88 -52.08
C SER A 322 -13.67 9.58 -51.30
N GLU A 323 -12.96 9.57 -50.16
CA GLU A 323 -12.88 8.37 -49.36
C GLU A 323 -14.22 8.03 -48.70
N ARG A 324 -15.02 9.04 -48.37
CA ARG A 324 -16.33 8.76 -47.79
C ARG A 324 -17.28 8.16 -48.82
N HIS A 325 -17.27 8.71 -50.04
CA HIS A 325 -18.10 8.12 -51.09
C HIS A 325 -17.59 6.74 -51.46
N TYR A 326 -16.27 6.58 -51.56
CA TYR A 326 -15.69 5.28 -51.91
C TYR A 326 -16.10 4.20 -50.92
N LEU A 327 -15.87 4.43 -49.63
CA LEU A 327 -16.35 3.48 -48.62
C LEU A 327 -17.86 3.31 -48.69
N ALA A 328 -18.59 4.34 -49.10
CA ALA A 328 -20.04 4.22 -49.22
C ALA A 328 -20.43 3.26 -50.33
N ASP A 329 -19.70 3.28 -51.45
CA ASP A 329 -20.05 2.49 -52.63
C ASP A 329 -19.29 1.18 -52.73
N ASN A 330 -18.48 0.83 -51.74
CA ASN A 330 -17.59 -0.34 -51.81
C ASN A 330 -17.49 -1.03 -50.46
N PRO A 331 -18.53 -1.79 -50.07
CA PRO A 331 -18.53 -2.39 -48.72
C PRO A 331 -17.34 -3.31 -48.44
N ARG A 332 -16.89 -4.08 -49.44
CA ARG A 332 -15.74 -4.95 -49.24
C ARG A 332 -14.50 -4.16 -48.83
N ALA A 333 -14.44 -2.88 -49.20
CA ALA A 333 -13.32 -2.03 -48.79
C ALA A 333 -13.42 -1.61 -47.32
N ARG A 334 -14.58 -1.78 -46.68
CA ARG A 334 -14.72 -1.48 -45.26
C ARG A 334 -14.12 -2.56 -44.39
N VAL A 335 -14.03 -3.79 -44.90
CA VAL A 335 -13.82 -4.94 -44.03
C VAL A 335 -12.46 -4.85 -43.33
N ALA A 336 -11.40 -4.52 -44.07
CA ALA A 336 -10.10 -4.41 -43.43
C ALA A 336 -10.05 -3.25 -42.45
N LEU A 337 -10.73 -2.14 -42.77
CA LEU A 337 -10.81 -1.01 -41.85
C LEU A 337 -11.49 -1.41 -40.55
N ASP A 338 -12.70 -1.99 -40.64
CA ASP A 338 -13.41 -2.46 -39.46
C ASP A 338 -12.62 -3.49 -38.69
N GLN A 339 -11.83 -4.32 -39.39
CA GLN A 339 -11.04 -5.34 -38.72
C GLN A 339 -9.81 -4.76 -38.02
N LEU A 340 -9.29 -3.62 -38.49
CA LEU A 340 -8.00 -3.12 -38.01
C LEU A 340 -7.89 -3.07 -36.49
N PRO A 341 -8.88 -2.62 -35.72
CA PRO A 341 -8.76 -2.62 -34.26
C PRO A 341 -9.00 -3.98 -33.61
N HIS A 342 -9.25 -5.03 -34.39
CA HIS A 342 -9.39 -6.39 -33.86
C HIS A 342 -8.21 -7.26 -34.26
N THR A 343 -7.06 -6.65 -34.49
CA THR A 343 -5.86 -7.37 -34.90
C THR A 343 -4.97 -7.64 -33.70
N ARG A 344 -3.95 -8.45 -33.94
CA ARG A 344 -2.98 -8.83 -32.92
C ARG A 344 -1.61 -8.71 -33.54
N THR A 345 -0.66 -8.16 -32.79
CA THR A 345 0.68 -7.95 -33.31
C THR A 345 1.30 -9.28 -33.74
N GLN A 346 2.18 -9.22 -34.73
CA GLN A 346 2.66 -10.45 -35.34
C GLN A 346 3.64 -11.19 -34.43
N ASP A 347 3.62 -12.52 -34.51
CA ASP A 347 4.55 -13.33 -33.73
C ASP A 347 5.99 -13.01 -34.11
N TYR A 348 6.85 -12.93 -33.09
CA TYR A 348 8.25 -12.59 -33.31
C TYR A 348 8.95 -13.61 -34.18
N ALA A 349 8.55 -14.88 -34.08
CA ALA A 349 9.23 -15.91 -34.85
C ALA A 349 9.11 -15.65 -36.35
N ARG A 350 7.98 -15.08 -36.77
CA ARG A 350 7.80 -14.81 -38.19
C ARG A 350 8.49 -13.51 -38.62
N VAL A 351 8.29 -12.43 -37.85
CA VAL A 351 8.71 -11.12 -38.36
C VAL A 351 10.10 -10.67 -37.91
N PHE A 352 10.63 -11.18 -36.79
CA PHE A 352 11.88 -10.66 -36.24
C PHE A 352 13.02 -11.68 -36.18
N LEU A 353 12.74 -12.96 -35.96
CA LEU A 353 13.80 -13.96 -35.85
C LEU A 353 14.48 -14.12 -37.20
N PRO A 354 15.78 -13.80 -37.33
CA PRO A 354 16.42 -13.85 -38.65
C PRO A 354 16.34 -15.26 -39.25
N GLY A 355 15.76 -15.33 -40.45
CA GLY A 355 15.50 -16.60 -41.09
C GLY A 355 14.29 -17.35 -40.57
N GLY A 356 13.59 -16.81 -39.57
CA GLY A 356 12.47 -17.54 -38.99
C GLY A 356 11.34 -17.75 -39.98
N ASP A 357 11.01 -16.74 -40.76
CA ASP A 357 9.85 -16.87 -41.65
C ASP A 357 10.11 -17.88 -42.76
N ARG A 358 11.32 -17.88 -43.32
CA ARG A 358 11.65 -18.89 -44.32
C ARG A 358 11.50 -20.30 -43.76
N ILE A 359 11.92 -20.52 -42.52
CA ILE A 359 11.80 -21.85 -41.93
C ILE A 359 10.33 -22.19 -41.66
N ILE A 360 9.60 -21.26 -41.03
CA ILE A 360 8.19 -21.51 -40.71
C ILE A 360 7.39 -21.77 -41.99
N SER A 361 7.63 -20.96 -43.03
CA SER A 361 6.85 -21.05 -44.25
C SER A 361 7.09 -22.36 -44.96
N ALA A 362 8.34 -22.84 -44.95
CA ALA A 362 8.65 -24.13 -45.56
C ALA A 362 7.98 -25.26 -44.82
N GLY A 363 8.03 -25.25 -43.48
CA GLY A 363 7.30 -26.25 -42.72
C GLY A 363 5.83 -26.29 -43.09
N LEU A 364 5.19 -25.11 -43.20
CA LEU A 364 3.77 -25.08 -43.48
C LEU A 364 3.47 -25.60 -44.89
N GLU A 365 4.29 -25.22 -45.87
CA GLU A 365 4.07 -25.69 -47.24
C GLU A 365 4.31 -27.18 -47.33
N SER A 366 5.39 -27.66 -46.72
CA SER A 366 5.67 -29.09 -46.69
C SER A 366 4.48 -29.85 -46.10
N ILE A 367 3.90 -29.35 -45.00
CA ILE A 367 2.68 -29.94 -44.47
C ILE A 367 1.58 -29.93 -45.53
N GLY A 368 1.42 -28.77 -46.18
CA GLY A 368 0.36 -28.66 -47.17
C GLY A 368 0.60 -29.51 -48.40
N LEU A 369 1.83 -29.48 -48.92
CA LEU A 369 2.08 -30.14 -50.21
C LEU A 369 2.11 -31.66 -50.07
N ARG A 370 2.94 -32.19 -49.17
CA ARG A 370 3.11 -33.62 -49.06
C ARG A 370 2.44 -34.21 -47.82
N GLY A 371 1.67 -33.43 -47.09
CA GLY A 371 1.05 -33.95 -45.87
C GLY A 371 2.05 -34.42 -44.84
N ALA A 372 3.17 -33.71 -44.71
CA ALA A 372 4.14 -34.03 -43.66
C ALA A 372 3.46 -34.04 -42.30
N ASP A 373 3.91 -34.94 -41.43
CA ASP A 373 3.38 -34.97 -40.06
C ASP A 373 3.53 -33.60 -39.41
N VAL A 374 2.47 -33.15 -38.74
CA VAL A 374 2.51 -31.80 -38.16
C VAL A 374 3.37 -31.76 -36.91
N THR A 375 3.12 -32.65 -35.95
CA THR A 375 3.93 -32.64 -34.73
C THR A 375 5.41 -32.77 -35.08
N LYS A 376 5.74 -33.71 -35.95
CA LYS A 376 7.12 -33.88 -36.38
C LYS A 376 7.64 -32.62 -37.07
N THR A 377 6.86 -32.07 -38.01
CA THR A 377 7.31 -30.89 -38.74
C THR A 377 7.50 -29.70 -37.81
N PHE A 378 6.60 -29.51 -36.84
CA PHE A 378 6.72 -28.36 -35.95
C PHE A 378 7.87 -28.53 -34.96
N THR A 379 8.08 -29.75 -34.47
CA THR A 379 9.21 -30.00 -33.57
C THR A 379 10.53 -29.68 -34.26
N ASN A 380 10.71 -30.16 -35.49
CA ASN A 380 11.97 -29.92 -36.19
C ASN A 380 12.20 -28.45 -36.45
N ILE A 381 11.16 -27.72 -36.85
CA ILE A 381 11.29 -26.30 -37.11
C ILE A 381 11.63 -25.54 -35.83
N GLN A 382 10.97 -25.89 -34.72
CA GLN A 382 11.21 -25.19 -33.48
C GLN A 382 12.62 -25.44 -32.95
N LYS A 383 13.17 -26.61 -33.22
CA LYS A 383 14.54 -26.89 -32.80
C LYS A 383 15.54 -26.12 -33.66
N ARG A 384 15.28 -26.03 -34.97
CA ARG A 384 16.15 -25.25 -35.84
C ARG A 384 16.02 -23.76 -35.55
N LEU A 385 14.83 -23.30 -35.18
CA LEU A 385 14.69 -21.91 -34.80
C LEU A 385 15.38 -21.66 -33.46
N GLN A 386 15.17 -22.54 -32.48
CA GLN A 386 15.80 -22.38 -31.18
C GLN A 386 17.31 -22.30 -31.30
N VAL A 387 17.88 -23.04 -32.25
CA VAL A 387 19.30 -22.90 -32.57
C VAL A 387 19.62 -21.46 -32.96
N ILE A 388 18.81 -20.88 -33.85
CA ILE A 388 19.02 -19.49 -34.24
C ILE A 388 19.00 -18.59 -33.02
N LEU A 389 17.93 -18.69 -32.23
CA LEU A 389 17.77 -17.88 -31.02
C LEU A 389 19.01 -17.95 -30.14
N ASP A 390 19.42 -19.17 -29.80
CA ASP A 390 20.56 -19.33 -28.91
C ASP A 390 21.83 -18.73 -29.52
N ARG A 391 21.96 -18.78 -30.84
CA ARG A 391 23.14 -18.25 -31.51
C ARG A 391 23.12 -16.73 -31.50
N GLN A 392 22.01 -16.11 -31.94
CA GLN A 392 21.95 -14.66 -31.96
C GLN A 392 22.06 -14.08 -30.55
N ILE A 393 21.45 -14.74 -29.56
CA ILE A 393 21.55 -14.26 -28.18
C ILE A 393 23.00 -14.19 -27.74
N MET A 394 23.75 -15.26 -27.97
CA MET A 394 25.16 -15.29 -27.61
C MET A 394 25.95 -14.16 -28.27
N GLY B 1 25.96 30.28 -14.74
CA GLY B 1 26.98 31.02 -14.02
C GLY B 1 28.38 30.45 -14.21
N SER B 2 29.21 30.59 -13.19
CA SER B 2 30.59 30.10 -13.25
C SER B 2 31.01 29.62 -11.86
N GLY B 3 32.29 29.29 -11.74
CA GLY B 3 32.84 28.79 -10.50
C GLY B 3 32.46 27.33 -10.27
N PRO B 4 32.12 27.00 -9.03
CA PRO B 4 31.65 25.64 -8.74
C PRO B 4 30.27 25.40 -9.35
N ILE B 5 29.90 24.13 -9.35
CA ILE B 5 28.55 23.71 -9.74
C ILE B 5 27.60 24.15 -8.62
N ASP B 6 26.69 25.07 -8.93
CA ASP B 6 25.73 25.59 -7.95
C ASP B 6 24.51 24.68 -7.92
N PHE B 7 24.30 23.99 -6.78
CA PHE B 7 23.16 23.10 -6.57
C PHE B 7 22.16 23.79 -5.65
N TRP B 8 21.04 24.26 -6.21
CA TRP B 8 19.97 24.86 -5.42
C TRP B 8 19.02 23.78 -4.93
N SER B 9 18.87 23.68 -3.61
CA SER B 9 18.01 22.69 -2.97
C SER B 9 17.21 23.36 -1.86
N SER B 10 16.09 22.73 -1.48
CA SER B 10 15.39 23.09 -0.25
C SER B 10 15.64 22.08 0.87
N HIS B 11 16.48 21.08 0.63
CA HIS B 11 16.80 20.08 1.64
C HIS B 11 15.53 19.33 2.05
N PRO B 12 14.69 18.91 1.09
CA PRO B 12 13.43 18.25 1.47
C PRO B 12 13.70 17.03 2.35
N GLY B 13 12.84 16.84 3.35
CA GLY B 13 13.06 15.77 4.30
C GLY B 13 14.22 16.01 5.24
N GLN B 14 14.64 17.27 5.45
CA GLN B 14 15.74 17.60 6.34
C GLN B 14 17.03 16.92 5.90
N SER B 15 17.34 17.04 4.59
CA SER B 15 18.37 16.22 3.97
C SER B 15 19.70 16.94 3.74
N SER B 16 19.94 18.08 4.39
CA SER B 16 21.16 18.83 4.06
C SER B 16 22.43 18.00 4.32
N ALA B 17 22.46 17.25 5.43
CA ALA B 17 23.63 16.41 5.69
C ALA B 17 23.77 15.31 4.65
N ALA B 18 22.65 14.68 4.27
CA ALA B 18 22.72 13.69 3.20
C ALA B 18 23.26 14.31 1.91
N GLU B 19 22.94 15.57 1.65
CA GLU B 19 23.38 16.22 0.42
C GLU B 19 24.87 16.63 0.49
N ARG B 20 25.33 17.11 1.65
CA ARG B 20 26.77 17.33 1.79
C ARG B 20 27.54 16.03 1.60
N GLU B 21 27.00 14.92 2.12
CA GLU B 21 27.62 13.61 1.96
C GLU B 21 27.61 13.16 0.49
N LEU B 22 26.49 13.36 -0.22
CA LEU B 22 26.44 12.99 -1.64
C LEU B 22 27.43 13.81 -2.46
N ILE B 23 27.64 15.07 -2.09
CA ILE B 23 28.61 15.90 -2.80
C ILE B 23 30.05 15.48 -2.45
N GLY B 24 30.28 15.03 -1.22
CA GLY B 24 31.60 14.50 -0.90
C GLY B 24 31.95 13.27 -1.72
N ARG B 25 30.96 12.40 -1.94
CA ARG B 25 31.17 11.26 -2.81
C ARG B 25 31.42 11.70 -4.25
N PHE B 26 30.65 12.69 -4.74
CA PHE B 26 30.83 13.15 -6.11
C PHE B 26 32.21 13.77 -6.32
N GLN B 27 32.69 14.56 -5.36
CA GLN B 27 33.99 15.19 -5.54
C GLN B 27 35.12 14.18 -5.44
N ASP B 28 34.91 13.10 -4.69
CA ASP B 28 35.90 12.02 -4.65
C ASP B 28 35.99 11.30 -6.00
N ARG B 29 34.85 11.06 -6.65
CA ARG B 29 34.90 10.39 -7.94
C ARG B 29 35.36 11.32 -9.06
N PHE B 30 34.98 12.59 -9.01
CA PHE B 30 35.39 13.57 -10.01
C PHE B 30 36.30 14.61 -9.38
N PRO B 31 37.59 14.32 -9.21
CA PRO B 31 38.45 15.24 -8.45
C PRO B 31 38.56 16.62 -9.08
N THR B 32 38.18 16.75 -10.35
CA THR B 32 38.34 17.97 -11.13
C THR B 32 37.22 18.98 -10.90
N LEU B 33 36.12 18.58 -10.28
CA LEU B 33 34.92 19.38 -10.14
C LEU B 33 34.61 19.62 -8.67
N SER B 34 33.87 20.70 -8.41
CA SER B 34 33.44 21.06 -7.07
C SER B 34 31.98 21.46 -7.11
N VAL B 35 31.30 21.28 -5.99
CA VAL B 35 29.88 21.59 -5.89
C VAL B 35 29.65 22.45 -4.65
N LYS B 36 28.87 23.51 -4.82
CA LYS B 36 28.45 24.39 -3.74
C LYS B 36 26.98 24.08 -3.46
N LEU B 37 26.69 23.57 -2.27
CA LEU B 37 25.31 23.32 -1.85
C LEU B 37 24.70 24.63 -1.35
N ILE B 38 23.58 25.03 -1.96
CA ILE B 38 22.93 26.31 -1.65
C ILE B 38 21.55 26.02 -1.07
N ASP B 39 21.29 26.58 0.11
CA ASP B 39 19.94 26.63 0.67
C ASP B 39 19.09 27.65 -0.07
N ALA B 40 18.36 27.22 -1.10
CA ALA B 40 17.64 28.13 -1.98
C ALA B 40 16.22 28.43 -1.52
N GLY B 41 15.80 27.96 -0.36
CA GLY B 41 14.48 28.29 0.15
C GLY B 41 13.96 27.17 1.05
N LYS B 42 13.00 27.54 1.91
CA LYS B 42 12.50 26.63 2.92
C LYS B 42 11.66 25.51 2.33
N ASP B 43 11.14 25.67 1.13
CA ASP B 43 10.27 24.68 0.51
C ASP B 43 10.38 24.87 -0.99
N TYR B 44 9.61 24.07 -1.72
CA TYR B 44 9.72 24.07 -3.19
C TYR B 44 9.32 25.44 -3.76
N ASP B 45 8.25 26.04 -3.24
CA ASP B 45 7.81 27.35 -3.73
C ASP B 45 8.92 28.40 -3.65
N GLU B 46 9.60 28.49 -2.51
CA GLU B 46 10.65 29.49 -2.37
C GLU B 46 11.81 29.24 -3.32
N VAL B 47 12.15 27.98 -3.60
CA VAL B 47 13.18 27.70 -4.58
C VAL B 47 12.72 28.15 -5.95
N ALA B 48 11.44 27.98 -6.25
CA ALA B 48 10.91 28.42 -7.53
C ALA B 48 10.98 29.93 -7.67
N GLN B 49 10.50 30.67 -6.67
CA GLN B 49 10.55 32.13 -6.75
C GLN B 49 11.98 32.62 -6.92
N LYS B 50 12.95 31.98 -6.25
CA LYS B 50 14.33 32.43 -6.39
C LYS B 50 14.88 32.10 -7.77
N PHE B 51 14.57 30.91 -8.29
CA PHE B 51 14.96 30.59 -9.66
C PHE B 51 14.31 31.56 -10.64
N ASN B 52 13.07 31.97 -10.37
CA ASN B 52 12.40 32.94 -11.25
C ASN B 52 13.20 34.24 -11.32
N ALA B 53 13.59 34.78 -10.16
CA ALA B 53 14.31 36.04 -10.18
C ALA B 53 15.73 35.88 -10.72
N ALA B 54 16.35 34.72 -10.52
CA ALA B 54 17.69 34.49 -11.07
C ALA B 54 17.70 34.50 -12.59
N LEU B 55 16.57 34.19 -13.23
CA LEU B 55 16.52 34.16 -14.70
C LEU B 55 16.64 35.56 -15.28
N ILE B 56 15.96 36.53 -14.68
CA ILE B 56 16.02 37.90 -15.18
C ILE B 56 17.46 38.42 -15.10
N GLY B 57 18.11 38.22 -13.96
CA GLY B 57 19.46 38.71 -13.77
C GLY B 57 20.53 37.80 -14.32
N THR B 58 21.52 37.49 -13.49
CA THR B 58 22.66 36.65 -13.86
C THR B 58 22.86 35.58 -12.80
N ASP B 59 23.86 34.74 -13.01
CA ASP B 59 24.18 33.66 -12.09
C ASP B 59 22.95 32.81 -11.79
N VAL B 60 22.57 31.98 -12.74
CA VAL B 60 21.54 30.97 -12.50
C VAL B 60 22.22 29.75 -11.89
N PRO B 61 21.53 28.93 -11.11
CA PRO B 61 22.16 27.72 -10.59
C PRO B 61 22.51 26.78 -11.73
N ASP B 62 23.45 25.87 -11.48
CA ASP B 62 23.71 24.80 -12.44
C ASP B 62 22.68 23.68 -12.32
N VAL B 63 22.19 23.45 -11.10
CA VAL B 63 21.22 22.41 -10.79
C VAL B 63 20.20 23.01 -9.82
N VAL B 64 18.91 22.81 -10.09
CA VAL B 64 17.86 23.37 -9.24
C VAL B 64 16.77 22.32 -9.03
N LEU B 65 16.32 22.21 -7.77
CA LEU B 65 15.26 21.29 -7.37
C LEU B 65 13.90 21.90 -7.71
N LEU B 66 13.15 21.23 -8.57
CA LEU B 66 11.84 21.72 -9.00
C LEU B 66 10.81 20.63 -8.74
N ASP B 67 9.67 21.01 -8.16
CA ASP B 67 8.72 20.02 -7.67
C ASP B 67 7.74 19.65 -8.79
N ASP B 68 6.64 18.98 -8.41
CA ASP B 68 5.69 18.43 -9.36
C ASP B 68 4.86 19.48 -10.06
N ARG B 69 4.78 20.70 -9.51
CA ARG B 69 4.19 21.83 -10.24
C ARG B 69 5.23 22.60 -11.03
N TRP B 70 6.38 22.89 -10.43
CA TRP B 70 7.26 23.92 -10.98
C TRP B 70 8.12 23.43 -12.13
N TRP B 71 8.51 22.15 -12.14
CA TRP B 71 9.21 21.63 -13.32
C TRP B 71 8.42 21.94 -14.57
N PHE B 72 7.11 21.69 -14.53
CA PHE B 72 6.27 21.90 -15.71
C PHE B 72 6.19 23.37 -16.09
N HIS B 73 6.15 24.25 -15.09
CA HIS B 73 6.07 25.68 -15.37
C HIS B 73 7.32 26.18 -16.08
N PHE B 74 8.49 25.82 -15.58
CA PHE B 74 9.73 26.31 -16.18
C PHE B 74 10.08 25.59 -17.48
N ALA B 75 9.77 24.30 -17.58
CA ALA B 75 10.00 23.60 -18.84
C ALA B 75 9.20 24.24 -19.98
N LEU B 76 7.92 24.50 -19.74
CA LEU B 76 7.10 25.17 -20.73
C LEU B 76 7.52 26.61 -20.97
N SER B 77 8.27 27.21 -20.05
CA SER B 77 8.80 28.55 -20.29
C SER B 77 10.00 28.53 -21.22
N GLY B 78 10.50 27.35 -21.56
CA GLY B 78 11.70 27.26 -22.38
C GLY B 78 12.99 27.58 -21.66
N VAL B 79 13.01 27.51 -20.33
CA VAL B 79 14.19 27.88 -19.57
C VAL B 79 14.95 26.67 -19.03
N LEU B 80 14.46 25.46 -19.28
CA LEU B 80 15.11 24.23 -18.83
C LEU B 80 15.70 23.48 -20.01
N THR B 81 16.80 22.78 -19.76
CA THR B 81 17.45 21.99 -20.80
C THR B 81 16.69 20.70 -21.01
N ALA B 82 16.41 20.36 -22.28
CA ALA B 82 16.01 19.00 -22.62
C ALA B 82 17.22 18.09 -22.49
N LEU B 83 17.13 17.08 -21.64
CA LEU B 83 18.30 16.30 -21.25
C LEU B 83 18.56 15.08 -22.13
N ASP B 84 17.69 14.80 -23.10
CA ASP B 84 17.70 13.51 -23.79
C ASP B 84 18.96 13.28 -24.60
N ASP B 85 19.54 14.34 -25.18
CA ASP B 85 20.82 14.15 -25.85
C ASP B 85 21.96 14.02 -24.85
N LEU B 86 21.91 14.79 -23.76
CA LEU B 86 22.94 14.71 -22.74
C LEU B 86 22.97 13.33 -22.09
N PHE B 87 21.81 12.75 -21.80
CA PHE B 87 21.74 11.38 -21.31
C PHE B 87 22.70 10.48 -22.07
N GLY B 88 22.51 10.40 -23.39
CA GLY B 88 23.40 9.60 -24.21
C GLY B 88 24.85 10.05 -24.17
N GLN B 89 25.09 11.32 -23.88
CA GLN B 89 26.43 11.91 -23.91
C GLN B 89 27.20 11.67 -22.62
N VAL B 90 26.53 11.76 -21.47
CA VAL B 90 27.16 11.43 -20.19
C VAL B 90 27.05 9.94 -19.90
N GLY B 91 26.29 9.18 -20.70
CA GLY B 91 26.11 7.76 -20.44
C GLY B 91 25.27 7.43 -19.23
N VAL B 92 24.16 8.14 -19.03
CA VAL B 92 23.25 7.79 -17.95
C VAL B 92 22.50 6.51 -18.32
N ASP B 93 22.17 5.71 -17.30
CA ASP B 93 21.45 4.46 -17.51
C ASP B 93 19.95 4.71 -17.37
N THR B 94 19.40 5.44 -18.34
CA THR B 94 18.04 5.94 -18.24
C THR B 94 17.03 4.81 -18.14
N THR B 95 17.35 3.63 -18.66
CA THR B 95 16.43 2.50 -18.52
C THR B 95 16.29 2.07 -17.06
N ASP B 96 17.29 2.36 -16.23
CA ASP B 96 17.33 1.95 -14.83
C ASP B 96 16.53 2.88 -13.91
N TYR B 97 16.04 4.01 -14.41
CA TYR B 97 15.16 4.86 -13.62
C TYR B 97 13.76 4.28 -13.59
N VAL B 98 13.11 4.33 -12.43
CA VAL B 98 11.74 3.86 -12.32
C VAL B 98 10.93 4.58 -13.39
N ASP B 99 10.33 3.82 -14.31
CA ASP B 99 9.73 4.40 -15.51
C ASP B 99 8.75 5.51 -15.19
N SER B 100 7.86 5.29 -14.23
CA SER B 100 6.82 6.28 -13.97
C SER B 100 7.40 7.56 -13.38
N LEU B 101 8.55 7.49 -12.74
CA LEU B 101 9.15 8.64 -12.08
C LEU B 101 9.96 9.50 -13.06
N LEU B 102 10.70 8.87 -13.97
CA LEU B 102 11.32 9.65 -15.03
C LEU B 102 10.27 10.21 -15.99
N ALA B 103 9.20 9.46 -16.23
CA ALA B 103 8.13 9.93 -17.10
C ALA B 103 7.42 11.15 -16.54
N ASP B 104 7.53 11.42 -15.25
CA ASP B 104 6.93 12.62 -14.67
C ASP B 104 7.50 13.91 -15.26
N TYR B 105 8.60 13.84 -16.03
CA TYR B 105 9.26 15.04 -16.53
C TYR B 105 9.34 15.06 -18.05
N GLU B 106 8.50 14.28 -18.72
CA GLU B 106 8.45 14.25 -20.17
C GLU B 106 7.42 15.27 -20.64
N PHE B 107 7.85 16.19 -21.50
CA PHE B 107 6.93 17.10 -22.18
C PHE B 107 7.15 16.96 -23.68
N ASN B 108 6.11 16.49 -24.37
CA ASN B 108 6.17 16.29 -25.82
C ASN B 108 7.44 15.53 -26.23
N GLY B 109 7.66 14.39 -25.59
CA GLY B 109 8.72 13.49 -26.01
C GLY B 109 10.11 13.89 -25.59
N ARG B 110 10.27 14.85 -24.68
CA ARG B 110 11.56 15.19 -24.11
C ARG B 110 11.43 15.28 -22.60
N HIS B 111 12.54 15.04 -21.91
CA HIS B 111 12.59 15.08 -20.46
C HIS B 111 13.33 16.33 -20.00
N TYR B 112 12.78 17.02 -19.00
CA TYR B 112 13.35 18.28 -18.52
C TYR B 112 13.85 18.19 -17.08
N ALA B 113 13.88 17.00 -16.50
CA ALA B 113 14.40 16.85 -15.14
C ALA B 113 14.61 15.37 -14.87
N VAL B 114 15.28 15.08 -13.76
CA VAL B 114 15.57 13.73 -13.31
C VAL B 114 15.00 13.57 -11.92
N PRO B 115 14.21 12.54 -11.63
CA PRO B 115 13.58 12.43 -10.31
C PRO B 115 14.61 12.29 -9.21
N TYR B 116 14.35 12.95 -8.08
CA TYR B 116 15.34 13.09 -7.00
C TYR B 116 14.74 12.78 -5.63
N ALA B 117 13.74 13.57 -5.23
CA ALA B 117 13.05 13.41 -3.96
C ALA B 117 11.62 13.09 -4.31
N ARG B 118 11.32 11.80 -4.45
CA ARG B 118 10.05 11.34 -4.96
C ARG B 118 9.34 10.56 -3.86
N SER B 119 8.01 10.70 -3.81
CA SER B 119 7.25 10.30 -2.65
C SER B 119 5.90 9.72 -3.05
N THR B 120 5.23 9.15 -2.06
CA THR B 120 3.79 9.02 -2.00
C THR B 120 3.39 9.55 -0.63
N PRO B 121 2.15 10.00 -0.47
CA PRO B 121 1.63 10.23 0.87
C PRO B 121 1.59 8.90 1.61
N LEU B 122 1.59 8.99 2.93
CA LEU B 122 1.37 7.84 3.78
C LEU B 122 0.33 8.23 4.81
N PHE B 123 -0.39 7.24 5.33
CA PHE B 123 -1.31 7.45 6.44
C PHE B 123 -0.57 7.13 7.74
N TYR B 124 0.00 8.16 8.35
CA TYR B 124 0.69 8.03 9.63
C TYR B 124 -0.33 7.90 10.76
N TYR B 125 -0.07 6.98 11.71
CA TYR B 125 -0.95 6.85 12.86
C TYR B 125 -0.19 6.46 14.13
N ASN B 126 -0.61 7.07 15.24
CA ASN B 126 -0.02 6.88 16.57
C ASN B 126 -0.53 5.56 17.15
N ALA B 128 -0.03 4.10 20.15
CA ALA B 128 -0.52 4.14 21.52
C ALA B 128 -1.99 4.58 21.52
N ALA B 129 -2.30 5.60 20.72
CA ALA B 129 -3.69 6.05 20.61
C ALA B 129 -4.56 4.99 19.94
N TRP B 130 -4.03 4.33 18.90
CA TRP B 130 -4.76 3.25 18.24
C TRP B 130 -5.12 2.16 19.25
N GLN B 131 -4.13 1.66 19.98
CA GLN B 131 -4.40 0.65 21.00
C GLN B 131 -5.44 1.15 21.98
N GLN B 132 -5.25 2.36 22.51
CA GLN B 132 -6.19 2.86 23.50
C GLN B 132 -7.60 2.96 22.94
N ALA B 133 -7.74 3.26 21.65
CA ALA B 133 -9.06 3.36 21.04
C ALA B 133 -9.61 2.01 20.57
N GLY B 134 -8.92 0.91 20.85
CA GLY B 134 -9.40 -0.40 20.43
C GLY B 134 -9.32 -0.66 18.94
N LEU B 135 -8.39 -0.05 18.27
CA LEU B 135 -8.34 -0.20 16.83
C LEU B 135 -7.38 -1.30 16.42
N PRO B 136 -7.61 -1.94 15.28
CA PRO B 136 -6.60 -2.86 14.76
C PRO B 136 -5.38 -2.09 14.29
N ASP B 137 -4.21 -2.73 14.39
CA ASP B 137 -2.94 -2.07 14.11
C ASP B 137 -2.76 -1.99 12.60
N ARG B 138 -3.42 -1.00 12.01
CA ARG B 138 -3.41 -0.79 10.58
C ARG B 138 -4.14 0.52 10.27
N GLY B 139 -3.90 1.05 9.07
CA GLY B 139 -4.60 2.22 8.60
C GLY B 139 -6.03 1.86 8.26
N PRO B 140 -6.91 2.86 8.12
CA PRO B 140 -8.28 2.56 7.69
C PRO B 140 -8.27 1.99 6.27
N GLN B 141 -9.16 1.02 6.03
CA GLN B 141 -9.26 0.48 4.69
C GLN B 141 -10.16 1.32 3.79
N SER B 142 -11.01 2.17 4.38
CA SER B 142 -11.80 3.12 3.62
C SER B 142 -11.96 4.38 4.48
N TRP B 143 -12.23 5.50 3.80
CA TRP B 143 -12.47 6.72 4.55
C TRP B 143 -13.80 6.69 5.29
N SER B 144 -14.72 5.82 4.88
CA SER B 144 -15.93 5.59 5.68
C SER B 144 -15.58 4.89 6.99
N GLU B 145 -14.76 3.84 6.94
CA GLU B 145 -14.31 3.22 8.17
C GLU B 145 -13.64 4.24 9.08
N PHE B 146 -12.74 5.06 8.52
CA PHE B 146 -12.03 5.99 9.40
C PHE B 146 -12.98 7.01 10.02
N ASP B 147 -14.10 7.31 9.36
CA ASP B 147 -15.08 8.22 9.96
C ASP B 147 -15.71 7.62 11.21
N GLU B 148 -15.77 6.29 11.29
CA GLU B 148 -16.18 5.64 12.53
C GLU B 148 -15.05 5.64 13.57
N TRP B 149 -13.80 5.58 13.11
CA TRP B 149 -12.66 5.55 14.02
C TRP B 149 -12.44 6.90 14.70
N GLY B 150 -12.65 7.99 13.95
CA GLY B 150 -12.35 9.33 14.41
C GLY B 150 -12.88 9.69 15.78
N PRO B 151 -14.21 9.63 15.97
CA PRO B 151 -14.77 10.00 17.29
C PRO B 151 -14.17 9.20 18.44
N GLU B 152 -13.89 7.91 18.23
CA GLU B 152 -13.26 7.12 19.30
C GLU B 152 -11.84 7.60 19.57
N LEU B 153 -11.07 7.89 18.52
CA LEU B 153 -9.76 8.49 18.73
C LEU B 153 -9.86 9.86 19.39
N GLN B 154 -10.92 10.63 19.09
CA GLN B 154 -11.00 11.98 19.67
C GLN B 154 -11.21 11.92 21.18
N ARG B 155 -11.98 10.95 21.66
CA ARG B 155 -12.17 10.84 23.10
C ARG B 155 -10.93 10.33 23.81
N VAL B 156 -9.99 9.71 23.08
CA VAL B 156 -8.77 9.25 23.73
C VAL B 156 -7.78 10.40 23.91
N VAL B 157 -7.64 11.26 22.92
CA VAL B 157 -6.56 12.26 22.99
C VAL B 157 -6.97 13.47 23.82
N GLY B 158 -8.19 13.95 23.68
CA GLY B 158 -8.67 15.06 24.48
C GLY B 158 -8.73 16.37 23.72
N ALA B 159 -9.24 17.39 24.41
CA ALA B 159 -9.70 18.63 23.79
C ALA B 159 -8.57 19.55 23.31
N GLY B 160 -7.32 19.26 23.63
CA GLY B 160 -6.23 19.98 23.02
C GLY B 160 -5.61 19.27 21.84
N ARG B 161 -6.17 18.14 21.44
CA ARG B 161 -5.57 17.28 20.43
C ARG B 161 -6.68 16.84 19.46
N SER B 162 -6.29 16.13 18.40
CA SER B 162 -7.24 15.72 17.39
C SER B 162 -6.92 14.31 16.88
N ALA B 163 -7.97 13.54 16.60
CA ALA B 163 -7.78 12.22 15.99
C ALA B 163 -7.07 12.32 14.65
N HIS B 164 -7.27 13.41 13.90
CA HIS B 164 -6.75 13.53 12.55
C HIS B 164 -6.38 14.96 12.25
N GLY B 165 -5.23 15.16 11.62
CA GLY B 165 -4.81 16.46 11.12
C GLY B 165 -4.83 16.46 9.59
N TRP B 166 -5.44 17.49 9.03
CA TRP B 166 -5.39 17.78 7.60
C TRP B 166 -4.34 18.86 7.37
N ALA B 167 -3.56 18.71 6.30
CA ALA B 167 -2.62 19.76 5.94
C ALA B 167 -3.37 21.05 5.62
N ASN B 168 -2.68 22.18 5.81
CA ASN B 168 -3.19 23.49 5.43
C ASN B 168 -2.94 23.71 3.94
N ALA B 169 -3.14 24.95 3.46
CA ALA B 169 -3.03 25.21 2.03
C ALA B 169 -1.65 24.84 1.47
N ASP B 170 -0.63 24.77 2.32
CA ASP B 170 0.69 24.40 1.85
C ASP B 170 0.74 22.99 1.25
N LEU B 171 -0.23 22.12 1.54
CA LEU B 171 -0.11 20.77 1.01
C LEU B 171 -1.45 20.06 0.90
N ILE B 172 -2.54 20.67 1.37
CA ILE B 172 -3.84 19.98 1.38
C ILE B 172 -4.24 19.49 -0.01
N SER B 173 -3.93 20.26 -1.06
CA SER B 173 -4.33 19.83 -2.39
C SER B 173 -3.66 18.52 -2.79
N TRP B 174 -2.45 18.27 -2.31
CA TRP B 174 -1.77 17.02 -2.62
C TRP B 174 -2.28 15.87 -1.76
N THR B 175 -2.48 16.11 -0.45
CA THR B 175 -2.95 15.03 0.43
C THR B 175 -4.42 14.71 0.24
N PHE B 176 -5.24 15.71 -0.10
CA PHE B 176 -6.66 15.47 -0.36
C PHE B 176 -6.89 14.73 -1.67
N GLN B 177 -5.94 14.80 -2.61
CA GLN B 177 -6.14 14.25 -3.94
C GLN B 177 -6.51 12.78 -3.89
N GLY B 178 -5.83 12.00 -3.04
CA GLY B 178 -6.06 10.58 -2.96
C GLY B 178 -7.45 10.25 -2.44
N PRO B 179 -7.79 10.81 -1.27
CA PRO B 179 -9.16 10.62 -0.74
C PRO B 179 -10.24 11.06 -1.71
N ASN B 180 -10.01 12.14 -2.46
CA ASN B 180 -10.96 12.53 -3.49
C ASN B 180 -11.15 11.40 -4.50
N TRP B 181 -10.06 10.85 -5.02
CA TRP B 181 -10.14 9.74 -5.96
C TRP B 181 -10.84 8.54 -5.34
N ALA B 182 -10.56 8.27 -4.06
CA ALA B 182 -11.21 7.15 -3.39
C ALA B 182 -12.72 7.26 -3.46
N PHE B 183 -13.27 8.47 -3.28
CA PHE B 183 -14.72 8.72 -3.35
C PHE B 183 -15.25 8.66 -4.77
N GLY B 184 -14.40 8.43 -5.76
CA GLY B 184 -14.81 8.54 -7.14
C GLY B 184 -14.79 9.95 -7.69
N GLY B 185 -14.29 10.92 -6.93
CA GLY B 185 -14.19 12.28 -7.42
C GLY B 185 -12.82 12.56 -8.02
N ALA B 186 -12.63 13.83 -8.38
CA ALA B 186 -11.34 14.32 -8.81
C ALA B 186 -11.44 15.82 -9.00
N TYR B 187 -10.29 16.50 -9.01
CA TYR B 187 -10.28 17.91 -9.41
C TYR B 187 -10.66 18.07 -10.87
N SER B 188 -10.11 17.23 -11.73
CA SER B 188 -10.31 17.27 -13.18
C SER B 188 -9.99 15.90 -13.74
N ASP B 189 -10.62 15.57 -14.86
CA ASP B 189 -10.26 14.41 -15.68
C ASP B 189 -9.60 14.96 -16.94
N LYS B 190 -8.27 14.81 -17.04
CA LYS B 190 -7.49 15.46 -18.09
C LYS B 190 -7.76 16.95 -17.95
N TRP B 191 -8.32 17.63 -18.94
CA TRP B 191 -8.62 19.05 -18.85
C TRP B 191 -10.09 19.33 -18.55
N THR B 192 -10.86 18.32 -18.20
CA THR B 192 -12.27 18.50 -17.88
C THR B 192 -12.41 18.65 -16.36
N LEU B 193 -12.85 19.83 -15.93
CA LEU B 193 -12.92 20.14 -14.51
C LEU B 193 -14.09 19.39 -13.86
N THR B 194 -13.83 18.84 -12.67
CA THR B 194 -14.79 17.94 -12.04
C THR B 194 -15.01 18.25 -10.56
N LEU B 195 -14.75 19.48 -10.13
CA LEU B 195 -14.99 19.84 -8.74
C LEU B 195 -16.46 19.73 -8.37
N THR B 196 -17.35 20.07 -9.31
CA THR B 196 -18.78 20.10 -9.04
C THR B 196 -19.45 18.74 -9.25
N GLU B 197 -18.69 17.70 -9.57
CA GLU B 197 -19.29 16.38 -9.67
C GLU B 197 -19.66 15.88 -8.28
N PRO B 198 -20.77 15.12 -8.17
CA PRO B 198 -21.22 14.68 -6.83
C PRO B 198 -20.18 13.90 -6.05
N ALA B 199 -19.43 13.00 -6.70
CA ALA B 199 -18.42 12.25 -5.95
C ALA B 199 -17.39 13.18 -5.33
N THR B 200 -17.00 14.24 -6.06
CA THR B 200 -16.01 15.16 -5.53
C THR B 200 -16.58 15.98 -4.37
N ILE B 201 -17.83 16.42 -4.50
CA ILE B 201 -18.51 17.09 -3.39
C ILE B 201 -18.58 16.18 -2.17
N ALA B 202 -18.91 14.91 -2.39
CA ALA B 202 -18.96 13.95 -1.29
C ALA B 202 -17.62 13.90 -0.56
N ALA B 203 -16.54 13.71 -1.33
CA ALA B 203 -15.21 13.78 -0.74
C ALA B 203 -15.04 15.08 0.04
N GLY B 204 -15.44 16.20 -0.55
CA GLY B 204 -15.30 17.47 0.13
C GLY B 204 -16.10 17.53 1.42
N ASN B 205 -17.26 16.88 1.45
CA ASN B 205 -18.09 16.93 2.64
C ASN B 205 -17.54 16.04 3.73
N PHE B 206 -17.07 14.84 3.38
CA PHE B 206 -16.39 14.01 4.37
C PHE B 206 -15.26 14.78 5.04
N TYR B 207 -14.47 15.49 4.23
CA TYR B 207 -13.40 16.32 4.75
C TYR B 207 -13.96 17.40 5.65
N ARG B 208 -14.95 18.15 5.16
CA ARG B 208 -15.51 19.22 5.96
C ARG B 208 -16.10 18.68 7.27
N ASN B 209 -16.82 17.57 7.19
CA ASN B 209 -17.51 17.09 8.38
C ASN B 209 -16.54 16.48 9.38
N SER B 210 -15.40 15.97 8.91
CA SER B 210 -14.40 15.50 9.87
C SER B 210 -14.02 16.62 10.84
N ILE B 211 -14.00 17.86 10.35
CA ILE B 211 -13.61 18.99 11.18
C ILE B 211 -14.80 19.58 11.92
N HIS B 212 -15.88 19.91 11.19
CA HIS B 212 -16.95 20.74 11.70
C HIS B 212 -18.22 19.99 12.06
N GLY B 213 -18.33 18.71 11.73
CA GLY B 213 -19.51 17.94 12.09
C GLY B 213 -19.25 17.06 13.28
N LYS B 214 -18.54 15.95 13.06
CA LYS B 214 -18.09 15.12 14.16
C LYS B 214 -16.88 15.72 14.89
N GLY B 215 -16.21 16.69 14.27
CA GLY B 215 -15.21 17.49 14.95
C GLY B 215 -13.96 16.78 15.39
N TYR B 216 -13.68 15.58 14.89
CA TYR B 216 -12.52 14.83 15.33
C TYR B 216 -11.25 15.20 14.57
N ALA B 217 -11.34 16.04 13.54
CA ALA B 217 -10.18 16.47 12.79
C ALA B 217 -10.00 17.97 12.92
N ALA B 218 -8.81 18.44 12.54
CA ALA B 218 -8.50 19.85 12.54
C ALA B 218 -7.49 20.10 11.43
N VAL B 219 -7.30 21.37 11.10
CA VAL B 219 -6.31 21.76 10.11
C VAL B 219 -5.00 22.03 10.83
N ALA B 220 -3.94 21.39 10.37
CA ALA B 220 -2.64 21.47 11.04
C ALA B 220 -1.76 22.50 10.36
N ASN B 221 -0.96 23.20 11.16
CA ASN B 221 0.06 24.09 10.62
C ASN B 221 1.19 23.29 9.98
N ASP B 222 2.07 22.70 10.78
CA ASP B 222 3.14 21.83 10.30
C ASP B 222 2.72 20.42 10.66
N ILE B 223 2.15 19.70 9.68
CA ILE B 223 1.42 18.49 10.02
C ILE B 223 2.36 17.33 10.33
N ALA B 224 3.53 17.25 9.69
CA ALA B 224 4.52 16.27 10.10
C ALA B 224 4.88 16.43 11.58
N ASN B 225 5.17 17.66 11.98
CA ASN B 225 5.62 17.91 13.35
C ASN B 225 4.48 17.82 14.36
N GLU B 226 3.26 18.22 13.98
CA GLU B 226 2.14 18.08 14.91
C GLU B 226 1.76 16.63 15.12
N PHE B 227 1.94 15.78 14.09
CA PHE B 227 1.78 14.34 14.32
C PHE B 227 2.89 13.80 15.22
N ALA B 228 4.14 14.18 14.93
CA ALA B 228 5.26 13.63 15.68
C ALA B 228 5.18 13.98 17.16
N THR B 229 4.72 15.19 17.47
CA THR B 229 4.60 15.62 18.86
C THR B 229 3.34 15.10 19.53
N GLY B 230 2.50 14.33 18.83
CA GLY B 230 1.32 13.74 19.42
C GLY B 230 0.10 14.64 19.44
N ILE B 231 0.19 15.86 18.92
CA ILE B 231 -0.97 16.72 18.82
C ILE B 231 -2.05 16.08 17.95
N LEU B 232 -1.65 15.37 16.89
CA LEU B 232 -2.56 14.65 16.00
C LEU B 232 -2.34 13.15 16.15
N ALA B 233 -3.43 12.40 16.33
CA ALA B 233 -3.29 10.96 16.43
C ALA B 233 -2.98 10.31 15.10
N SER B 234 -3.26 10.99 13.99
CA SER B 234 -3.01 10.45 12.67
C SER B 234 -3.04 11.58 11.66
N ALA B 235 -2.46 11.32 10.49
CA ALA B 235 -2.33 12.37 9.49
C ALA B 235 -1.85 11.76 8.18
N VAL B 236 -2.31 12.35 7.09
CA VAL B 236 -1.80 12.03 5.76
C VAL B 236 -0.74 13.05 5.42
N ALA B 237 0.50 12.59 5.21
CA ALA B 237 1.61 13.46 4.89
C ALA B 237 2.61 12.66 4.06
N SER B 238 3.71 13.30 3.71
CA SER B 238 4.63 12.67 2.78
C SER B 238 5.53 11.64 3.45
N THR B 239 5.87 10.61 2.68
CA THR B 239 6.90 9.65 3.11
C THR B 239 8.25 10.33 3.24
N GLY B 240 8.45 11.46 2.56
CA GLY B 240 9.67 12.23 2.73
C GLY B 240 9.88 12.75 4.14
N SER B 241 8.83 12.79 4.97
CA SER B 241 8.94 13.21 6.36
C SER B 241 9.20 12.05 7.31
N LEU B 242 9.46 10.85 6.80
CA LEU B 242 9.47 9.68 7.67
C LEU B 242 10.67 9.70 8.60
N ALA B 243 11.86 10.04 8.10
CA ALA B 243 13.03 10.14 8.98
C ALA B 243 12.79 11.16 10.09
N GLY B 244 12.26 12.34 9.74
CA GLY B 244 12.01 13.38 10.73
C GLY B 244 11.01 12.96 11.79
N ILE B 245 9.91 12.34 11.36
CA ILE B 245 8.92 11.84 12.31
C ILE B 245 9.52 10.73 13.16
N THR B 246 10.20 9.77 12.53
CA THR B 246 10.82 8.69 13.28
C THR B 246 11.76 9.22 14.36
N ALA B 247 12.42 10.34 14.09
CA ALA B 247 13.41 10.86 15.03
C ALA B 247 12.76 11.52 16.25
N SER B 248 11.58 12.14 16.09
CA SER B 248 11.03 12.97 17.16
C SER B 248 9.77 12.42 17.81
N ALA B 249 9.09 11.43 17.22
CA ALA B 249 7.92 10.86 17.87
C ALA B 249 8.35 10.03 19.08
N ARG B 250 7.70 10.28 20.22
CA ARG B 250 7.97 9.58 21.48
C ARG B 250 6.93 8.50 21.74
N PHE B 251 6.66 7.71 20.69
CA PHE B 251 5.66 6.65 20.70
C PHE B 251 5.85 5.82 19.43
N ASP B 252 5.35 4.59 19.46
CA ASP B 252 5.36 3.78 18.25
C ASP B 252 4.29 4.27 17.28
N PHE B 253 4.57 4.15 15.98
CA PHE B 253 3.59 4.59 14.99
C PHE B 253 3.68 3.72 13.75
N GLY B 254 2.58 3.70 13.01
CA GLY B 254 2.53 3.03 11.74
C GLY B 254 2.53 4.02 10.59
N ALA B 255 2.86 3.51 9.42
CA ALA B 255 2.68 4.22 8.16
C ALA B 255 1.97 3.26 7.22
N ALA B 256 0.78 3.65 6.77
CA ALA B 256 -0.01 2.77 5.95
C ALA B 256 -0.20 3.34 4.55
N PRO B 257 -0.44 2.49 3.54
CA PRO B 257 -0.91 3.01 2.24
C PRO B 257 -2.27 3.66 2.41
N LEU B 258 -2.58 4.57 1.49
CA LEU B 258 -3.87 5.24 1.54
C LEU B 258 -5.00 4.25 1.24
N PRO B 259 -6.19 4.51 1.75
CA PRO B 259 -7.36 3.75 1.31
C PRO B 259 -7.48 3.80 -0.21
N THR B 260 -7.81 2.66 -0.81
CA THR B 260 -8.06 2.60 -2.23
C THR B 260 -9.52 2.95 -2.54
N GLY B 261 -9.81 3.12 -3.83
CA GLY B 261 -11.16 3.32 -4.29
C GLY B 261 -11.91 2.01 -4.35
N PRO B 262 -13.01 1.98 -5.11
CA PRO B 262 -13.73 0.71 -5.31
C PRO B 262 -12.89 -0.27 -6.11
N ASP B 263 -13.07 -1.55 -5.80
CA ASP B 263 -12.39 -2.61 -6.55
C ASP B 263 -10.89 -2.41 -6.57
N ALA B 264 -10.33 -1.83 -5.50
CA ALA B 264 -8.89 -1.65 -5.35
C ALA B 264 -8.31 -0.66 -6.35
N ALA B 265 -9.10 0.33 -6.74
CA ALA B 265 -8.64 1.32 -7.69
C ALA B 265 -7.62 2.25 -7.02
N PRO B 266 -6.55 2.63 -7.72
CA PRO B 266 -5.55 3.53 -7.13
C PRO B 266 -6.19 4.82 -6.65
N ALA B 267 -5.87 5.20 -5.40
CA ALA B 267 -6.35 6.43 -4.80
C ALA B 267 -5.22 7.13 -4.06
N CYS B 268 -4.04 7.17 -4.68
CA CYS B 268 -2.85 7.70 -4.08
C CYS B 268 -1.97 8.24 -5.20
N PRO B 269 -1.48 9.47 -5.09
CA PRO B 269 -0.56 10.01 -6.10
C PRO B 269 0.89 9.80 -5.69
N THR B 270 1.78 10.17 -6.61
CA THR B 270 3.17 10.41 -6.28
C THR B 270 3.38 11.91 -6.03
N GLY B 271 4.60 12.29 -5.68
CA GLY B 271 4.92 13.69 -5.54
C GLY B 271 6.41 13.89 -5.38
N GLY B 272 6.78 15.05 -4.86
CA GLY B 272 8.19 15.33 -4.71
C GLY B 272 8.77 16.11 -5.88
N ALA B 273 10.07 15.98 -6.11
CA ALA B 273 10.78 16.96 -6.92
C ALA B 273 11.87 16.28 -7.73
N GLY B 274 12.25 16.93 -8.83
CA GLY B 274 13.34 16.47 -9.66
C GLY B 274 14.40 17.56 -9.82
N LEU B 275 15.55 17.15 -10.36
CA LEU B 275 16.64 18.08 -10.62
C LEU B 275 16.66 18.44 -12.09
N ALA B 276 16.80 19.75 -12.37
CA ALA B 276 16.77 20.29 -13.73
C ALA B 276 18.01 21.14 -13.97
N ILE B 277 18.29 21.38 -15.25
CA ILE B 277 19.44 22.17 -15.67
C ILE B 277 18.95 23.37 -16.48
N PRO B 278 19.13 24.59 -16.00
CA PRO B 278 18.73 25.76 -16.78
C PRO B 278 19.41 25.80 -18.14
N ALA B 279 18.66 26.22 -19.16
CA ALA B 279 19.15 26.14 -20.53
C ALA B 279 20.23 27.17 -20.86
N LYS B 280 20.28 28.30 -20.16
CA LYS B 280 21.21 29.34 -20.57
C LYS B 280 22.64 29.06 -20.14
N LEU B 281 22.92 27.90 -19.55
CA LEU B 281 24.28 27.51 -19.24
C LEU B 281 25.01 27.07 -20.51
N SER B 282 26.32 27.29 -20.53
CA SER B 282 27.12 26.77 -21.64
C SER B 282 27.07 25.24 -21.64
N GLU B 283 27.31 24.68 -22.83
CA GLU B 283 27.32 23.23 -22.97
C GLU B 283 28.31 22.59 -22.02
N GLU B 284 29.44 23.25 -21.76
CA GLU B 284 30.40 22.76 -20.80
C GLU B 284 29.75 22.54 -19.43
N ARG B 285 29.08 23.57 -18.92
CA ARG B 285 28.49 23.44 -17.58
C ARG B 285 27.29 22.51 -17.57
N LYS B 286 26.54 22.43 -18.67
CA LYS B 286 25.41 21.50 -18.70
C LYS B 286 25.91 20.06 -18.57
N VAL B 287 26.97 19.71 -19.29
CA VAL B 287 27.54 18.37 -19.17
C VAL B 287 27.93 18.09 -17.72
N ASN B 288 28.70 19.01 -17.11
CA ASN B 288 29.09 18.83 -15.70
C ASN B 288 27.87 18.70 -14.80
N ALA B 289 26.84 19.50 -15.05
CA ALA B 289 25.67 19.48 -14.19
C ALA B 289 24.92 18.16 -14.29
N LEU B 290 24.81 17.61 -15.50
CA LEU B 290 24.18 16.30 -15.64
C LEU B 290 25.04 15.21 -15.01
N LYS B 291 26.37 15.33 -15.11
CA LYS B 291 27.25 14.41 -14.41
C LYS B 291 26.89 14.34 -12.93
N PHE B 292 26.60 15.50 -12.33
CA PHE B 292 26.26 15.54 -10.91
C PHE B 292 24.88 14.95 -10.65
N ILE B 293 23.87 15.40 -11.40
CA ILE B 293 22.51 14.88 -11.24
C ILE B 293 22.51 13.37 -11.37
N ALA B 294 23.13 12.84 -12.42
CA ALA B 294 23.12 11.40 -12.63
C ALA B 294 23.87 10.67 -11.52
N PHE B 295 24.96 11.26 -11.03
CA PHE B 295 25.74 10.59 -10.00
C PHE B 295 24.98 10.52 -8.68
N VAL B 296 24.39 11.65 -8.23
CA VAL B 296 23.72 11.61 -6.94
C VAL B 296 22.38 10.91 -7.01
N THR B 297 21.91 10.52 -8.19
CA THR B 297 20.74 9.66 -8.33
C THR B 297 21.09 8.29 -8.90
N ASN B 298 22.33 7.82 -8.70
CA ASN B 298 22.68 6.49 -9.16
C ASN B 298 22.15 5.47 -8.16
N PRO B 299 22.27 4.18 -8.47
CA PRO B 299 21.60 3.19 -7.61
C PRO B 299 22.00 3.30 -6.15
N THR B 300 23.30 3.37 -5.85
CA THR B 300 23.75 3.43 -4.47
C THR B 300 23.37 4.75 -3.79
N ASN B 301 23.38 5.85 -4.55
CA ASN B 301 23.25 7.17 -3.93
C ASN B 301 21.79 7.54 -3.71
N THR B 302 20.89 7.15 -4.64
CA THR B 302 19.47 7.33 -4.37
C THR B 302 19.03 6.40 -3.24
N ALA B 303 19.64 5.23 -3.12
CA ALA B 303 19.35 4.37 -1.98
C ALA B 303 19.75 5.06 -0.68
N TYR B 304 20.89 5.76 -0.68
CA TYR B 304 21.35 6.46 0.52
C TYR B 304 20.46 7.65 0.85
N PHE B 305 20.17 8.49 -0.15
CA PHE B 305 19.24 9.60 0.07
C PHE B 305 17.90 9.09 0.59
N SER B 306 17.44 7.95 0.08
CA SER B 306 16.19 7.37 0.52
C SER B 306 16.28 6.90 1.97
N GLN B 307 17.40 6.26 2.32
CA GLN B 307 17.56 5.79 3.70
C GLN B 307 17.60 6.94 4.70
N GLN B 308 18.03 8.13 4.27
CA GLN B 308 18.17 9.27 5.18
C GLN B 308 16.89 10.07 5.35
N THR B 309 15.87 9.85 4.53
CA THR B 309 14.70 10.72 4.49
C THR B 309 13.38 9.99 4.54
N GLY B 310 13.27 8.86 3.85
CA GLY B 310 12.00 8.21 3.62
C GLY B 310 11.44 8.43 2.21
N TYR B 311 12.17 9.14 1.36
CA TYR B 311 11.82 9.26 -0.05
C TYR B 311 12.08 7.95 -0.79
N LEU B 312 11.48 7.84 -1.94
CA LEU B 312 11.61 6.61 -2.70
C LEU B 312 12.96 6.56 -3.41
N PRO B 313 13.61 5.40 -3.46
CA PRO B 313 14.72 5.23 -4.40
C PRO B 313 14.20 5.34 -5.82
N VAL B 314 14.95 6.05 -6.68
CA VAL B 314 14.48 6.35 -8.02
C VAL B 314 15.11 5.45 -9.08
N ARG B 315 15.91 4.47 -8.69
CA ARG B 315 16.57 3.58 -9.64
C ARG B 315 16.02 2.17 -9.47
N LYS B 316 15.64 1.53 -10.58
CA LYS B 316 15.12 0.18 -10.49
C LYS B 316 16.08 -0.71 -9.70
N SER B 317 17.38 -0.61 -9.98
CA SER B 317 18.36 -1.51 -9.40
C SER B 317 18.80 -1.10 -7.99
N ALA B 318 18.18 -0.09 -7.39
CA ALA B 318 18.59 0.32 -6.04
C ALA B 318 18.28 -0.76 -5.02
N VAL B 319 17.20 -1.52 -5.23
CA VAL B 319 16.89 -2.66 -4.39
C VAL B 319 17.95 -3.76 -4.47
N ASP B 320 18.86 -3.70 -5.45
CA ASP B 320 19.93 -4.70 -5.54
C ASP B 320 21.14 -4.34 -4.68
N ASP B 321 21.19 -3.12 -4.15
CA ASP B 321 22.29 -2.64 -3.35
C ASP B 321 22.20 -3.19 -1.93
N ALA B 322 23.33 -3.70 -1.41
CA ALA B 322 23.32 -4.45 -0.15
C ALA B 322 22.83 -3.59 1.01
N SER B 323 23.33 -2.36 1.13
CA SER B 323 22.86 -1.51 2.23
C SER B 323 21.35 -1.31 2.14
N GLU B 324 20.82 -1.10 0.92
CA GLU B 324 19.38 -0.91 0.76
C GLU B 324 18.60 -2.14 1.21
N ARG B 325 19.11 -3.33 0.89
CA ARG B 325 18.41 -4.55 1.28
C ARG B 325 18.41 -4.71 2.80
N HIS B 326 19.52 -4.37 3.45
CA HIS B 326 19.52 -4.40 4.90
C HIS B 326 18.57 -3.34 5.47
N TYR B 327 18.53 -2.16 4.83
CA TYR B 327 17.69 -1.07 5.33
C TYR B 327 16.21 -1.44 5.29
N LEU B 328 15.73 -1.90 4.12
CA LEU B 328 14.33 -2.29 4.00
C LEU B 328 13.97 -3.40 4.98
N ALA B 329 14.91 -4.28 5.31
CA ALA B 329 14.60 -5.40 6.20
C ALA B 329 14.43 -4.95 7.65
N ASP B 330 15.24 -3.98 8.07
CA ASP B 330 15.13 -3.47 9.44
C ASP B 330 14.00 -2.47 9.61
N ASN B 331 13.55 -1.79 8.54
CA ASN B 331 12.63 -0.65 8.66
C ASN B 331 11.36 -0.91 7.86
N PRO B 332 10.36 -1.60 8.44
CA PRO B 332 9.11 -1.85 7.71
C PRO B 332 8.46 -0.60 7.13
N ARG B 333 8.52 0.52 7.84
CA ARG B 333 7.81 1.71 7.40
C ARG B 333 8.39 2.27 6.10
N ALA B 334 9.68 2.01 5.85
CA ALA B 334 10.30 2.41 4.59
C ALA B 334 9.87 1.56 3.42
N ARG B 335 9.21 0.42 3.67
CA ARG B 335 8.67 -0.37 2.57
C ARG B 335 7.35 0.17 2.05
N VAL B 336 6.59 0.86 2.90
CA VAL B 336 5.19 1.18 2.60
C VAL B 336 5.09 2.00 1.31
N ALA B 337 5.87 3.06 1.20
CA ALA B 337 5.79 3.90 0.01
C ALA B 337 6.28 3.16 -1.23
N LEU B 338 7.33 2.36 -1.07
CA LEU B 338 7.87 1.61 -2.20
C LEU B 338 6.83 0.65 -2.75
N ASP B 339 6.16 -0.09 -1.85
CA ASP B 339 5.11 -1.00 -2.25
C ASP B 339 3.89 -0.27 -2.78
N GLN B 340 3.60 0.93 -2.27
CA GLN B 340 2.44 1.66 -2.75
C GLN B 340 2.64 2.16 -4.17
N LEU B 341 3.88 2.43 -4.57
CA LEU B 341 4.17 3.11 -5.82
C LEU B 341 3.44 2.53 -7.02
N PRO B 342 3.51 1.23 -7.30
CA PRO B 342 2.78 0.69 -8.47
C PRO B 342 1.28 0.79 -8.35
N HIS B 343 0.76 1.24 -7.22
CA HIS B 343 -0.68 1.37 -7.02
C HIS B 343 -1.11 2.84 -6.97
N THR B 344 -0.33 3.70 -7.60
CA THR B 344 -0.59 5.13 -7.57
C THR B 344 -1.33 5.56 -8.84
N ARG B 345 -1.82 6.80 -8.82
CA ARG B 345 -2.57 7.35 -9.92
C ARG B 345 -1.93 8.67 -10.33
N THR B 346 -1.87 8.94 -11.63
CA THR B 346 -1.28 10.19 -12.10
C THR B 346 -2.09 11.39 -11.60
N GLN B 347 -1.39 12.49 -11.33
CA GLN B 347 -2.04 13.63 -10.70
C GLN B 347 -2.99 14.37 -11.65
N ASP B 348 -4.05 14.93 -11.07
CA ASP B 348 -5.04 15.69 -11.84
C ASP B 348 -4.42 16.94 -12.48
N TYR B 349 -4.79 17.17 -13.75
CA TYR B 349 -4.25 18.30 -14.48
C TYR B 349 -4.54 19.63 -13.80
N ALA B 350 -5.69 19.75 -13.12
CA ALA B 350 -6.02 21.02 -12.48
C ALA B 350 -5.02 21.38 -11.37
N ARG B 351 -4.39 20.38 -10.74
CA ARG B 351 -3.43 20.70 -9.69
C ARG B 351 -2.02 20.92 -10.22
N VAL B 352 -1.58 20.16 -11.23
CA VAL B 352 -0.16 20.18 -11.60
C VAL B 352 0.12 20.93 -12.89
N PHE B 353 -0.85 21.07 -13.80
CA PHE B 353 -0.59 21.66 -15.12
C PHE B 353 -1.31 22.99 -15.36
N LEU B 354 -2.43 23.24 -14.69
CA LEU B 354 -3.24 24.42 -14.99
C LEU B 354 -2.66 25.62 -14.25
N PRO B 355 -2.11 26.62 -14.96
CA PRO B 355 -1.35 27.67 -14.27
C PRO B 355 -2.18 28.41 -13.22
N GLY B 356 -1.69 28.40 -11.98
CA GLY B 356 -2.40 28.99 -10.87
C GLY B 356 -3.50 28.12 -10.31
N GLY B 357 -3.73 26.94 -10.89
CA GLY B 357 -4.79 26.07 -10.40
C GLY B 357 -4.57 25.64 -8.97
N ASP B 358 -3.34 25.19 -8.65
CA ASP B 358 -3.06 24.70 -7.30
C ASP B 358 -3.33 25.77 -6.24
N ARG B 359 -2.95 27.02 -6.51
CA ARG B 359 -3.20 28.08 -5.53
C ARG B 359 -4.68 28.18 -5.22
N ILE B 360 -5.53 28.16 -6.24
CA ILE B 360 -6.96 28.32 -6.04
C ILE B 360 -7.56 27.09 -5.37
N ILE B 361 -7.20 25.89 -5.84
CA ILE B 361 -7.70 24.67 -5.22
C ILE B 361 -7.29 24.63 -3.74
N SER B 362 -6.04 24.99 -3.44
CA SER B 362 -5.56 24.91 -2.06
C SER B 362 -6.25 25.94 -1.18
N ALA B 363 -6.42 27.16 -1.69
CA ALA B 363 -7.13 28.20 -0.95
C ALA B 363 -8.53 27.73 -0.59
N GLY B 364 -9.26 27.19 -1.57
CA GLY B 364 -10.64 26.79 -1.32
C GLY B 364 -10.73 25.61 -0.36
N LEU B 365 -9.87 24.60 -0.54
CA LEU B 365 -9.78 23.52 0.42
C LEU B 365 -9.48 24.06 1.82
N GLU B 366 -8.53 24.98 1.93
CA GLU B 366 -8.19 25.48 3.26
C GLU B 366 -9.33 26.30 3.85
N SER B 367 -10.04 27.06 3.01
CA SER B 367 -11.19 27.81 3.50
C SER B 367 -12.26 26.90 4.09
N ILE B 368 -12.53 25.77 3.42
CA ILE B 368 -13.47 24.76 3.95
C ILE B 368 -12.98 24.27 5.31
N GLY B 369 -11.71 23.88 5.40
CA GLY B 369 -11.14 23.41 6.65
C GLY B 369 -11.19 24.43 7.78
N LEU B 370 -10.64 25.62 7.55
CA LEU B 370 -10.52 26.59 8.65
C LEU B 370 -11.86 27.20 9.02
N ARG B 371 -12.63 27.63 8.03
CA ARG B 371 -13.78 28.48 8.24
C ARG B 371 -15.11 27.73 8.17
N GLY B 372 -15.11 26.49 7.69
CA GLY B 372 -16.36 25.77 7.53
C GLY B 372 -17.17 26.23 6.34
N ALA B 373 -16.50 26.74 5.30
CA ALA B 373 -17.19 27.16 4.09
C ALA B 373 -17.90 25.99 3.43
N ASP B 374 -19.01 26.29 2.77
CA ASP B 374 -19.84 25.28 2.12
C ASP B 374 -19.08 24.61 0.97
N VAL B 375 -19.16 23.28 0.91
CA VAL B 375 -18.39 22.53 -0.09
C VAL B 375 -18.93 22.80 -1.48
N THR B 376 -20.23 22.63 -1.70
CA THR B 376 -20.80 22.90 -3.01
C THR B 376 -20.46 24.31 -3.47
N LYS B 377 -20.73 25.30 -2.63
CA LYS B 377 -20.49 26.68 -3.04
C LYS B 377 -19.00 26.98 -3.19
N THR B 378 -18.15 26.32 -2.40
CA THR B 378 -16.72 26.57 -2.56
C THR B 378 -16.16 25.87 -3.80
N PHE B 379 -16.57 24.62 -4.03
CA PHE B 379 -16.12 23.94 -5.23
C PHE B 379 -16.65 24.63 -6.49
N THR B 380 -17.92 25.06 -6.46
CA THR B 380 -18.49 25.79 -7.59
C THR B 380 -17.69 27.04 -7.91
N ASN B 381 -17.23 27.77 -6.88
CA ASN B 381 -16.48 28.99 -7.14
C ASN B 381 -15.02 28.72 -7.48
N ILE B 382 -14.47 27.57 -7.06
CA ILE B 382 -13.17 27.16 -7.57
C ILE B 382 -13.25 26.84 -9.05
N GLN B 383 -14.18 25.94 -9.42
CA GLN B 383 -14.29 25.51 -10.81
C GLN B 383 -14.43 26.70 -11.75
N LYS B 384 -15.36 27.62 -11.44
CA LYS B 384 -15.54 28.79 -12.27
C LYS B 384 -14.24 29.55 -12.44
N ARG B 385 -13.52 29.81 -11.35
CA ARG B 385 -12.26 30.54 -11.47
C ARG B 385 -11.24 29.76 -12.31
N LEU B 386 -11.16 28.45 -12.11
CA LEU B 386 -10.23 27.66 -12.92
C LEU B 386 -10.70 27.54 -14.37
N GLN B 387 -12.01 27.52 -14.60
CA GLN B 387 -12.52 27.50 -15.97
C GLN B 387 -12.08 28.73 -16.75
N VAL B 388 -12.05 29.90 -16.11
CA VAL B 388 -11.65 31.11 -16.82
C VAL B 388 -10.21 30.99 -17.29
N ILE B 389 -9.32 30.57 -16.39
CA ILE B 389 -7.94 30.27 -16.78
C ILE B 389 -7.92 29.27 -17.92
N LEU B 390 -8.66 28.18 -17.76
CA LEU B 390 -8.69 27.13 -18.78
C LEU B 390 -9.15 27.67 -20.13
N ASP B 391 -10.17 28.54 -20.13
CA ASP B 391 -10.66 29.11 -21.37
C ASP B 391 -9.64 30.03 -22.02
N ARG B 392 -9.11 30.98 -21.26
CA ARG B 392 -8.06 31.84 -21.79
C ARG B 392 -6.88 31.01 -22.28
N GLN B 393 -6.57 29.92 -21.59
CA GLN B 393 -5.51 29.02 -22.04
C GLN B 393 -5.86 28.36 -23.38
N ILE B 394 -7.12 27.95 -23.55
CA ILE B 394 -7.57 27.45 -24.85
C ILE B 394 -7.19 28.41 -25.95
N MET B 395 -7.64 29.66 -25.83
CA MET B 395 -7.39 30.68 -26.84
C MET B 395 -5.91 30.98 -26.97
N GLY C 1 5.36 -4.45 40.56
CA GLY C 1 4.06 -4.70 40.00
C GLY C 1 3.94 -6.06 39.35
N SER C 2 3.31 -6.11 38.18
CA SER C 2 3.17 -7.36 37.44
C SER C 2 2.99 -7.04 35.97
N GLY C 3 3.20 -8.07 35.14
CA GLY C 3 3.10 -7.92 33.72
C GLY C 3 4.46 -7.72 33.07
N PRO C 4 4.51 -6.90 32.03
CA PRO C 4 5.77 -6.69 31.32
C PRO C 4 6.76 -5.89 32.15
N ILE C 5 8.04 -6.07 31.82
CA ILE C 5 9.08 -5.24 32.40
C ILE C 5 8.81 -3.80 32.02
N ASP C 6 8.58 -2.95 33.02
CA ASP C 6 8.28 -1.54 32.78
C ASP C 6 9.58 -0.74 32.76
N PHE C 7 9.88 -0.14 31.61
CA PHE C 7 11.08 0.65 31.43
C PHE C 7 10.68 2.12 31.29
N TRP C 8 10.97 2.90 32.33
CA TRP C 8 10.72 4.34 32.32
C TRP C 8 11.93 5.02 31.69
N SER C 9 11.69 5.81 30.64
CA SER C 9 12.75 6.53 29.96
C SER C 9 12.24 7.92 29.58
N SER C 10 13.18 8.86 29.44
CA SER C 10 12.90 10.17 28.86
C SER C 10 13.26 10.24 27.38
N HIS C 11 13.71 9.13 26.80
CA HIS C 11 14.09 9.07 25.38
C HIS C 11 15.18 10.09 25.08
N PRO C 12 16.23 10.17 25.90
CA PRO C 12 17.22 11.24 25.71
C PRO C 12 17.86 11.17 24.33
N GLY C 13 18.11 12.35 23.77
CA GLY C 13 18.60 12.42 22.41
C GLY C 13 17.61 11.95 21.37
N GLN C 14 16.32 12.13 21.60
CA GLN C 14 15.28 11.71 20.67
C GLN C 14 15.46 10.24 20.28
N SER C 15 15.59 9.38 21.30
CA SER C 15 16.04 8.02 21.06
C SER C 15 14.93 6.98 21.23
N SER C 16 13.66 7.41 21.24
CA SER C 16 12.58 6.44 21.50
C SER C 16 12.58 5.33 20.47
N ALA C 17 12.78 5.67 19.19
CA ALA C 17 12.85 4.64 18.15
C ALA C 17 14.03 3.70 18.38
N ALA C 18 15.18 4.27 18.77
CA ALA C 18 16.31 3.42 19.10
C ALA C 18 15.98 2.49 20.26
N GLU C 19 15.21 2.97 21.24
CA GLU C 19 14.88 2.13 22.38
C GLU C 19 13.88 1.05 22.00
N ARG C 20 12.90 1.38 21.15
CA ARG C 20 11.99 0.34 20.67
C ARG C 20 12.73 -0.73 19.86
N GLU C 21 13.76 -0.34 19.11
CA GLU C 21 14.52 -1.33 18.35
C GLU C 21 15.40 -2.17 19.26
N LEU C 22 15.97 -1.57 20.32
CA LEU C 22 16.67 -2.37 21.31
C LEU C 22 15.72 -3.34 22.02
N ILE C 23 14.45 -2.96 22.17
CA ILE C 23 13.50 -3.86 22.82
C ILE C 23 13.21 -5.06 21.93
N GLY C 24 12.98 -4.82 20.64
CA GLY C 24 12.73 -5.93 19.74
C GLY C 24 13.86 -6.94 19.73
N ARG C 25 15.10 -6.46 19.81
CA ARG C 25 16.25 -7.36 19.84
C ARG C 25 16.27 -8.20 21.11
N PHE C 26 16.00 -7.57 22.25
CA PHE C 26 15.91 -8.29 23.51
C PHE C 26 14.80 -9.32 23.48
N GLN C 27 13.60 -8.91 23.06
CA GLN C 27 12.48 -9.84 23.02
C GLN C 27 12.71 -10.99 22.04
N ASP C 28 13.52 -10.77 21.00
CA ASP C 28 13.74 -11.81 20.02
C ASP C 28 14.55 -12.96 20.59
N ARG C 29 15.75 -12.68 21.09
CA ARG C 29 16.61 -13.75 21.62
C ARG C 29 16.18 -14.21 23.00
N PHE C 30 15.45 -13.38 23.75
CA PHE C 30 14.85 -13.75 25.02
C PHE C 30 13.34 -13.83 24.85
N PRO C 31 12.84 -14.75 24.01
CA PRO C 31 11.43 -14.70 23.61
C PRO C 31 10.44 -14.96 24.74
N THR C 32 10.89 -15.44 25.90
CA THR C 32 9.96 -15.65 27.01
C THR C 32 9.54 -14.35 27.68
N LEU C 33 10.26 -13.26 27.46
CA LEU C 33 9.99 -12.01 28.16
C LEU C 33 9.49 -10.94 27.20
N SER C 34 8.82 -9.93 27.78
CA SER C 34 8.37 -8.77 27.05
C SER C 34 8.70 -7.53 27.87
N VAL C 35 8.82 -6.39 27.19
CA VAL C 35 9.19 -5.12 27.80
C VAL C 35 8.24 -4.04 27.30
N LYS C 36 7.85 -3.14 28.20
CA LYS C 36 7.00 -2.00 27.86
C LYS C 36 7.82 -0.72 28.05
N LEU C 37 8.06 -0.01 26.95
CA LEU C 37 8.71 1.29 27.01
C LEU C 37 7.70 2.34 27.44
N ILE C 38 8.05 3.13 28.45
CA ILE C 38 7.18 4.18 28.96
C ILE C 38 7.87 5.52 28.85
N ASP C 39 7.17 6.50 28.28
CA ASP C 39 7.58 7.90 28.32
C ASP C 39 7.34 8.45 29.73
N ALA C 40 8.36 8.38 30.59
CA ALA C 40 8.16 8.70 31.99
C ALA C 40 8.47 10.16 32.32
N GLY C 41 8.70 10.98 31.32
CA GLY C 41 9.02 12.38 31.55
C GLY C 41 9.80 12.95 30.37
N LYS C 42 9.68 14.26 30.19
CA LYS C 42 10.31 14.93 29.04
C LYS C 42 11.80 15.15 29.23
N ASP C 43 12.28 15.05 30.46
CA ASP C 43 13.69 15.18 30.78
C ASP C 43 13.98 14.32 32.00
N TYR C 44 15.24 14.36 32.45
CA TYR C 44 15.65 13.52 33.58
C TYR C 44 14.91 13.92 34.85
N ASP C 45 14.65 15.22 35.04
CA ASP C 45 13.94 15.65 36.24
C ASP C 45 12.55 15.03 36.31
N GLU C 46 11.77 15.18 35.23
CA GLU C 46 10.40 14.66 35.22
C GLU C 46 10.37 13.18 35.55
N VAL C 47 11.29 12.41 34.96
CA VAL C 47 11.39 10.99 35.30
C VAL C 47 11.59 10.82 36.80
N ALA C 48 12.57 11.55 37.35
CA ALA C 48 12.84 11.48 38.78
C ALA C 48 11.59 11.83 39.59
N GLN C 49 10.94 12.94 39.23
CA GLN C 49 9.78 13.38 40.00
C GLN C 49 8.63 12.40 39.90
N LYS C 50 8.50 11.70 38.78
CA LYS C 50 7.48 10.66 38.66
C LYS C 50 7.90 9.39 39.41
N PHE C 51 9.20 9.08 39.41
CA PHE C 51 9.67 7.93 40.17
C PHE C 51 9.53 8.19 41.67
N ASN C 52 9.79 9.42 42.11
CA ASN C 52 9.57 9.77 43.51
C ASN C 52 8.09 9.71 43.87
N ALA C 53 7.21 10.10 42.94
CA ALA C 53 5.78 9.97 43.17
C ALA C 53 5.38 8.49 43.27
N ALA C 54 5.91 7.66 42.37
CA ALA C 54 5.55 6.24 42.40
C ALA C 54 5.98 5.58 43.69
N LEU C 55 7.11 6.01 44.27
CA LEU C 55 7.61 5.37 45.49
C LEU C 55 6.55 5.30 46.58
N ILE C 56 5.60 6.24 46.60
CA ILE C 56 4.57 6.25 47.63
C ILE C 56 3.88 4.88 47.72
N GLY C 57 3.68 4.22 46.58
CA GLY C 57 2.93 2.98 46.55
C GLY C 57 3.75 1.78 46.13
N THR C 58 3.09 0.72 45.67
CA THR C 58 3.77 -0.52 45.34
C THR C 58 4.05 -0.69 43.85
N ASP C 59 3.27 -0.07 42.96
CA ASP C 59 3.47 -0.24 41.54
C ASP C 59 4.56 0.73 41.06
N VAL C 60 5.72 0.19 40.68
CA VAL C 60 6.85 1.00 40.24
C VAL C 60 7.54 0.32 39.06
N PRO C 61 8.49 0.98 38.39
CA PRO C 61 9.07 0.39 37.17
C PRO C 61 10.01 -0.75 37.50
N ASP C 62 10.36 -1.51 36.45
CA ASP C 62 11.42 -2.51 36.57
C ASP C 62 12.79 -1.90 36.31
N VAL C 63 12.90 -1.04 35.30
CA VAL C 63 14.11 -0.31 34.98
C VAL C 63 13.75 1.16 34.82
N VAL C 64 14.59 2.04 35.37
CA VAL C 64 14.29 3.46 35.43
C VAL C 64 15.55 4.25 35.11
N LEU C 65 15.39 5.34 34.36
CA LEU C 65 16.49 6.15 33.86
C LEU C 65 16.77 7.27 34.84
N LEU C 66 17.90 7.20 35.53
CA LEU C 66 18.32 8.23 36.47
C LEU C 66 19.63 8.84 36.01
N ASP C 67 19.72 10.16 36.05
CA ASP C 67 20.86 10.85 35.50
C ASP C 67 21.97 10.97 36.54
N ASP C 68 22.92 11.88 36.30
CA ASP C 68 24.11 12.01 37.11
C ASP C 68 23.82 12.56 38.50
N ARG C 69 22.69 13.22 38.69
CA ARG C 69 22.32 13.72 40.03
C ARG C 69 21.29 12.83 40.72
N TRP C 70 20.30 12.31 39.98
CA TRP C 70 19.18 11.65 40.64
C TRP C 70 19.52 10.23 41.07
N TRP C 71 20.34 9.50 40.30
CA TRP C 71 20.73 8.17 40.74
C TRP C 71 21.33 8.22 42.14
N PHE C 72 22.18 9.20 42.40
CA PHE C 72 22.81 9.34 43.71
C PHE C 72 21.75 9.62 44.77
N HIS C 73 20.85 10.57 44.50
CA HIS C 73 19.76 10.85 45.41
C HIS C 73 19.03 9.58 45.79
N PHE C 74 18.54 8.84 44.80
CA PHE C 74 17.77 7.64 45.09
C PHE C 74 18.65 6.54 45.69
N ALA C 75 19.89 6.42 45.21
CA ALA C 75 20.80 5.44 45.79
C ALA C 75 21.04 5.72 47.26
N LEU C 76 21.46 6.94 47.58
CA LEU C 76 21.63 7.37 48.96
C LEU C 76 20.36 7.24 49.78
N SER C 77 19.21 7.01 49.13
CA SER C 77 17.94 6.79 49.81
C SER C 77 17.61 5.30 49.98
N GLY C 78 18.37 4.41 49.37
CA GLY C 78 18.15 3.00 49.55
C GLY C 78 16.92 2.44 48.88
N VAL C 79 16.37 3.14 47.87
CA VAL C 79 15.29 2.58 47.07
C VAL C 79 15.82 1.95 45.77
N LEU C 80 17.13 1.75 45.68
CA LEU C 80 17.77 1.21 44.49
C LEU C 80 18.54 -0.07 44.82
N THR C 81 18.43 -1.04 43.93
CA THR C 81 19.10 -2.33 44.11
C THR C 81 20.59 -2.20 43.92
N ALA C 82 21.36 -2.66 44.90
CA ALA C 82 22.80 -2.86 44.72
C ALA C 82 22.99 -4.03 43.76
N LEU C 83 23.56 -3.76 42.59
CA LEU C 83 23.60 -4.75 41.53
C LEU C 83 24.80 -5.68 41.61
N ASP C 84 25.78 -5.38 42.46
CA ASP C 84 27.00 -6.19 42.50
C ASP C 84 26.70 -7.67 42.62
N ASP C 85 25.62 -8.03 43.32
CA ASP C 85 25.22 -9.43 43.41
C ASP C 85 24.42 -9.88 42.20
N LEU C 86 23.53 -9.02 41.70
CA LEU C 86 22.71 -9.40 40.55
C LEU C 86 23.56 -9.72 39.33
N PHE C 87 24.73 -9.09 39.21
CA PHE C 87 25.59 -9.33 38.04
C PHE C 87 25.98 -10.79 37.94
N GLY C 88 26.71 -11.29 38.94
CA GLY C 88 27.16 -12.67 38.91
C GLY C 88 26.05 -13.66 38.62
N GLN C 89 24.86 -13.42 39.18
CA GLN C 89 23.73 -14.31 38.95
C GLN C 89 23.33 -14.37 37.48
N VAL C 90 23.64 -13.34 36.70
CA VAL C 90 23.21 -13.23 35.31
C VAL C 90 24.35 -13.49 34.34
N GLY C 91 25.48 -12.81 34.54
CA GLY C 91 26.62 -12.96 33.66
C GLY C 91 27.11 -11.63 33.11
N VAL C 92 27.07 -10.59 33.96
CA VAL C 92 27.37 -9.23 33.52
C VAL C 92 28.89 -9.05 33.52
N ASP C 93 29.46 -8.88 32.32
CA ASP C 93 30.91 -8.74 32.13
C ASP C 93 31.31 -7.31 32.48
N THR C 94 31.36 -7.04 33.80
CA THR C 94 31.53 -5.67 34.28
C THR C 94 32.88 -5.08 33.90
N THR C 95 33.89 -5.90 33.61
CA THR C 95 35.18 -5.34 33.26
C THR C 95 35.26 -4.90 31.80
N ASP C 96 34.21 -5.16 31.01
CA ASP C 96 34.14 -4.64 29.65
C ASP C 96 33.44 -3.30 29.57
N TYR C 97 32.77 -2.87 30.64
CA TYR C 97 32.20 -1.53 30.69
C TYR C 97 33.30 -0.50 30.93
N VAL C 98 33.15 0.68 30.33
CA VAL C 98 34.09 1.76 30.58
C VAL C 98 34.13 2.03 32.07
N ASP C 99 35.34 1.98 32.65
CA ASP C 99 35.47 2.01 34.10
C ASP C 99 34.90 3.31 34.68
N SER C 100 35.34 4.46 34.16
CA SER C 100 34.87 5.72 34.68
C SER C 100 33.34 5.79 34.63
N LEU C 101 32.74 5.35 33.52
CA LEU C 101 31.28 5.35 33.42
C LEU C 101 30.65 4.38 34.43
N LEU C 102 31.21 3.18 34.57
CA LEU C 102 30.68 2.23 35.54
C LEU C 102 31.02 2.65 36.97
N ALA C 103 32.14 3.33 37.16
CA ALA C 103 32.46 3.86 38.48
C ALA C 103 31.64 5.09 38.84
N ASP C 104 30.96 5.71 37.87
CA ASP C 104 30.11 6.86 38.15
C ASP C 104 28.94 6.52 39.05
N TYR C 105 28.61 5.23 39.22
CA TYR C 105 27.43 4.82 39.98
C TYR C 105 27.79 3.93 41.18
N GLU C 106 29.06 3.90 41.58
CA GLU C 106 29.46 3.13 42.74
C GLU C 106 29.35 3.98 44.00
N PHE C 107 28.77 3.41 45.05
CA PHE C 107 28.71 4.09 46.34
C PHE C 107 28.90 3.05 47.45
N ASN C 108 29.81 3.34 48.38
CA ASN C 108 30.13 2.41 49.46
C ASN C 108 30.41 1.02 48.92
N GLY C 109 31.18 0.97 47.82
CA GLY C 109 31.58 -0.29 47.22
C GLY C 109 30.52 -1.00 46.40
N ARG C 110 29.28 -0.52 46.40
CA ARG C 110 28.20 -1.15 45.66
C ARG C 110 27.84 -0.29 44.44
N HIS C 111 27.38 -0.96 43.39
CA HIS C 111 27.00 -0.31 42.15
C HIS C 111 25.49 -0.35 41.98
N TYR C 112 24.89 0.81 41.67
CA TYR C 112 23.45 0.98 41.73
C TYR C 112 22.84 1.41 40.40
N ALA C 113 23.58 1.32 39.31
CA ALA C 113 23.07 1.60 37.97
C ALA C 113 24.15 1.25 36.97
N VAL C 114 23.75 1.05 35.73
CA VAL C 114 24.65 0.71 34.64
C VAL C 114 24.68 1.88 33.66
N PRO C 115 25.86 2.35 33.25
CA PRO C 115 25.90 3.46 32.28
C PRO C 115 25.08 3.12 31.04
N TYR C 116 24.33 4.11 30.56
CA TYR C 116 23.37 3.92 29.47
C TYR C 116 23.51 5.00 28.39
N ALA C 117 23.20 6.24 28.74
CA ALA C 117 23.31 7.38 27.83
C ALA C 117 24.31 8.39 28.41
N ARG C 118 25.59 8.18 28.13
CA ARG C 118 26.66 8.94 28.74
C ARG C 118 27.25 9.92 27.72
N SER C 119 27.75 11.05 28.22
CA SER C 119 28.05 12.18 27.34
C SER C 119 29.18 13.04 27.89
N THR C 120 29.80 13.79 27.00
CA THR C 120 30.47 15.03 27.33
C THR C 120 29.84 16.15 26.54
N PRO C 121 30.00 17.40 27.00
CA PRO C 121 29.62 18.53 26.16
C PRO C 121 30.49 18.59 24.92
N LEU C 122 30.00 19.28 23.90
CA LEU C 122 30.77 19.57 22.71
C LEU C 122 30.63 21.05 22.39
N PHE C 123 31.67 21.62 21.78
CA PHE C 123 31.58 22.97 21.25
C PHE C 123 31.13 22.83 19.80
N TYR C 124 29.84 23.06 19.56
CA TYR C 124 29.25 23.06 18.22
C TYR C 124 29.48 24.41 17.54
N TYR C 125 29.98 24.40 16.30
CA TYR C 125 30.14 25.65 15.59
C TYR C 125 29.66 25.58 14.14
N ASN C 126 29.02 26.65 13.69
CA ASN C 126 28.46 26.81 12.34
C ASN C 126 29.59 27.14 11.35
N ALA C 128 29.70 27.86 8.07
CA ALA C 128 29.47 29.01 7.19
C ALA C 128 29.76 30.31 7.93
N ALA C 129 29.28 30.43 9.18
CA ALA C 129 29.61 31.62 9.95
C ALA C 129 31.10 31.68 10.25
N TRP C 130 31.69 30.52 10.53
CA TRP C 130 33.12 30.48 10.86
C TRP C 130 33.95 30.96 9.68
N GLN C 131 33.57 30.57 8.46
CA GLN C 131 34.29 31.00 7.28
C GLN C 131 34.01 32.46 6.95
N GLN C 132 32.76 32.91 7.09
CA GLN C 132 32.47 34.32 6.90
C GLN C 132 33.32 35.19 7.82
N ALA C 133 33.52 34.74 9.06
CA ALA C 133 34.28 35.49 10.05
C ALA C 133 35.80 35.29 9.91
N GLY C 134 36.25 34.60 8.86
CA GLY C 134 37.66 34.31 8.71
C GLY C 134 38.23 33.39 9.77
N LEU C 135 37.44 32.50 10.30
CA LEU C 135 38.08 31.72 11.36
C LEU C 135 38.59 30.40 10.82
N PRO C 136 39.61 29.82 11.46
CA PRO C 136 40.05 28.48 11.08
C PRO C 136 38.99 27.47 11.44
N ASP C 137 38.99 26.34 10.73
CA ASP C 137 37.98 25.31 10.91
C ASP C 137 38.38 24.43 12.10
N ARG C 138 38.14 24.95 13.29
CA ARG C 138 38.45 24.24 14.54
C ARG C 138 37.80 24.98 15.70
N GLY C 139 37.58 24.27 16.80
CA GLY C 139 37.11 24.89 18.01
C GLY C 139 38.13 25.84 18.61
N PRO C 140 37.68 26.70 19.52
CA PRO C 140 38.60 27.67 20.12
C PRO C 140 39.65 27.01 21.02
N GLN C 141 40.90 27.46 20.85
CA GLN C 141 42.01 26.95 21.65
C GLN C 141 41.73 27.10 23.14
N SER C 142 41.13 28.21 23.52
CA SER C 142 40.83 28.52 24.91
C SER C 142 39.69 29.50 24.90
N TRP C 143 39.15 29.77 26.08
CA TRP C 143 38.06 30.73 26.14
C TRP C 143 38.56 32.14 25.90
N SER C 144 39.83 32.40 26.22
CA SER C 144 40.42 33.67 25.82
C SER C 144 40.45 33.79 24.31
N GLU C 145 40.95 32.76 23.61
CA GLU C 145 40.92 32.79 22.15
C GLU C 145 39.50 32.95 21.65
N PHE C 146 38.55 32.24 22.25
CA PHE C 146 37.20 32.37 21.76
C PHE C 146 36.61 33.73 22.06
N ASP C 147 37.14 34.44 23.05
CA ASP C 147 36.62 35.76 23.35
C ASP C 147 37.09 36.80 22.34
N GLU C 148 38.17 36.50 21.59
CA GLU C 148 38.51 37.33 20.44
C GLU C 148 37.68 36.97 19.21
N TRP C 149 37.20 35.72 19.11
CA TRP C 149 36.41 35.30 17.96
C TRP C 149 35.00 35.88 18.01
N GLY C 150 34.31 35.68 19.14
CA GLY C 150 32.97 36.17 19.35
C GLY C 150 32.65 37.46 18.61
N PRO C 151 33.43 38.52 18.88
CA PRO C 151 33.16 39.81 18.21
C PRO C 151 33.17 39.73 16.69
N GLU C 152 34.12 38.99 16.09
CA GLU C 152 34.14 38.87 14.64
C GLU C 152 32.92 38.10 14.13
N LEU C 153 32.58 36.99 14.79
CA LEU C 153 31.38 36.24 14.44
C LEU C 153 30.14 37.11 14.54
N GLN C 154 30.06 37.93 15.59
CA GLN C 154 28.87 38.76 15.79
C GLN C 154 28.66 39.71 14.62
N ARG C 155 29.75 40.19 14.01
CA ARG C 155 29.62 41.09 12.87
C ARG C 155 29.04 40.39 11.64
N VAL C 156 29.28 39.08 11.50
CA VAL C 156 28.88 38.42 10.25
C VAL C 156 27.51 37.77 10.39
N VAL C 157 27.14 37.36 11.61
CA VAL C 157 25.93 36.55 11.77
C VAL C 157 24.68 37.37 11.48
N GLY C 158 24.65 38.63 11.91
CA GLY C 158 23.59 39.54 11.54
C GLY C 158 22.65 39.87 12.69
N ALA C 159 21.60 40.63 12.34
CA ALA C 159 20.64 41.10 13.33
C ALA C 159 19.78 39.95 13.86
N GLY C 160 19.59 39.91 15.17
CA GLY C 160 18.79 38.88 15.80
C GLY C 160 19.48 37.55 15.98
N ARG C 161 20.77 37.45 15.69
CA ARG C 161 21.53 36.22 15.85
C ARG C 161 22.71 36.48 16.77
N SER C 162 23.31 35.40 17.26
CA SER C 162 24.40 35.52 18.22
C SER C 162 25.57 34.64 17.81
N ALA C 163 26.77 35.11 18.13
CA ALA C 163 27.96 34.29 17.92
C ALA C 163 27.89 33.00 18.74
N HIS C 164 27.31 33.07 19.92
CA HIS C 164 27.35 31.98 20.88
C HIS C 164 26.07 31.99 21.69
N GLY C 165 25.65 30.81 22.13
CA GLY C 165 24.52 30.68 23.02
C GLY C 165 24.89 29.83 24.22
N TRP C 166 24.49 30.31 25.40
CA TRP C 166 24.64 29.56 26.64
C TRP C 166 23.29 28.96 27.01
N ALA C 167 23.32 27.72 27.49
CA ALA C 167 22.11 27.11 28.00
C ALA C 167 21.55 27.95 29.15
N ASN C 168 20.26 27.77 29.41
CA ASN C 168 19.59 28.43 30.54
C ASN C 168 19.57 27.48 31.73
N ALA C 169 18.73 27.77 32.73
CA ALA C 169 18.81 27.08 34.02
C ALA C 169 18.77 25.57 33.87
N ASP C 170 18.14 25.05 32.81
CA ASP C 170 17.92 23.62 32.73
C ASP C 170 19.19 22.83 32.46
N LEU C 171 20.22 23.44 31.88
CA LEU C 171 21.47 22.73 31.62
C LEU C 171 22.72 23.55 31.91
N ILE C 172 22.61 24.84 32.18
CA ILE C 172 23.77 25.74 32.27
C ILE C 172 24.79 25.24 33.29
N SER C 173 24.33 24.69 34.41
CA SER C 173 25.28 24.26 35.44
C SER C 173 26.26 23.22 34.89
N TRP C 174 25.82 22.45 33.88
CA TRP C 174 26.65 21.40 33.32
C TRP C 174 27.61 21.94 32.27
N THR C 175 27.12 22.78 31.37
CA THR C 175 27.93 23.25 30.26
C THR C 175 28.96 24.27 30.70
N PHE C 176 28.60 25.15 31.64
CA PHE C 176 29.56 26.07 32.24
C PHE C 176 30.56 25.36 33.14
N GLN C 177 30.25 24.14 33.60
CA GLN C 177 31.15 23.45 34.52
C GLN C 177 32.58 23.41 33.98
N GLY C 178 32.74 23.04 32.70
CA GLY C 178 34.04 22.86 32.09
C GLY C 178 34.88 24.12 31.99
N PRO C 179 34.28 25.21 31.51
CA PRO C 179 35.07 26.45 31.38
C PRO C 179 35.43 27.06 32.71
N ASN C 180 34.55 26.99 33.71
CA ASN C 180 34.93 27.37 35.06
C ASN C 180 36.22 26.66 35.46
N TRP C 181 36.32 25.37 35.12
CA TRP C 181 37.55 24.62 35.37
C TRP C 181 38.72 25.15 34.54
N ALA C 182 38.46 25.62 33.33
CA ALA C 182 39.54 26.13 32.48
C ALA C 182 40.11 27.44 33.01
N PHE C 183 39.35 28.19 33.81
CA PHE C 183 39.81 29.43 34.40
C PHE C 183 40.51 29.23 35.74
N GLY C 184 40.65 27.98 36.19
CA GLY C 184 41.09 27.72 37.55
C GLY C 184 39.98 27.75 38.58
N GLY C 185 38.75 28.05 38.18
CA GLY C 185 37.62 28.06 39.08
C GLY C 185 37.04 26.67 39.32
N ALA C 186 35.87 26.66 39.95
CA ALA C 186 35.16 25.43 40.26
C ALA C 186 33.95 25.71 41.15
N TYR C 187 32.93 24.84 41.09
CA TYR C 187 31.83 24.95 42.04
C TYR C 187 32.30 24.57 43.45
N SER C 188 33.10 23.51 43.56
CA SER C 188 33.54 23.02 44.86
C SER C 188 34.72 22.08 44.68
N ASP C 189 35.64 22.12 45.65
CA ASP C 189 36.71 21.13 45.80
C ASP C 189 36.25 20.15 46.87
N LYS C 190 35.83 18.95 46.43
CA LYS C 190 35.11 18.02 47.30
C LYS C 190 33.97 18.82 47.93
N TRP C 191 33.79 18.77 49.24
CA TRP C 191 32.70 19.50 49.90
C TRP C 191 33.03 20.95 50.19
N THR C 192 34.18 21.46 49.73
CA THR C 192 34.56 22.86 49.95
C THR C 192 33.96 23.72 48.83
N LEU C 193 33.03 24.59 49.20
CA LEU C 193 32.51 25.58 48.27
C LEU C 193 33.63 26.48 47.77
N THR C 194 33.59 26.80 46.46
CA THR C 194 34.60 27.66 45.87
C THR C 194 34.00 28.74 44.98
N LEU C 195 32.69 28.98 45.06
CA LEU C 195 32.05 29.95 44.17
C LEU C 195 32.69 31.32 44.31
N THR C 196 33.01 31.72 45.53
CA THR C 196 33.56 33.05 45.77
C THR C 196 35.07 33.13 45.53
N GLU C 197 35.69 32.07 45.01
CA GLU C 197 37.12 32.10 44.73
C GLU C 197 37.41 32.98 43.52
N PRO C 198 38.64 33.50 43.40
CA PRO C 198 38.92 34.45 42.34
C PRO C 198 38.79 33.87 40.94
N ALA C 199 39.30 32.65 40.73
CA ALA C 199 39.26 32.05 39.41
C ALA C 199 37.85 31.65 39.01
N THR C 200 37.02 31.28 40.00
CA THR C 200 35.62 30.99 39.71
C THR C 200 34.88 32.26 39.32
N ILE C 201 35.14 33.35 40.03
CA ILE C 201 34.53 34.63 39.69
C ILE C 201 35.05 35.14 38.35
N ALA C 202 36.30 34.80 38.01
CA ALA C 202 36.84 35.18 36.71
C ALA C 202 36.08 34.48 35.58
N ALA C 203 35.99 33.14 35.64
CA ALA C 203 35.18 32.42 34.66
C ALA C 203 33.76 32.97 34.63
N GLY C 204 33.16 33.15 35.81
CA GLY C 204 31.83 33.71 35.88
C GLY C 204 31.70 35.03 35.14
N ASN C 205 32.75 35.85 35.17
CA ASN C 205 32.67 37.14 34.49
C ASN C 205 33.00 37.04 33.01
N PHE C 206 33.82 36.07 32.60
CA PHE C 206 33.87 35.77 31.18
C PHE C 206 32.47 35.44 30.66
N TYR C 207 31.75 34.60 31.39
CA TYR C 207 30.37 34.25 31.02
C TYR C 207 29.49 35.49 30.92
N ARG C 208 29.50 36.32 31.95
CA ARG C 208 28.63 37.50 31.95
C ARG C 208 28.98 38.43 30.80
N ASN C 209 30.25 38.86 30.73
CA ASN C 209 30.65 39.84 29.72
C ASN C 209 30.37 39.37 28.31
N SER C 210 30.43 38.05 28.06
CA SER C 210 30.12 37.58 26.72
C SER C 210 28.70 37.95 26.33
N ILE C 211 27.83 38.14 27.32
CA ILE C 211 26.43 38.48 27.10
C ILE C 211 26.19 39.99 27.24
N HIS C 212 26.71 40.60 28.30
CA HIS C 212 26.45 42.00 28.61
C HIS C 212 27.66 42.91 28.44
N GLY C 213 28.80 42.37 28.02
CA GLY C 213 29.98 43.18 27.81
C GLY C 213 30.27 43.37 26.33
N LYS C 214 31.00 42.43 25.72
CA LYS C 214 31.21 42.48 24.28
C LYS C 214 29.95 42.10 23.52
N GLY C 215 29.01 41.43 24.18
CA GLY C 215 27.67 41.26 23.61
C GLY C 215 27.56 40.32 22.44
N TYR C 216 28.46 39.34 22.32
CA TYR C 216 28.40 38.39 21.24
C TYR C 216 27.64 37.13 21.60
N ALA C 217 27.16 37.01 22.83
CA ALA C 217 26.49 35.79 23.27
C ALA C 217 25.08 36.10 23.74
N ALA C 218 24.28 35.04 23.88
CA ALA C 218 22.94 35.14 24.43
C ALA C 218 22.66 33.88 25.25
N VAL C 219 21.56 33.90 25.97
CA VAL C 219 21.05 32.72 26.67
C VAL C 219 19.95 32.11 25.81
N ALA C 220 20.03 30.79 25.59
CA ALA C 220 19.09 30.09 24.73
C ALA C 220 18.12 29.26 25.56
N ASN C 221 16.87 29.16 25.11
CA ASN C 221 15.91 28.31 25.80
C ASN C 221 16.18 26.84 25.50
N ASP C 222 16.19 26.46 24.22
CA ASP C 222 16.55 25.12 23.76
C ASP C 222 17.87 25.26 23.00
N ILE C 223 18.98 24.95 23.68
CA ILE C 223 20.27 25.33 23.12
C ILE C 223 20.53 24.59 21.82
N ALA C 224 20.27 23.29 21.79
CA ALA C 224 20.54 22.51 20.58
C ALA C 224 19.71 23.02 19.41
N ASN C 225 18.42 23.29 19.63
CA ASN C 225 17.58 23.74 18.52
C ASN C 225 17.98 25.13 18.03
N GLU C 226 18.30 26.04 18.96
CA GLU C 226 18.65 27.38 18.53
C GLU C 226 19.97 27.38 17.77
N PHE C 227 20.83 26.41 18.04
CA PHE C 227 22.02 26.27 17.21
C PHE C 227 21.65 25.70 15.84
N ALA C 228 20.83 24.66 15.80
CA ALA C 228 20.51 23.99 14.55
C ALA C 228 19.74 24.89 13.59
N THR C 229 18.91 25.81 14.10
CA THR C 229 18.18 26.74 13.24
C THR C 229 19.02 27.94 12.81
N GLY C 230 20.29 28.01 13.22
CA GLY C 230 21.17 29.07 12.81
C GLY C 230 21.11 30.34 13.62
N ILE C 231 20.29 30.37 14.67
CA ILE C 231 20.26 31.55 15.52
C ILE C 231 21.57 31.70 16.28
N LEU C 232 22.19 30.58 16.66
CA LEU C 232 23.44 30.59 17.41
C LEU C 232 24.55 30.09 16.51
N ALA C 233 25.56 30.93 16.27
CA ALA C 233 26.69 30.49 15.46
C ALA C 233 27.47 29.37 16.13
N SER C 234 27.36 29.22 17.46
CA SER C 234 28.08 28.18 18.16
C SER C 234 27.46 28.01 19.54
N ALA C 235 27.76 26.88 20.18
CA ALA C 235 27.17 26.62 21.47
C ALA C 235 27.74 25.36 22.10
N VAL C 236 27.88 25.35 23.41
CA VAL C 236 28.22 24.13 24.14
C VAL C 236 26.93 23.40 24.46
N ALA C 237 26.87 22.13 24.05
CA ALA C 237 25.70 21.30 24.28
C ALA C 237 26.15 19.86 24.31
N SER C 238 25.21 18.95 24.55
CA SER C 238 25.58 17.57 24.79
C SER C 238 25.84 16.82 23.48
N THR C 239 26.80 15.91 23.54
CA THR C 239 27.02 14.99 22.42
C THR C 239 25.77 14.16 22.15
N GLY C 240 24.92 13.97 23.16
CA GLY C 240 23.67 13.25 22.98
C GLY C 240 22.67 13.97 22.08
N SER C 241 22.91 15.24 21.79
CA SER C 241 22.10 15.99 20.82
C SER C 241 22.66 15.92 19.42
N LEU C 242 23.82 15.28 19.22
CA LEU C 242 24.52 15.39 17.94
C LEU C 242 23.67 14.90 16.78
N ALA C 243 22.90 13.82 16.98
CA ALA C 243 22.09 13.29 15.88
C ALA C 243 20.95 14.23 15.53
N GLY C 244 20.32 14.84 16.55
CA GLY C 244 19.25 15.78 16.28
C GLY C 244 19.75 17.02 15.55
N ILE C 245 20.91 17.53 15.95
CA ILE C 245 21.47 18.69 15.28
C ILE C 245 21.86 18.34 13.84
N THR C 246 22.34 17.12 13.62
CA THR C 246 22.68 16.71 12.26
C THR C 246 21.45 16.69 11.36
N ALA C 247 20.30 16.34 11.92
CA ALA C 247 19.09 16.26 11.12
C ALA C 247 18.55 17.63 10.78
N SER C 248 18.65 18.58 11.72
CA SER C 248 18.00 19.88 11.58
C SER C 248 18.90 20.94 10.94
N ALA C 249 20.20 20.89 11.19
CA ALA C 249 21.08 21.97 10.73
C ALA C 249 21.06 22.05 9.21
N ARG C 250 20.66 23.20 8.67
CA ARG C 250 20.71 23.43 7.24
C ARG C 250 22.02 24.11 6.86
N PHE C 251 23.12 23.56 7.34
CA PHE C 251 24.46 24.10 7.10
C PHE C 251 25.48 23.12 7.66
N ASP C 252 26.69 23.17 7.12
CA ASP C 252 27.76 22.34 7.66
C ASP C 252 28.24 22.88 8.99
N PHE C 253 28.53 21.99 9.93
CA PHE C 253 28.91 22.41 11.28
C PHE C 253 29.97 21.49 11.85
N GLY C 254 30.77 22.03 12.77
CA GLY C 254 31.74 21.25 13.49
C GLY C 254 31.28 20.97 14.92
N ALA C 255 31.97 20.03 15.56
CA ALA C 255 31.86 19.78 16.99
C ALA C 255 33.27 19.60 17.52
N ALA C 256 33.67 20.44 18.47
CA ALA C 256 35.03 20.37 19.00
C ALA C 256 35.01 20.09 20.50
N PRO C 257 36.04 19.44 21.03
CA PRO C 257 36.16 19.31 22.48
C PRO C 257 36.31 20.70 23.10
N LEU C 258 35.99 20.79 24.39
CA LEU C 258 36.10 22.05 25.08
C LEU C 258 37.57 22.44 25.23
N PRO C 259 37.86 23.73 25.42
CA PRO C 259 39.22 24.14 25.76
C PRO C 259 39.72 23.43 27.01
N THR C 260 41.02 23.19 27.04
CA THR C 260 41.64 22.62 28.22
C THR C 260 41.92 23.71 29.26
N GLY C 261 42.41 23.29 30.42
CA GLY C 261 42.89 24.21 31.42
C GLY C 261 44.35 24.54 31.18
N PRO C 262 45.01 25.12 32.18
CA PRO C 262 46.45 25.38 32.05
C PRO C 262 47.22 24.10 31.84
N ASP C 263 48.16 24.13 30.89
CA ASP C 263 49.02 22.98 30.61
C ASP C 263 48.20 21.73 30.31
N ALA C 264 47.22 21.89 29.42
CA ALA C 264 46.36 20.79 28.96
C ALA C 264 45.70 20.08 30.14
N ALA C 265 45.20 20.86 31.12
CA ALA C 265 44.47 20.34 32.26
C ALA C 265 43.03 20.03 31.88
N PRO C 266 42.48 18.91 32.31
CA PRO C 266 41.11 18.53 31.90
C PRO C 266 40.08 19.53 32.37
N ALA C 267 39.39 20.17 31.42
CA ALA C 267 38.32 21.10 31.77
C ALA C 267 37.01 20.71 31.10
N CYS C 268 36.58 19.46 31.31
CA CYS C 268 35.37 18.99 30.64
C CYS C 268 34.75 17.89 31.48
N PRO C 269 33.44 17.94 31.74
CA PRO C 269 32.78 16.90 32.53
C PRO C 269 32.21 15.81 31.64
N THR C 270 31.80 14.71 32.28
CA THR C 270 30.93 13.73 31.67
C THR C 270 29.49 14.01 32.12
N GLY C 271 28.54 13.37 31.45
CA GLY C 271 27.14 13.55 31.78
C GLY C 271 26.29 12.36 31.40
N GLY C 272 24.97 12.54 31.39
CA GLY C 272 24.07 11.48 30.95
C GLY C 272 23.42 10.74 32.10
N ALA C 273 23.00 9.51 31.80
CA ALA C 273 22.16 8.75 32.72
C ALA C 273 22.54 7.27 32.66
N GLY C 274 22.15 6.55 33.72
CA GLY C 274 22.28 5.11 33.77
C GLY C 274 20.95 4.47 34.15
N LEU C 275 20.91 3.15 34.05
CA LEU C 275 19.69 2.39 34.31
C LEU C 275 19.77 1.73 35.69
N ALA C 276 18.67 1.83 36.45
CA ALA C 276 18.60 1.34 37.81
C ALA C 276 17.39 0.41 37.95
N ILE C 277 17.39 -0.35 39.04
CA ILE C 277 16.35 -1.32 39.37
C ILE C 277 15.79 -0.96 40.75
N PRO C 278 14.52 -0.59 40.86
CA PRO C 278 13.98 -0.21 42.17
C PRO C 278 14.14 -1.31 43.21
N ALA C 279 14.19 -0.90 44.47
CA ALA C 279 14.50 -1.83 45.55
C ALA C 279 13.35 -2.77 45.84
N LYS C 280 12.11 -2.26 45.81
CA LYS C 280 10.94 -3.06 46.15
C LYS C 280 10.47 -3.85 44.91
N LEU C 281 11.29 -4.81 44.53
CA LEU C 281 10.97 -5.73 43.45
C LEU C 281 11.37 -7.14 43.88
N SER C 282 10.48 -8.09 43.67
CA SER C 282 10.81 -9.47 44.02
C SER C 282 12.10 -9.88 43.31
N GLU C 283 12.80 -10.84 43.92
CA GLU C 283 14.09 -11.27 43.37
C GLU C 283 13.96 -11.73 41.92
N GLU C 284 12.82 -12.32 41.55
CA GLU C 284 12.67 -12.86 40.20
C GLU C 284 12.64 -11.75 39.16
N ARG C 285 11.73 -10.78 39.32
CA ARG C 285 11.65 -9.69 38.37
C ARG C 285 13.00 -8.97 38.23
N LYS C 286 13.71 -8.81 39.35
CA LYS C 286 15.00 -8.10 39.30
C LYS C 286 15.98 -8.79 38.36
N VAL C 287 16.01 -10.12 38.37
CA VAL C 287 16.88 -10.85 37.45
C VAL C 287 16.53 -10.54 36.00
N ASN C 288 15.23 -10.36 35.72
CA ASN C 288 14.82 -9.91 34.38
C ASN C 288 15.31 -8.50 34.11
N ALA C 289 15.11 -7.58 35.06
CA ALA C 289 15.47 -6.19 34.84
C ALA C 289 16.96 -6.04 34.56
N LEU C 290 17.82 -6.73 35.33
CA LEU C 290 19.24 -6.63 35.07
C LEU C 290 19.63 -7.30 33.76
N LYS C 291 18.98 -8.42 33.41
CA LYS C 291 19.24 -9.04 32.12
C LYS C 291 18.82 -8.14 30.98
N PHE C 292 17.77 -7.33 31.17
CA PHE C 292 17.41 -6.36 30.16
C PHE C 292 18.40 -5.21 30.13
N ILE C 293 18.77 -4.68 31.30
CA ILE C 293 19.76 -3.61 31.38
C ILE C 293 21.07 -4.03 30.74
N ALA C 294 21.56 -5.23 31.10
CA ALA C 294 22.83 -5.69 30.59
C ALA C 294 22.80 -5.89 29.08
N PHE C 295 21.73 -6.52 28.56
CA PHE C 295 21.61 -6.75 27.13
C PHE C 295 21.55 -5.45 26.36
N VAL C 296 20.74 -4.50 26.82
CA VAL C 296 20.58 -3.23 26.13
C VAL C 296 21.88 -2.45 26.07
N THR C 297 22.84 -2.79 26.93
CA THR C 297 24.12 -2.08 26.98
C THR C 297 25.29 -3.03 26.73
N ASN C 298 25.09 -4.04 25.91
CA ASN C 298 26.18 -4.91 25.47
C ASN C 298 26.91 -4.23 24.31
N PRO C 299 27.98 -4.84 23.81
CA PRO C 299 28.81 -4.15 22.80
C PRO C 299 28.05 -3.74 21.54
N THR C 300 27.21 -4.62 21.01
CA THR C 300 26.49 -4.29 19.78
C THR C 300 25.41 -3.24 20.02
N ASN C 301 24.81 -3.25 21.22
CA ASN C 301 23.66 -2.38 21.46
C ASN C 301 24.06 -1.00 21.96
N THR C 302 25.09 -0.89 22.81
CA THR C 302 25.57 0.45 23.16
C THR C 302 26.21 1.13 21.96
N ALA C 303 26.86 0.36 21.08
CA ALA C 303 27.33 0.93 19.83
C ALA C 303 26.16 1.40 18.98
N TYR C 304 25.05 0.66 18.99
CA TYR C 304 23.89 1.04 18.19
C TYR C 304 23.22 2.28 18.77
N PHE C 305 23.01 2.30 20.08
CA PHE C 305 22.44 3.49 20.71
C PHE C 305 23.30 4.71 20.45
N SER C 306 24.62 4.52 20.36
CA SER C 306 25.54 5.63 20.13
C SER C 306 25.42 6.15 18.70
N GLN C 307 25.34 5.25 17.72
CA GLN C 307 25.17 5.68 16.34
C GLN C 307 23.90 6.49 16.16
N GLN C 308 22.89 6.24 16.98
CA GLN C 308 21.56 6.81 16.81
C GLN C 308 21.38 8.16 17.48
N THR C 309 22.32 8.59 18.32
CA THR C 309 22.10 9.77 19.16
C THR C 309 23.32 10.67 19.20
N GLY C 310 24.49 10.07 19.29
CA GLY C 310 25.71 10.79 19.61
C GLY C 310 26.21 10.51 21.01
N TYR C 311 25.43 9.84 21.85
CA TYR C 311 25.93 9.39 23.15
C TYR C 311 27.11 8.42 22.97
N LEU C 312 27.80 8.20 24.04
CA LEU C 312 29.02 7.42 24.04
C LEU C 312 28.73 5.92 24.19
N PRO C 313 29.56 5.07 23.57
CA PRO C 313 29.47 3.64 23.84
C PRO C 313 30.04 3.32 25.22
N VAL C 314 29.36 2.42 25.93
CA VAL C 314 29.70 2.15 27.33
C VAL C 314 30.30 0.76 27.48
N ARG C 315 30.93 0.25 26.42
CA ARG C 315 31.63 -1.03 26.46
C ARG C 315 32.99 -0.84 25.81
N LYS C 316 34.04 -1.29 26.51
CA LYS C 316 35.38 -1.25 25.93
C LYS C 316 35.39 -1.87 24.54
N SER C 317 34.75 -3.04 24.40
CA SER C 317 34.72 -3.72 23.11
C SER C 317 33.95 -2.93 22.06
N ALA C 318 32.99 -2.10 22.49
CA ALA C 318 32.15 -1.40 21.54
C ALA C 318 32.94 -0.46 20.64
N VAL C 319 34.11 -0.01 21.09
CA VAL C 319 34.96 0.87 20.27
C VAL C 319 35.66 0.12 19.14
N ASP C 320 35.62 -1.20 19.14
CA ASP C 320 36.22 -1.99 18.07
C ASP C 320 35.29 -2.09 16.88
N ARG C 321 32.38 13.08 13.84
CA ARG C 321 31.80 13.92 14.88
C ARG C 321 31.45 13.12 16.14
N ALA C 322 30.77 11.98 15.95
CA ALA C 322 30.36 11.16 17.08
C ALA C 322 31.56 10.60 17.85
N ARG C 323 32.75 10.67 17.27
CA ARG C 323 33.98 10.22 17.91
C ARG C 323 34.73 11.36 18.57
N VAL C 324 34.12 12.54 18.71
CA VAL C 324 34.79 13.65 19.38
C VAL C 324 34.66 13.52 20.89
N ALA C 325 33.46 13.18 21.37
CA ALA C 325 33.31 12.88 22.79
C ALA C 325 34.14 11.67 23.18
N LEU C 326 34.18 10.65 22.31
CA LEU C 326 34.98 9.48 22.59
C LEU C 326 36.43 9.85 22.86
N ASP C 327 37.03 10.62 21.95
CA ASP C 327 38.41 11.05 22.13
C ASP C 327 38.55 12.04 23.29
N GLN C 328 37.48 12.74 23.67
CA GLN C 328 37.52 13.69 24.76
C GLN C 328 37.38 13.03 26.12
N LEU C 329 36.68 11.89 26.16
CA LEU C 329 36.39 11.22 27.44
C LEU C 329 37.61 10.96 28.30
N PRO C 330 38.76 10.52 27.77
CA PRO C 330 39.94 10.36 28.61
C PRO C 330 40.48 11.68 29.15
N HIS C 331 40.10 12.81 28.56
CA HIS C 331 40.57 14.12 28.99
C HIS C 331 39.59 14.83 29.92
N THR C 332 38.70 14.08 30.57
CA THR C 332 37.61 14.68 31.34
C THR C 332 37.92 14.68 32.84
N ARG C 333 37.05 15.36 33.60
CA ARG C 333 37.24 15.60 35.03
C ARG C 333 35.94 15.34 35.78
N THR C 334 36.04 14.57 36.88
CA THR C 334 34.86 14.23 37.67
C THR C 334 34.13 15.49 38.12
N GLN C 335 32.81 15.36 38.29
CA GLN C 335 31.96 16.53 38.48
C GLN C 335 31.98 17.02 39.92
N ASP C 336 31.88 18.35 40.07
CA ASP C 336 31.94 18.97 41.39
C ASP C 336 30.85 18.42 42.29
N TYR C 337 31.17 18.32 43.59
CA TYR C 337 30.19 17.79 44.53
C TYR C 337 28.98 18.72 44.64
N ALA C 338 29.21 20.03 44.60
CA ALA C 338 28.09 20.95 44.76
C ALA C 338 27.02 20.76 43.69
N ARG C 339 27.42 20.30 42.49
CA ARG C 339 26.44 20.09 41.42
C ARG C 339 25.69 18.77 41.57
N VAL C 340 26.43 17.65 41.64
CA VAL C 340 25.82 16.33 41.44
C VAL C 340 25.50 15.58 42.73
N PHE C 341 25.95 16.07 43.89
CA PHE C 341 25.70 15.35 45.14
C PHE C 341 24.91 16.14 46.17
N LEU C 342 25.02 17.46 46.18
CA LEU C 342 24.50 18.26 47.28
C LEU C 342 23.03 18.54 47.06
N PRO C 343 22.13 18.02 47.91
CA PRO C 343 20.69 18.24 47.68
C PRO C 343 20.37 19.71 47.56
N GLY C 344 19.78 20.08 46.41
CA GLY C 344 19.45 21.46 46.12
C GLY C 344 20.56 22.25 45.46
N GLY C 345 21.81 21.80 45.58
CA GLY C 345 22.93 22.50 45.01
C GLY C 345 22.70 22.86 43.56
N ASP C 346 22.54 21.84 42.72
CA ASP C 346 22.43 22.12 41.28
C ASP C 346 21.30 23.09 40.97
N ARG C 347 20.21 23.02 41.72
CA ARG C 347 19.10 23.95 41.49
C ARG C 347 19.53 25.38 41.78
N ILE C 348 20.22 25.58 42.91
CA ILE C 348 20.59 26.93 43.32
C ILE C 348 21.66 27.50 42.40
N ILE C 349 22.70 26.71 42.13
CA ILE C 349 23.74 27.14 41.19
C ILE C 349 23.13 27.53 39.85
N SER C 350 22.30 26.65 39.29
CA SER C 350 21.71 26.91 37.98
C SER C 350 20.93 28.21 37.98
N ALA C 351 20.17 28.46 39.05
CA ALA C 351 19.40 29.71 39.14
C ALA C 351 20.32 30.92 39.09
N GLY C 352 21.38 30.91 39.92
CA GLY C 352 22.30 32.03 39.93
C GLY C 352 22.94 32.25 38.57
N LEU C 353 23.41 31.18 37.94
CA LEU C 353 24.03 31.30 36.64
C LEU C 353 23.07 31.94 35.64
N GLU C 354 21.84 31.46 35.58
CA GLU C 354 20.89 32.04 34.64
C GLU C 354 20.60 33.49 34.96
N SER C 355 20.55 33.83 36.26
CA SER C 355 20.26 35.21 36.63
C SER C 355 21.37 36.15 36.16
N ILE C 356 22.63 35.72 36.26
CA ILE C 356 23.72 36.47 35.65
C ILE C 356 23.55 36.52 34.13
N GLY C 357 22.98 35.46 33.55
CA GLY C 357 22.83 35.38 32.11
C GLY C 357 21.82 36.34 31.53
N LEU C 358 20.55 36.21 31.94
CA LEU C 358 19.49 37.04 31.37
C LEU C 358 19.42 38.41 32.05
N ARG C 359 19.17 38.42 33.36
CA ARG C 359 19.01 39.65 34.12
C ARG C 359 20.32 40.38 34.36
N GLY C 360 21.45 39.87 33.86
CA GLY C 360 22.74 40.52 34.01
C GLY C 360 23.04 40.95 35.43
N ALA C 361 23.11 40.00 36.36
CA ALA C 361 23.42 40.31 37.75
C ALA C 361 24.93 40.24 37.98
N ASP C 362 25.36 40.87 39.08
CA ASP C 362 26.77 40.91 39.40
C ASP C 362 27.27 39.52 39.80
N VAL C 363 28.47 39.18 39.34
CA VAL C 363 28.99 37.82 39.50
C VAL C 363 29.41 37.57 40.94
N THR C 364 30.19 38.50 41.51
CA THR C 364 30.72 38.25 42.85
C THR C 364 29.59 38.09 43.87
N LYS C 365 28.59 38.99 43.85
CA LYS C 365 27.54 38.89 44.86
C LYS C 365 26.58 37.74 44.55
N THR C 366 26.25 37.52 43.28
CA THR C 366 25.43 36.37 42.93
C THR C 366 26.11 35.07 43.37
N PHE C 367 27.40 34.92 43.07
CA PHE C 367 28.14 33.77 43.55
C PHE C 367 28.26 33.77 45.06
N THR C 368 28.15 34.94 45.69
CA THR C 368 28.17 35.00 47.14
C THR C 368 26.86 34.47 47.72
N ASN C 369 25.73 34.91 47.18
CA ASN C 369 24.44 34.39 47.64
C ASN C 369 24.37 32.87 47.49
N ILE C 370 24.83 32.34 46.36
CA ILE C 370 24.85 30.90 46.20
C ILE C 370 25.80 30.27 47.21
N GLN C 371 26.94 30.92 47.46
CA GLN C 371 27.88 30.41 48.45
C GLN C 371 27.22 30.26 49.82
N LYS C 372 26.51 31.30 50.27
CA LYS C 372 25.87 31.25 51.58
C LYS C 372 24.82 30.15 51.66
N ARG C 373 24.03 29.98 50.59
CA ARG C 373 22.92 29.02 50.63
C ARG C 373 23.44 27.59 50.62
N LEU C 374 24.47 27.30 49.83
CA LEU C 374 25.02 25.96 49.80
C LEU C 374 25.76 25.63 51.10
N GLN C 375 26.30 26.63 51.79
CA GLN C 375 26.96 26.36 53.07
C GLN C 375 25.97 25.97 54.15
N VAL C 376 24.72 26.45 54.07
CA VAL C 376 23.72 26.05 55.04
C VAL C 376 23.26 24.63 54.79
N ILE C 377 23.13 24.25 53.51
CA ILE C 377 22.77 22.87 53.18
C ILE C 377 23.77 21.89 53.80
N LEU C 378 25.06 22.16 53.63
CA LEU C 378 26.08 21.24 54.13
C LEU C 378 26.08 21.18 55.65
N ASP C 379 26.08 22.35 56.31
CA ASP C 379 26.08 22.37 57.77
C ASP C 379 24.85 21.66 58.32
N ARG C 380 23.67 21.97 57.80
CA ARG C 380 22.46 21.34 58.29
C ARG C 380 22.36 19.87 57.90
N GLN C 381 23.20 19.40 56.98
CA GLN C 381 23.27 17.98 56.65
C GLN C 381 24.24 17.22 57.54
N ILE C 382 25.31 17.87 57.98
CA ILE C 382 26.24 17.25 58.92
C ILE C 382 25.63 17.22 60.31
N MET C 383 25.24 18.40 60.81
CA MET C 383 24.68 18.54 62.16
C MET C 383 23.29 19.16 62.05
N ARG C 384 22.27 18.41 62.45
CA ARG C 384 20.92 18.95 62.61
C ARG C 384 20.03 17.94 63.33
N GLY D 1 -7.09 -10.48 7.52
CA GLY D 1 -6.11 -9.53 8.05
C GLY D 1 -5.12 -10.18 9.00
N SER D 2 -4.10 -9.40 9.42
CA SER D 2 -3.01 -9.87 10.26
C SER D 2 -3.27 -9.48 11.72
N GLY D 3 -2.26 -9.68 12.57
CA GLY D 3 -2.38 -9.45 13.99
C GLY D 3 -2.89 -10.67 14.73
N PRO D 4 -3.45 -10.48 15.92
CA PRO D 4 -3.96 -11.64 16.68
C PRO D 4 -5.14 -12.30 15.97
N ILE D 5 -5.41 -13.53 16.37
CA ILE D 5 -6.56 -14.27 15.88
C ILE D 5 -7.83 -13.55 16.37
N ASP D 6 -8.62 -12.99 15.45
CA ASP D 6 -9.83 -12.26 15.82
C ASP D 6 -10.99 -13.25 15.93
N PHE D 7 -11.59 -13.34 17.12
CA PHE D 7 -12.72 -14.24 17.37
C PHE D 7 -13.99 -13.40 17.54
N TRP D 8 -14.89 -13.47 16.54
CA TRP D 8 -16.17 -12.76 16.59
C TRP D 8 -17.22 -13.65 17.23
N SER D 9 -17.82 -13.19 18.32
CA SER D 9 -18.84 -13.95 19.03
C SER D 9 -19.95 -13.01 19.46
N SER D 10 -21.13 -13.59 19.70
CA SER D 10 -22.19 -12.86 20.38
C SER D 10 -22.27 -13.21 21.87
N HIS D 11 -21.33 -14.00 22.38
CA HIS D 11 -21.36 -14.39 23.78
C HIS D 11 -22.69 -15.06 24.09
N PRO D 12 -23.13 -16.01 23.26
CA PRO D 12 -24.43 -16.64 23.49
C PRO D 12 -24.50 -17.26 24.88
N GLY D 13 -25.68 -17.19 25.49
CA GLY D 13 -25.82 -17.68 26.84
C GLY D 13 -24.94 -16.97 27.84
N GLN D 14 -24.65 -15.68 27.61
CA GLN D 14 -23.89 -14.87 28.57
C GLN D 14 -22.54 -15.50 28.89
N SER D 15 -21.79 -15.81 27.82
CA SER D 15 -20.58 -16.61 27.92
C SER D 15 -19.30 -15.79 27.79
N SER D 16 -19.37 -14.45 27.90
CA SER D 16 -18.18 -13.64 27.64
C SER D 16 -17.04 -13.97 28.62
N ALA D 17 -17.38 -14.23 29.89
CA ALA D 17 -16.34 -14.63 30.84
C ALA D 17 -15.81 -16.04 30.54
N ALA D 18 -16.70 -16.96 30.19
CA ALA D 18 -16.26 -18.31 29.81
C ALA D 18 -15.38 -18.26 28.57
N GLU D 19 -15.78 -17.51 27.54
CA GLU D 19 -14.96 -17.36 26.35
C GLU D 19 -13.60 -16.74 26.69
N ARG D 20 -13.58 -15.73 27.56
CA ARG D 20 -12.29 -15.15 27.96
C ARG D 20 -11.41 -16.16 28.69
N GLU D 21 -12.01 -17.04 29.51
CA GLU D 21 -11.21 -18.07 30.17
C GLU D 21 -10.66 -19.07 29.17
N LEU D 22 -11.47 -19.46 28.17
CA LEU D 22 -10.98 -20.34 27.12
C LEU D 22 -9.83 -19.70 26.35
N ILE D 23 -9.94 -18.41 26.05
CA ILE D 23 -8.84 -17.73 25.37
C ILE D 23 -7.59 -17.75 26.23
N GLY D 24 -7.74 -17.72 27.55
CA GLY D 24 -6.59 -17.81 28.42
C GLY D 24 -5.91 -19.16 28.35
N ARG D 25 -6.70 -20.24 28.30
CA ARG D 25 -6.14 -21.58 28.17
C ARG D 25 -5.44 -21.77 26.83
N PHE D 26 -6.08 -21.32 25.75
CA PHE D 26 -5.45 -21.41 24.43
C PHE D 26 -4.08 -20.74 24.44
N GLN D 27 -4.01 -19.53 25.00
CA GLN D 27 -2.74 -18.82 25.03
C GLN D 27 -1.74 -19.49 25.98
N ASP D 28 -2.21 -20.19 27.02
CA ASP D 28 -1.28 -20.99 27.82
C ASP D 28 -0.74 -22.16 27.03
N ARG D 29 -1.54 -22.72 26.12
CA ARG D 29 -1.12 -23.89 25.35
C ARG D 29 -0.25 -23.50 24.16
N PHE D 30 -0.49 -22.35 23.54
CA PHE D 30 0.29 -21.88 22.39
C PHE D 30 0.83 -20.49 22.73
N PRO D 31 1.92 -20.42 23.49
CA PRO D 31 2.46 -19.11 23.89
C PRO D 31 2.77 -18.20 22.72
N THR D 32 2.99 -18.73 21.51
CA THR D 32 3.31 -17.90 20.37
C THR D 32 2.09 -17.23 19.73
N LEU D 33 0.88 -17.53 20.19
CA LEU D 33 -0.34 -17.02 19.56
C LEU D 33 -1.12 -16.14 20.52
N SER D 34 -1.74 -15.09 19.98
CA SER D 34 -2.63 -14.20 20.71
C SER D 34 -4.03 -14.30 20.12
N VAL D 35 -5.05 -14.18 20.99
CA VAL D 35 -6.43 -14.19 20.54
C VAL D 35 -7.13 -12.96 21.09
N LYS D 36 -7.90 -12.29 20.22
CA LYS D 36 -8.69 -11.12 20.58
C LYS D 36 -10.15 -11.50 20.47
N LEU D 37 -10.84 -11.54 21.62
CA LEU D 37 -12.27 -11.81 21.65
C LEU D 37 -13.01 -10.53 21.29
N ILE D 38 -13.88 -10.60 20.29
CA ILE D 38 -14.59 -9.42 19.79
C ILE D 38 -16.09 -9.63 19.95
N ASP D 39 -16.74 -8.64 20.58
CA ASP D 39 -18.20 -8.60 20.72
C ASP D 39 -18.76 -8.14 19.38
N ALA D 40 -19.13 -9.10 18.54
CA ALA D 40 -19.50 -8.81 17.16
C ALA D 40 -21.00 -8.55 16.97
N GLY D 41 -21.79 -8.58 18.04
CA GLY D 41 -23.21 -8.39 17.96
C GLY D 41 -23.91 -9.00 19.15
N LYS D 42 -25.12 -8.51 19.40
CA LYS D 42 -25.87 -9.00 20.55
C LYS D 42 -26.48 -10.37 20.32
N ASP D 43 -26.66 -10.79 19.08
CA ASP D 43 -27.21 -12.10 18.77
C ASP D 43 -26.64 -12.58 17.44
N TYR D 44 -27.13 -13.74 16.98
CA TYR D 44 -26.58 -14.36 15.77
C TYR D 44 -26.80 -13.47 14.55
N ASP D 45 -27.99 -12.85 14.43
CA ASP D 45 -28.27 -11.93 13.33
C ASP D 45 -27.25 -10.80 13.26
N GLU D 46 -26.93 -10.18 14.40
CA GLU D 46 -26.01 -9.04 14.38
C GLU D 46 -24.61 -9.45 13.97
N VAL D 47 -24.14 -10.61 14.44
CA VAL D 47 -22.82 -11.10 14.02
C VAL D 47 -22.79 -11.30 12.51
N ALA D 48 -23.83 -11.94 11.98
CA ALA D 48 -23.86 -12.19 10.54
C ALA D 48 -23.92 -10.88 9.75
N GLN D 49 -24.74 -9.93 10.21
CA GLN D 49 -24.79 -8.61 9.58
C GLN D 49 -23.41 -7.97 9.57
N LYS D 50 -22.73 -7.95 10.71
CA LYS D 50 -21.37 -7.40 10.73
C LYS D 50 -20.44 -8.20 9.82
N PHE D 51 -20.60 -9.53 9.77
CA PHE D 51 -19.74 -10.35 8.92
C PHE D 51 -19.98 -10.03 7.44
N ASN D 52 -21.24 -9.94 7.02
CA ASN D 52 -21.53 -9.58 5.64
C ASN D 52 -20.89 -8.24 5.28
N ALA D 53 -21.07 -7.24 6.15
CA ALA D 53 -20.44 -5.94 5.94
C ALA D 53 -18.92 -6.07 5.79
N ALA D 54 -18.30 -6.93 6.58
CA ALA D 54 -16.85 -7.04 6.54
C ALA D 54 -16.36 -7.62 5.22
N LEU D 55 -17.10 -8.57 4.65
CA LEU D 55 -16.64 -9.27 3.46
C LEU D 55 -16.36 -8.34 2.28
N ILE D 56 -16.86 -7.10 2.31
CA ILE D 56 -16.56 -6.17 1.24
C ILE D 56 -15.09 -5.79 1.21
N GLY D 57 -14.40 -5.86 2.34
CA GLY D 57 -13.03 -5.35 2.43
C GLY D 57 -12.00 -6.38 2.83
N THR D 58 -10.83 -5.91 3.27
CA THR D 58 -9.72 -6.81 3.57
C THR D 58 -9.85 -7.44 4.94
N ASP D 59 -10.17 -6.66 5.96
CA ASP D 59 -10.12 -7.14 7.33
C ASP D 59 -11.34 -8.01 7.61
N VAL D 60 -11.14 -9.32 7.69
CA VAL D 60 -12.22 -10.22 8.11
C VAL D 60 -11.73 -11.00 9.33
N PRO D 61 -12.63 -11.42 10.22
CA PRO D 61 -12.20 -12.18 11.40
C PRO D 61 -11.59 -13.51 11.00
N ASP D 62 -10.71 -14.02 11.85
CA ASP D 62 -10.18 -15.37 11.63
C ASP D 62 -11.20 -16.43 11.99
N VAL D 63 -12.05 -16.16 12.97
CA VAL D 63 -13.01 -17.12 13.49
C VAL D 63 -14.31 -16.39 13.76
N VAL D 64 -15.41 -16.88 13.18
CA VAL D 64 -16.70 -16.19 13.23
C VAL D 64 -17.77 -17.19 13.65
N LEU D 65 -18.61 -16.79 14.60
CA LEU D 65 -19.72 -17.62 15.07
C LEU D 65 -20.92 -17.48 14.13
N LEU D 66 -21.36 -18.59 13.54
CA LEU D 66 -22.45 -18.59 12.57
C LEU D 66 -23.49 -19.63 12.97
N ASP D 67 -24.76 -19.22 13.04
CA ASP D 67 -25.77 -20.06 13.68
C ASP D 67 -26.38 -21.01 12.66
N ASP D 68 -27.44 -21.70 13.06
CA ASP D 68 -28.00 -22.79 12.26
C ASP D 68 -28.57 -22.33 10.94
N ARG D 69 -28.66 -21.03 10.70
CA ARG D 69 -29.09 -20.54 9.40
C ARG D 69 -28.02 -19.76 8.65
N TRP D 70 -27.18 -19.00 9.35
CA TRP D 70 -26.21 -18.18 8.64
C TRP D 70 -25.01 -18.98 8.12
N TRP D 71 -24.58 -20.03 8.84
CA TRP D 71 -23.51 -20.86 8.31
C TRP D 71 -23.83 -21.32 6.90
N PHE D 72 -25.07 -21.78 6.69
CA PHE D 72 -25.46 -22.29 5.38
C PHE D 72 -25.46 -21.17 4.36
N HIS D 73 -26.06 -20.03 4.71
CA HIS D 73 -26.11 -18.92 3.77
C HIS D 73 -24.71 -18.50 3.33
N PHE D 74 -23.76 -18.47 4.27
CA PHE D 74 -22.41 -18.02 3.93
C PHE D 74 -21.60 -19.13 3.26
N ALA D 75 -21.80 -20.38 3.68
CA ALA D 75 -21.14 -21.49 3.00
C ALA D 75 -21.49 -21.52 1.52
N LEU D 76 -22.77 -21.32 1.19
CA LEU D 76 -23.17 -21.37 -0.21
C LEU D 76 -22.74 -20.14 -0.98
N SER D 77 -22.50 -19.03 -0.30
CA SER D 77 -21.93 -17.86 -0.96
C SER D 77 -20.48 -18.09 -1.38
N GLY D 78 -19.87 -19.19 -0.93
CA GLY D 78 -18.47 -19.43 -1.20
C GLY D 78 -17.49 -18.61 -0.37
N VAL D 79 -17.94 -18.01 0.74
CA VAL D 79 -17.04 -17.20 1.55
C VAL D 79 -16.51 -17.93 2.77
N LEU D 80 -16.86 -19.21 2.95
CA LEU D 80 -16.38 -19.98 4.09
C LEU D 80 -15.38 -21.02 3.63
N THR D 81 -14.35 -21.23 4.45
CA THR D 81 -13.35 -22.25 4.14
C THR D 81 -13.92 -23.64 4.36
N ALA D 82 -13.74 -24.51 3.36
CA ALA D 82 -13.95 -25.94 3.58
C ALA D 82 -12.83 -26.48 4.48
N LEU D 83 -13.21 -27.11 5.59
CA LEU D 83 -12.29 -27.39 6.68
C LEU D 83 -11.71 -28.80 6.65
N ASP D 84 -12.15 -29.65 5.73
CA ASP D 84 -11.82 -31.07 5.81
C ASP D 84 -10.32 -31.31 5.65
N ASP D 85 -9.71 -30.71 4.63
CA ASP D 85 -8.26 -30.84 4.49
C ASP D 85 -7.54 -30.26 5.71
N LEU D 86 -8.02 -29.13 6.24
CA LEU D 86 -7.37 -28.52 7.40
C LEU D 86 -7.49 -29.40 8.64
N PHE D 87 -8.61 -30.12 8.79
CA PHE D 87 -8.77 -31.04 9.92
C PHE D 87 -7.56 -31.95 10.07
N GLY D 88 -7.32 -32.79 9.06
CA GLY D 88 -6.17 -33.67 9.14
C GLY D 88 -4.86 -32.92 9.18
N GLN D 89 -4.76 -31.83 8.41
CA GLN D 89 -3.55 -31.04 8.31
C GLN D 89 -3.16 -30.40 9.64
N VAL D 90 -4.06 -30.38 10.63
CA VAL D 90 -3.76 -29.81 11.94
C VAL D 90 -3.82 -30.84 13.05
N GLY D 91 -4.25 -32.07 12.78
CA GLY D 91 -4.32 -33.09 13.80
C GLY D 91 -5.57 -33.09 14.65
N VAL D 92 -6.64 -32.42 14.20
CA VAL D 92 -7.89 -32.45 14.95
C VAL D 92 -8.46 -33.87 14.94
N ASP D 93 -9.09 -34.26 16.04
CA ASP D 93 -9.70 -35.58 16.18
C ASP D 93 -11.16 -35.49 15.76
N THR D 94 -11.36 -35.48 14.43
CA THR D 94 -12.68 -35.25 13.85
C THR D 94 -13.71 -36.26 14.36
N THR D 95 -13.32 -37.55 14.40
CA THR D 95 -14.27 -38.59 14.80
C THR D 95 -14.76 -38.44 16.23
N ASP D 96 -14.13 -37.59 17.04
CA ASP D 96 -14.48 -37.41 18.45
C ASP D 96 -15.54 -36.34 18.66
N TYR D 97 -15.97 -35.67 17.59
CA TYR D 97 -17.10 -34.78 17.65
C TYR D 97 -18.40 -35.57 17.50
N VAL D 98 -19.43 -35.17 18.26
CA VAL D 98 -20.74 -35.79 18.09
C VAL D 98 -21.12 -35.73 16.62
N ASP D 99 -21.48 -36.88 16.04
CA ASP D 99 -21.69 -36.94 14.60
C ASP D 99 -22.79 -35.98 14.15
N SER D 100 -23.95 -36.04 14.80
CA SER D 100 -25.06 -35.17 14.41
C SER D 100 -24.64 -33.70 14.43
N LEU D 101 -23.90 -33.27 15.46
CA LEU D 101 -23.52 -31.88 15.57
C LEU D 101 -22.45 -31.46 14.57
N LEU D 102 -21.61 -32.40 14.14
CA LEU D 102 -20.63 -32.06 13.12
C LEU D 102 -21.26 -32.09 11.73
N ALA D 103 -22.08 -33.11 11.45
CA ALA D 103 -22.81 -33.21 10.19
C ALA D 103 -23.72 -32.03 9.93
N ASP D 104 -24.03 -31.20 10.94
CA ASP D 104 -24.89 -30.04 10.71
C ASP D 104 -24.26 -28.99 9.80
N TYR D 105 -22.93 -29.02 9.63
CA TYR D 105 -22.21 -28.03 8.84
C TYR D 105 -21.60 -28.63 7.57
N GLU D 106 -22.07 -29.80 7.17
CA GLU D 106 -21.59 -30.42 5.95
C GLU D 106 -22.50 -30.03 4.80
N PHE D 107 -21.91 -29.60 3.69
CA PHE D 107 -22.66 -29.28 2.49
C PHE D 107 -21.90 -29.84 1.30
N ASN D 108 -22.60 -30.53 0.41
CA ASN D 108 -22.03 -30.97 -0.85
C ASN D 108 -20.74 -31.76 -0.63
N GLY D 109 -20.59 -32.36 0.56
CA GLY D 109 -19.46 -33.23 0.87
C GLY D 109 -18.41 -32.66 1.79
N ARG D 110 -18.42 -31.36 2.08
CA ARG D 110 -17.37 -30.77 2.90
C ARG D 110 -17.98 -30.01 4.07
N HIS D 111 -17.17 -29.82 5.12
CA HIS D 111 -17.60 -29.14 6.34
C HIS D 111 -17.10 -27.71 6.35
N TYR D 112 -17.97 -26.80 6.79
CA TYR D 112 -17.66 -25.38 6.77
C TYR D 112 -17.72 -24.72 8.14
N ALA D 113 -17.89 -25.50 9.20
CA ALA D 113 -17.81 -24.98 10.56
C ALA D 113 -17.78 -26.16 11.53
N VAL D 114 -17.51 -25.85 12.80
CA VAL D 114 -17.36 -26.84 13.85
C VAL D 114 -18.38 -26.51 14.94
N PRO D 115 -19.12 -27.47 15.47
CA PRO D 115 -20.12 -27.16 16.49
C PRO D 115 -19.49 -26.53 17.71
N TYR D 116 -20.12 -25.49 18.23
CA TYR D 116 -19.55 -24.68 19.30
C TYR D 116 -20.58 -24.46 20.42
N ALA D 117 -21.63 -23.69 20.13
CA ALA D 117 -22.71 -23.40 21.06
C ALA D 117 -23.97 -24.10 20.54
N ARG D 118 -24.13 -25.37 20.92
CA ARG D 118 -25.18 -26.24 20.38
C ARG D 118 -26.24 -26.54 21.43
N SER D 119 -27.50 -26.60 20.99
CA SER D 119 -28.64 -26.63 21.90
C SER D 119 -29.67 -27.65 21.47
N THR D 120 -30.61 -27.88 22.37
CA THR D 120 -31.98 -28.29 22.08
C THR D 120 -32.86 -27.31 22.85
N PRO D 121 -34.12 -27.17 22.46
CA PRO D 121 -35.08 -26.50 23.34
C PRO D 121 -35.33 -27.33 24.59
N LEU D 122 -35.70 -26.65 25.67
CA LEU D 122 -36.08 -27.30 26.89
C LEU D 122 -37.42 -26.76 27.37
N PHE D 123 -38.21 -27.62 28.00
CA PHE D 123 -39.46 -27.19 28.61
C PHE D 123 -39.16 -26.78 30.05
N TYR D 124 -38.96 -25.48 30.26
CA TYR D 124 -38.71 -24.93 31.59
C TYR D 124 -40.02 -24.78 32.34
N TYR D 125 -40.09 -25.27 33.58
CA TYR D 125 -41.30 -25.08 34.35
C TYR D 125 -40.98 -24.71 35.79
N ASN D 126 -41.92 -24.00 36.39
CA ASN D 126 -41.81 -23.44 37.72
C ASN D 126 -42.43 -24.42 38.73
N ALA D 128 -42.89 -24.42 41.92
CA ALA D 128 -43.81 -23.82 42.87
C ALA D 128 -45.20 -23.67 42.25
N ALA D 129 -45.27 -23.07 41.06
CA ALA D 129 -46.56 -22.98 40.38
C ALA D 129 -47.09 -24.37 40.03
N TRP D 130 -46.18 -25.29 39.68
CA TRP D 130 -46.58 -26.65 39.37
C TRP D 130 -47.24 -27.33 40.58
N GLN D 131 -46.61 -27.21 41.75
CA GLN D 131 -47.19 -27.81 42.95
C GLN D 131 -48.57 -27.23 43.24
N GLN D 132 -48.69 -25.89 43.21
CA GLN D 132 -49.98 -25.26 43.46
C GLN D 132 -51.03 -25.74 42.49
N ALA D 133 -50.64 -26.02 41.25
CA ALA D 133 -51.59 -26.50 40.25
C ALA D 133 -52.02 -27.96 40.48
N GLY D 134 -51.38 -28.66 41.41
CA GLY D 134 -51.63 -30.07 41.63
C GLY D 134 -50.99 -31.00 40.62
N LEU D 135 -50.01 -30.52 39.82
CA LEU D 135 -49.39 -31.28 38.73
C LEU D 135 -48.22 -32.12 39.25
N PRO D 136 -47.93 -33.24 38.60
CA PRO D 136 -46.73 -33.99 38.93
C PRO D 136 -45.47 -33.23 38.55
N ASP D 137 -44.37 -33.56 39.22
CA ASP D 137 -43.10 -32.87 39.04
C ASP D 137 -42.44 -33.39 37.77
N ARG D 138 -42.89 -32.86 36.63
CA ARG D 138 -42.38 -33.27 35.32
C ARG D 138 -43.01 -32.39 34.26
N GLY D 139 -42.39 -32.39 33.07
CA GLY D 139 -42.97 -31.75 31.92
C GLY D 139 -44.14 -32.54 31.39
N PRO D 140 -44.91 -31.97 30.46
CA PRO D 140 -46.06 -32.68 29.91
C PRO D 140 -45.64 -33.74 28.91
N GLN D 141 -46.31 -34.89 28.94
CA GLN D 141 -46.01 -36.00 28.02
C GLN D 141 -46.44 -35.69 26.60
N SER D 142 -47.58 -35.04 26.42
CA SER D 142 -48.04 -34.55 25.13
C SER D 142 -48.45 -33.09 25.25
N TRP D 143 -48.69 -32.45 24.10
CA TRP D 143 -49.09 -31.05 24.13
C TRP D 143 -50.57 -30.91 24.47
N SER D 144 -51.41 -31.84 24.01
CA SER D 144 -52.78 -31.86 24.47
C SER D 144 -52.83 -31.96 25.99
N GLU D 145 -51.93 -32.75 26.58
CA GLU D 145 -51.91 -32.83 28.05
C GLU D 145 -51.62 -31.49 28.66
N PHE D 146 -50.67 -30.74 28.09
CA PHE D 146 -50.39 -29.42 28.62
C PHE D 146 -51.54 -28.45 28.40
N ASP D 147 -52.39 -28.70 27.40
CA ASP D 147 -53.52 -27.80 27.20
C ASP D 147 -54.54 -27.90 28.32
N GLU D 148 -54.59 -29.05 29.01
CA GLU D 148 -55.40 -29.13 30.22
C GLU D 148 -54.69 -28.46 31.40
N TRP D 149 -53.37 -28.68 31.53
CA TRP D 149 -52.62 -28.04 32.60
C TRP D 149 -52.77 -26.53 32.56
N GLY D 150 -52.77 -25.94 31.35
CA GLY D 150 -52.75 -24.52 31.15
C GLY D 150 -53.76 -23.76 31.97
N PRO D 151 -55.04 -24.09 31.80
CA PRO D 151 -56.07 -23.42 32.61
C PRO D 151 -55.83 -23.52 34.11
N GLU D 152 -55.26 -24.62 34.59
CA GLU D 152 -54.99 -24.74 36.03
C GLU D 152 -53.82 -23.87 36.46
N LEU D 153 -52.75 -23.85 35.67
CA LEU D 153 -51.62 -22.97 35.99
C LEU D 153 -52.02 -21.50 35.96
N GLN D 154 -52.94 -21.13 35.08
CA GLN D 154 -53.31 -19.72 34.94
C GLN D 154 -54.05 -19.22 36.19
N ARG D 155 -54.94 -20.05 36.75
CA ARG D 155 -55.61 -19.67 37.99
C ARG D 155 -54.63 -19.58 39.17
N VAL D 156 -53.60 -20.41 39.16
CA VAL D 156 -52.61 -20.35 40.24
C VAL D 156 -51.84 -19.05 40.19
N VAL D 157 -51.26 -18.72 39.03
CA VAL D 157 -50.34 -17.58 38.96
C VAL D 157 -51.09 -16.26 39.05
N GLY D 158 -52.27 -16.17 38.45
CA GLY D 158 -53.09 -14.98 38.56
C GLY D 158 -52.83 -13.94 37.49
N ALA D 159 -53.50 -12.80 37.64
CA ALA D 159 -53.40 -11.72 36.67
C ALA D 159 -51.99 -11.16 36.61
N GLY D 160 -51.69 -10.48 35.50
CA GLY D 160 -50.35 -10.00 35.21
C GLY D 160 -49.34 -11.07 34.89
N ARG D 161 -49.69 -12.34 35.04
CA ARG D 161 -48.80 -13.45 34.78
C ARG D 161 -49.48 -14.40 33.79
N SER D 162 -48.72 -15.39 33.33
CA SER D 162 -49.23 -16.35 32.36
C SER D 162 -48.72 -17.75 32.71
N ALA D 163 -49.52 -18.75 32.35
CA ALA D 163 -49.11 -20.13 32.60
C ALA D 163 -47.98 -20.57 31.68
N HIS D 164 -47.88 -19.95 30.51
CA HIS D 164 -46.89 -20.34 29.52
C HIS D 164 -46.60 -19.15 28.63
N GLY D 165 -45.33 -18.96 28.29
CA GLY D 165 -44.91 -17.90 27.39
C GLY D 165 -44.33 -18.51 26.12
N TRP D 166 -44.73 -17.94 24.99
CA TRP D 166 -44.18 -18.30 23.68
C TRP D 166 -43.19 -17.23 23.26
N ALA D 167 -42.08 -17.67 22.65
CA ALA D 167 -41.12 -16.72 22.11
C ALA D 167 -41.77 -15.82 21.06
N ASN D 168 -41.29 -14.58 20.97
CA ASN D 168 -41.74 -13.67 19.92
C ASN D 168 -40.96 -13.97 18.65
N ALA D 169 -40.95 -13.04 17.70
CA ALA D 169 -40.43 -13.34 16.36
C ALA D 169 -38.94 -13.70 16.36
N ASP D 170 -38.21 -13.32 17.40
CA ASP D 170 -36.77 -13.59 17.44
C ASP D 170 -36.45 -15.08 17.56
N LEU D 171 -37.37 -15.90 18.06
CA LEU D 171 -37.07 -17.32 18.27
C LEU D 171 -38.24 -18.27 18.02
N ILE D 172 -39.45 -17.76 17.73
CA ILE D 172 -40.64 -18.60 17.73
C ILE D 172 -40.52 -19.72 16.70
N SER D 173 -40.04 -19.40 15.49
CA SER D 173 -39.94 -20.43 14.46
C SER D 173 -39.10 -21.62 14.95
N TRP D 174 -38.18 -21.40 15.86
CA TRP D 174 -37.39 -22.51 16.37
C TRP D 174 -38.13 -23.26 17.47
N THR D 175 -38.66 -22.53 18.47
CA THR D 175 -39.33 -23.22 19.59
C THR D 175 -40.64 -23.85 19.16
N PHE D 176 -41.32 -23.29 18.16
CA PHE D 176 -42.56 -23.88 17.68
C PHE D 176 -42.32 -25.11 16.80
N GLN D 177 -41.09 -25.28 16.31
CA GLN D 177 -40.79 -26.34 15.34
C GLN D 177 -41.00 -27.72 15.94
N GLY D 178 -40.68 -27.91 17.21
CA GLY D 178 -40.80 -29.20 17.85
C GLY D 178 -42.23 -29.65 18.07
N PRO D 179 -43.03 -28.81 18.74
CA PRO D 179 -44.45 -29.16 18.91
C PRO D 179 -45.21 -29.30 17.60
N ASN D 180 -44.84 -28.53 16.57
CA ASN D 180 -45.42 -28.74 15.25
C ASN D 180 -45.15 -30.15 14.76
N TRP D 181 -43.91 -30.61 14.92
CA TRP D 181 -43.57 -32.01 14.61
C TRP D 181 -44.38 -32.97 15.48
N ALA D 182 -44.52 -32.67 16.79
CA ALA D 182 -45.25 -33.56 17.67
C ALA D 182 -46.69 -33.78 17.20
N PHE D 183 -47.31 -32.75 16.61
CA PHE D 183 -48.66 -32.87 16.08
C PHE D 183 -48.74 -33.65 14.77
N GLY D 184 -47.61 -33.93 14.14
CA GLY D 184 -47.57 -34.56 12.84
C GLY D 184 -47.28 -33.63 11.67
N GLY D 185 -46.99 -32.35 11.95
CA GLY D 185 -46.79 -31.37 10.92
C GLY D 185 -45.31 -31.02 10.73
N ALA D 186 -45.09 -29.99 9.92
CA ALA D 186 -43.75 -29.51 9.60
C ALA D 186 -43.89 -28.30 8.68
N TYR D 187 -42.87 -27.43 8.70
CA TYR D 187 -42.83 -26.33 7.73
C TYR D 187 -42.57 -26.83 6.33
N SER D 188 -41.76 -27.88 6.19
CA SER D 188 -41.40 -28.40 4.87
C SER D 188 -40.86 -29.81 5.03
N ASP D 189 -41.13 -30.65 4.03
CA ASP D 189 -40.52 -31.96 3.90
C ASP D 189 -39.46 -31.82 2.81
N LYS D 190 -38.23 -31.52 3.22
CA LYS D 190 -37.23 -31.12 2.26
C LYS D 190 -37.68 -29.82 1.60
N TRP D 191 -37.83 -29.80 0.28
CA TRP D 191 -38.25 -28.57 -0.39
C TRP D 191 -39.76 -28.51 -0.59
N THR D 192 -40.47 -29.59 -0.30
CA THR D 192 -41.93 -29.56 -0.31
C THR D 192 -42.43 -28.77 0.89
N LEU D 193 -43.13 -27.66 0.64
CA LEU D 193 -43.74 -26.92 1.73
C LEU D 193 -44.95 -27.69 2.27
N THR D 194 -45.20 -27.54 3.58
CA THR D 194 -46.28 -28.29 4.21
C THR D 194 -46.99 -27.49 5.29
N LEU D 195 -46.97 -26.16 5.20
CA LEU D 195 -47.61 -25.33 6.19
C LEU D 195 -49.14 -25.33 6.09
N THR D 196 -49.70 -25.77 4.96
CA THR D 196 -51.14 -25.83 4.79
C THR D 196 -51.69 -27.24 4.96
N GLU D 197 -50.84 -28.19 5.38
CA GLU D 197 -51.32 -29.54 5.66
C GLU D 197 -52.17 -29.57 6.92
N PRO D 198 -52.98 -30.62 7.12
CA PRO D 198 -53.85 -30.65 8.30
C PRO D 198 -53.09 -30.70 9.61
N ALA D 199 -51.96 -31.41 9.65
CA ALA D 199 -51.18 -31.50 10.89
C ALA D 199 -50.55 -30.16 11.26
N THR D 200 -50.01 -29.44 10.26
CA THR D 200 -49.39 -28.14 10.56
C THR D 200 -50.44 -27.15 11.07
N ILE D 201 -51.58 -27.06 10.39
CA ILE D 201 -52.65 -26.19 10.84
C ILE D 201 -53.04 -26.52 12.28
N ALA D 202 -53.24 -27.80 12.56
CA ALA D 202 -53.64 -28.22 13.91
C ALA D 202 -52.64 -27.72 14.95
N ALA D 203 -51.35 -27.92 14.70
CA ALA D 203 -50.33 -27.36 15.58
C ALA D 203 -50.49 -25.84 15.70
N GLY D 204 -50.72 -25.17 14.58
CA GLY D 204 -50.93 -23.73 14.63
C GLY D 204 -52.14 -23.34 15.46
N ASN D 205 -53.20 -24.16 15.43
CA ASN D 205 -54.39 -23.85 16.19
C ASN D 205 -54.15 -23.98 17.68
N PHE D 206 -53.40 -25.02 18.10
CA PHE D 206 -53.07 -25.18 19.51
C PHE D 206 -52.25 -24.00 20.03
N TYR D 207 -51.34 -23.48 19.20
CA TYR D 207 -50.52 -22.34 19.61
C TYR D 207 -51.36 -21.07 19.69
N ARG D 208 -52.24 -20.84 18.71
CA ARG D 208 -53.13 -19.69 18.80
C ARG D 208 -54.12 -19.83 19.95
N ASN D 209 -54.72 -21.02 20.09
CA ASN D 209 -55.77 -21.20 21.08
C ASN D 209 -55.26 -20.98 22.50
N SER D 210 -54.05 -21.46 22.81
CA SER D 210 -53.51 -21.28 24.14
C SER D 210 -53.33 -19.82 24.50
N ILE D 211 -53.27 -18.93 23.52
CA ILE D 211 -53.16 -17.50 23.80
C ILE D 211 -54.52 -16.82 23.82
N HIS D 212 -55.39 -17.13 22.86
CA HIS D 212 -56.63 -16.38 22.67
C HIS D 212 -57.89 -17.16 23.01
N GLY D 213 -57.87 -18.48 22.91
CA GLY D 213 -58.99 -19.29 23.35
C GLY D 213 -59.06 -19.40 24.85
N LYS D 214 -58.21 -20.27 25.42
CA LYS D 214 -58.20 -20.49 26.86
C LYS D 214 -57.43 -19.42 27.62
N GLY D 215 -56.57 -18.66 26.95
CA GLY D 215 -55.96 -17.49 27.56
C GLY D 215 -54.95 -17.76 28.64
N TYR D 216 -54.26 -18.90 28.60
CA TYR D 216 -53.29 -19.22 29.64
C TYR D 216 -51.86 -18.97 29.19
N ALA D 217 -51.62 -18.67 27.93
CA ALA D 217 -50.30 -18.39 27.41
C ALA D 217 -50.22 -16.96 26.89
N ALA D 218 -49.00 -16.52 26.59
CA ALA D 218 -48.78 -15.18 26.06
C ALA D 218 -47.47 -15.16 25.29
N VAL D 219 -47.32 -14.13 24.45
CA VAL D 219 -46.10 -13.92 23.68
C VAL D 219 -45.14 -13.08 24.52
N ALA D 220 -44.03 -13.68 24.93
CA ALA D 220 -43.06 -13.02 25.78
C ALA D 220 -42.04 -12.25 24.95
N ASN D 221 -41.52 -11.16 25.53
CA ASN D 221 -40.46 -10.41 24.87
C ASN D 221 -39.10 -11.10 25.06
N ASP D 222 -38.61 -11.15 26.29
CA ASP D 222 -37.41 -11.91 26.64
C ASP D 222 -37.88 -13.12 27.42
N ILE D 223 -37.99 -14.26 26.74
CA ILE D 223 -38.69 -15.40 27.33
C ILE D 223 -37.92 -15.91 28.54
N ALA D 224 -36.60 -16.10 28.41
CA ALA D 224 -35.82 -16.63 29.52
C ALA D 224 -36.01 -15.77 30.77
N ASN D 225 -35.86 -14.45 30.63
CA ASN D 225 -35.96 -13.59 31.78
C ASN D 225 -37.37 -13.58 32.35
N GLU D 226 -38.38 -13.52 31.48
CA GLU D 226 -39.75 -13.46 32.00
C GLU D 226 -40.13 -14.75 32.71
N PHE D 227 -39.60 -15.90 32.27
CA PHE D 227 -39.78 -17.10 33.06
C PHE D 227 -38.99 -17.03 34.37
N ALA D 228 -37.76 -16.52 34.33
CA ALA D 228 -36.90 -16.52 35.51
C ALA D 228 -37.41 -15.56 36.58
N THR D 229 -38.02 -14.43 36.18
CA THR D 229 -38.66 -13.53 37.13
C THR D 229 -40.03 -14.02 37.56
N GLY D 230 -40.49 -15.16 37.05
CA GLY D 230 -41.75 -15.73 37.45
C GLY D 230 -42.99 -15.22 36.73
N ILE D 231 -42.83 -14.36 35.73
CA ILE D 231 -44.00 -13.93 34.97
C ILE D 231 -44.64 -15.10 34.24
N LEU D 232 -43.82 -16.04 33.77
CA LEU D 232 -44.27 -17.20 33.01
C LEU D 232 -44.06 -18.46 33.84
N ALA D 233 -45.14 -19.20 34.10
CA ALA D 233 -44.99 -20.45 34.82
C ALA D 233 -44.18 -21.48 34.05
N SER D 234 -44.00 -21.30 32.74
CA SER D 234 -43.23 -22.24 31.93
C SER D 234 -43.04 -21.65 30.53
N ALA D 235 -42.10 -22.23 29.81
CA ALA D 235 -41.74 -21.70 28.51
C ALA D 235 -40.79 -22.66 27.84
N VAL D 236 -40.88 -22.73 26.51
CA VAL D 236 -39.89 -23.42 25.70
C VAL D 236 -38.83 -22.40 25.31
N ALA D 237 -37.62 -22.59 25.80
CA ALA D 237 -36.48 -21.74 25.46
C ALA D 237 -35.26 -22.64 25.29
N SER D 238 -34.12 -22.04 24.97
CA SER D 238 -32.94 -22.83 24.67
C SER D 238 -32.25 -23.32 25.93
N THR D 239 -31.66 -24.51 25.85
CA THR D 239 -30.81 -24.96 26.95
C THR D 239 -29.65 -24.00 27.17
N GLY D 240 -29.24 -23.27 26.12
CA GLY D 240 -28.19 -22.27 26.27
C GLY D 240 -28.48 -21.24 27.34
N SER D 241 -29.75 -21.07 27.71
CA SER D 241 -30.14 -20.09 28.72
C SER D 241 -30.19 -20.67 30.13
N LEU D 242 -29.87 -21.96 30.32
CA LEU D 242 -30.09 -22.58 31.63
C LEU D 242 -29.29 -21.90 32.72
N ALA D 243 -27.97 -21.76 32.53
CA ALA D 243 -27.15 -21.10 33.54
C ALA D 243 -27.73 -19.74 33.90
N GLY D 244 -28.13 -18.96 32.89
CA GLY D 244 -28.75 -17.68 33.18
C GLY D 244 -30.04 -17.83 33.97
N ILE D 245 -30.87 -18.79 33.59
CA ILE D 245 -32.13 -18.96 34.30
C ILE D 245 -31.87 -19.43 35.73
N THR D 246 -30.85 -20.27 35.91
CA THR D 246 -30.50 -20.76 37.24
C THR D 246 -30.07 -19.62 38.15
N ALA D 247 -29.23 -18.70 37.64
CA ALA D 247 -28.83 -17.56 38.44
C ALA D 247 -30.03 -16.73 38.86
N SER D 248 -30.92 -16.43 37.91
CA SER D 248 -31.94 -15.41 38.11
C SER D 248 -33.19 -15.93 38.84
N ALA D 249 -33.51 -17.21 38.73
CA ALA D 249 -34.79 -17.69 39.25
C ALA D 249 -34.79 -17.66 40.78
N ARG D 250 -35.85 -17.13 41.37
CA ARG D 250 -36.01 -17.11 42.83
C ARG D 250 -37.01 -18.16 43.31
N PHE D 251 -36.97 -19.33 42.69
CA PHE D 251 -37.88 -20.44 42.98
C PHE D 251 -37.24 -21.69 42.42
N ASP D 252 -37.78 -22.85 42.78
CA ASP D 252 -37.34 -24.10 42.19
C ASP D 252 -38.01 -24.29 40.84
N PHE D 253 -37.21 -24.71 39.85
CA PHE D 253 -37.74 -24.94 38.52
C PHE D 253 -37.18 -26.24 37.96
N GLY D 254 -37.89 -26.80 36.98
CA GLY D 254 -37.40 -27.94 36.27
C GLY D 254 -37.20 -27.62 34.81
N ALA D 255 -36.33 -28.37 34.14
CA ALA D 255 -36.20 -28.32 32.69
C ALA D 255 -36.51 -29.72 32.17
N ALA D 256 -37.57 -29.83 31.38
CA ALA D 256 -38.00 -31.11 30.83
C ALA D 256 -37.69 -31.21 29.35
N PRO D 257 -37.59 -32.43 28.82
CA PRO D 257 -37.56 -32.59 27.36
C PRO D 257 -38.92 -32.26 26.76
N LEU D 258 -38.90 -31.95 25.48
CA LEU D 258 -40.13 -31.57 24.80
C LEU D 258 -41.09 -32.75 24.72
N PRO D 259 -42.39 -32.49 24.66
CA PRO D 259 -43.35 -33.58 24.45
C PRO D 259 -43.05 -34.32 23.16
N THR D 260 -43.00 -35.65 23.26
CA THR D 260 -42.78 -36.50 22.09
C THR D 260 -43.98 -36.46 21.15
N GLY D 261 -43.82 -37.08 19.99
CA GLY D 261 -44.87 -37.19 19.01
C GLY D 261 -45.60 -38.52 19.09
N PRO D 262 -46.02 -39.05 17.95
CA PRO D 262 -46.74 -40.33 17.95
C PRO D 262 -45.80 -41.48 18.23
N ASP D 263 -46.19 -42.34 19.18
CA ASP D 263 -45.35 -43.46 19.61
C ASP D 263 -43.93 -43.01 19.91
N ALA D 264 -43.78 -41.78 20.43
CA ALA D 264 -42.49 -41.24 20.83
C ALA D 264 -41.63 -40.85 19.64
N ALA D 265 -42.24 -40.39 18.55
CA ALA D 265 -41.47 -39.95 17.40
C ALA D 265 -40.64 -38.71 17.75
N PRO D 266 -39.52 -38.49 17.06
CA PRO D 266 -38.69 -37.31 17.36
C PRO D 266 -39.42 -36.02 17.05
N ALA D 267 -39.56 -35.16 18.06
CA ALA D 267 -40.23 -33.87 17.94
C ALA D 267 -39.41 -32.78 18.64
N CYS D 268 -38.10 -32.76 18.38
CA CYS D 268 -37.24 -31.76 19.03
C CYS D 268 -36.06 -31.46 18.12
N PRO D 269 -35.83 -30.19 17.78
CA PRO D 269 -34.66 -29.83 16.97
C PRO D 269 -33.44 -29.55 17.83
N THR D 270 -32.29 -29.59 17.16
CA THR D 270 -31.14 -28.91 17.70
C THR D 270 -31.11 -27.47 17.18
N GLY D 271 -30.21 -26.68 17.74
CA GLY D 271 -30.00 -25.33 17.31
C GLY D 271 -28.66 -24.84 17.78
N GLY D 272 -28.46 -23.53 17.70
CA GLY D 272 -27.18 -22.96 18.09
C GLY D 272 -26.32 -22.54 16.92
N ALA D 273 -25.01 -22.58 17.10
CA ALA D 273 -24.10 -22.01 16.12
C ALA D 273 -22.76 -22.72 16.20
N GLY D 274 -22.07 -22.77 15.05
CA GLY D 274 -20.73 -23.29 14.96
C GLY D 274 -19.74 -22.19 14.58
N LEU D 275 -18.45 -22.53 14.68
CA LEU D 275 -17.36 -21.61 14.38
C LEU D 275 -16.83 -21.90 12.97
N ALA D 276 -16.59 -20.83 12.20
CA ALA D 276 -16.19 -20.97 10.82
C ALA D 276 -15.03 -20.03 10.50
N ILE D 277 -14.31 -20.32 9.43
CA ILE D 277 -13.13 -19.59 9.01
C ILE D 277 -13.36 -18.94 7.65
N PRO D 278 -13.44 -17.61 7.56
CA PRO D 278 -13.65 -16.96 6.26
C PRO D 278 -12.68 -17.46 5.20
N ALA D 279 -13.19 -17.62 3.97
CA ALA D 279 -12.39 -18.13 2.88
C ALA D 279 -11.31 -17.14 2.45
N LYS D 280 -11.58 -15.84 2.56
CA LYS D 280 -10.63 -14.81 2.11
C LYS D 280 -9.57 -14.51 3.16
N LEU D 281 -9.16 -15.52 3.91
CA LEU D 281 -8.14 -15.39 4.93
C LEU D 281 -6.86 -16.05 4.43
N SER D 282 -5.72 -15.59 4.97
CA SER D 282 -4.44 -16.15 4.58
C SER D 282 -4.35 -17.63 4.93
N GLU D 283 -3.40 -18.33 4.30
CA GLU D 283 -3.25 -19.76 4.52
C GLU D 283 -2.59 -20.08 5.85
N GLU D 284 -1.58 -19.29 6.25
CA GLU D 284 -1.01 -19.48 7.58
C GLU D 284 -2.01 -19.13 8.67
N ARG D 285 -2.89 -18.15 8.41
CA ARG D 285 -3.90 -17.79 9.40
C ARG D 285 -4.97 -18.86 9.50
N LYS D 286 -5.35 -19.48 8.37
CA LYS D 286 -6.38 -20.50 8.44
C LYS D 286 -5.95 -21.68 9.30
N VAL D 287 -4.65 -22.00 9.31
CA VAL D 287 -4.17 -23.08 10.17
C VAL D 287 -4.28 -22.70 11.64
N ASN D 288 -3.97 -21.44 11.97
CA ASN D 288 -4.05 -21.01 13.37
C ASN D 288 -5.50 -20.86 13.81
N ALA D 289 -6.37 -20.40 12.93
CA ALA D 289 -7.79 -20.33 13.27
C ALA D 289 -8.32 -21.70 13.65
N LEU D 290 -7.99 -22.73 12.87
CA LEU D 290 -8.51 -24.05 13.18
C LEU D 290 -7.91 -24.60 14.46
N LYS D 291 -6.64 -24.31 14.74
CA LYS D 291 -6.07 -24.71 16.03
C LYS D 291 -6.88 -24.12 17.17
N PHE D 292 -7.25 -22.84 17.06
CA PHE D 292 -8.08 -22.22 18.10
C PHE D 292 -9.45 -22.88 18.18
N ILE D 293 -10.09 -23.11 17.03
CA ILE D 293 -11.42 -23.72 17.02
C ILE D 293 -11.39 -25.08 17.71
N ALA D 294 -10.50 -25.95 17.25
CA ALA D 294 -10.38 -27.27 17.86
C ALA D 294 -10.05 -27.16 19.34
N PHE D 295 -9.11 -26.28 19.71
CA PHE D 295 -8.73 -26.17 21.12
C PHE D 295 -9.93 -25.79 21.99
N VAL D 296 -10.69 -24.77 21.59
CA VAL D 296 -11.80 -24.31 22.40
C VAL D 296 -12.99 -25.26 22.40
N THR D 297 -12.99 -26.25 21.50
CA THR D 297 -14.03 -27.27 21.49
C THR D 297 -13.46 -28.66 21.78
N ASN D 298 -12.31 -28.74 22.43
CA ASN D 298 -11.77 -30.03 22.80
C ASN D 298 -12.59 -30.60 23.95
N PRO D 299 -12.35 -31.84 24.33
CA PRO D 299 -13.18 -32.46 25.39
C PRO D 299 -13.28 -31.61 26.65
N THR D 300 -12.14 -31.20 27.20
CA THR D 300 -12.16 -30.46 28.46
C THR D 300 -12.83 -29.10 28.31
N ASN D 301 -12.60 -28.42 27.17
CA ASN D 301 -13.09 -27.06 27.03
C ASN D 301 -14.56 -27.01 26.64
N THR D 302 -15.02 -27.92 25.77
CA THR D 302 -16.46 -28.03 25.52
C THR D 302 -17.20 -28.46 26.78
N ALA D 303 -16.58 -29.32 27.60
CA ALA D 303 -17.20 -29.65 28.88
C ALA D 303 -17.33 -28.41 29.76
N TYR D 304 -16.29 -27.58 29.79
CA TYR D 304 -16.31 -26.38 30.62
C TYR D 304 -17.31 -25.35 30.10
N PHE D 305 -17.29 -25.07 28.79
CA PHE D 305 -18.30 -24.18 28.21
C PHE D 305 -19.70 -24.67 28.52
N SER D 306 -19.93 -25.98 28.41
CA SER D 306 -21.26 -26.52 28.66
C SER D 306 -21.73 -26.21 30.07
N GLN D 307 -20.89 -26.51 31.07
CA GLN D 307 -21.27 -26.26 32.46
C GLN D 307 -21.42 -24.78 32.79
N GLN D 308 -20.84 -23.88 31.99
CA GLN D 308 -20.99 -22.45 32.28
C GLN D 308 -22.27 -21.86 31.69
N THR D 309 -22.90 -22.54 30.76
CA THR D 309 -24.03 -21.98 30.02
C THR D 309 -25.25 -22.89 30.03
N GLY D 310 -25.05 -24.20 29.92
CA GLY D 310 -26.12 -25.11 29.62
C GLY D 310 -26.15 -25.61 28.20
N TYR D 311 -25.31 -25.07 27.31
CA TYR D 311 -25.18 -25.63 25.98
C TYR D 311 -24.61 -27.04 26.04
N LEU D 312 -24.67 -27.73 24.90
CA LEU D 312 -24.29 -29.14 24.81
C LEU D 312 -22.78 -29.28 24.63
N PRO D 313 -22.13 -30.19 25.36
CA PRO D 313 -20.76 -30.58 25.00
C PRO D 313 -20.75 -31.26 23.65
N VAL D 314 -19.81 -30.86 22.78
CA VAL D 314 -19.84 -31.29 21.38
C VAL D 314 -18.85 -32.40 21.08
N ARG D 315 -18.18 -32.95 22.11
CA ARG D 315 -17.24 -34.05 21.94
C ARG D 315 -17.80 -35.32 22.59
N LYS D 316 -17.65 -36.45 21.89
CA LYS D 316 -18.14 -37.72 22.43
C LYS D 316 -17.47 -38.03 23.76
N SER D 317 -16.14 -37.92 23.81
CA SER D 317 -15.38 -38.26 25.01
C SER D 317 -15.68 -37.34 26.19
N ALA D 318 -16.37 -36.22 25.95
CA ALA D 318 -16.74 -35.34 27.05
C ALA D 318 -17.98 -35.85 27.77
N VAL D 319 -18.98 -36.33 27.03
CA VAL D 319 -20.24 -36.79 27.61
C VAL D 319 -19.96 -37.89 28.63
N ASP D 320 -18.77 -38.46 28.58
CA ASP D 320 -18.35 -39.45 29.57
C ASP D 320 -17.73 -38.77 30.79
N ARG D 321 -30.34 -31.23 35.25
CA ARG D 321 -30.94 -30.29 34.32
C ARG D 321 -30.04 -30.03 33.10
N ALA D 322 -28.75 -29.77 33.35
CA ALA D 322 -27.78 -29.66 32.26
C ALA D 322 -27.57 -31.00 31.55
N ARG D 323 -28.12 -32.08 32.08
CA ARG D 323 -28.12 -33.38 31.44
C ARG D 323 -29.40 -33.63 30.63
N VAL D 324 -30.35 -32.70 30.67
CA VAL D 324 -31.63 -32.90 29.98
C VAL D 324 -31.44 -32.81 28.48
N ALA D 325 -30.78 -31.74 28.02
CA ALA D 325 -30.53 -31.58 26.59
C ALA D 325 -29.75 -32.78 26.05
N LEU D 326 -28.71 -33.21 26.77
CA LEU D 326 -27.88 -34.30 26.27
C LEU D 326 -28.69 -35.59 26.14
N ASP D 327 -29.52 -35.88 27.14
CA ASP D 327 -30.43 -37.03 27.05
C ASP D 327 -31.44 -36.87 25.91
N GLN D 328 -31.71 -35.64 25.50
CA GLN D 328 -32.64 -35.40 24.41
C GLN D 328 -31.95 -35.41 23.05
N LEU D 329 -30.64 -35.14 23.01
CA LEU D 329 -29.90 -35.14 21.76
C LEU D 329 -30.17 -36.36 20.87
N PRO D 330 -30.23 -37.59 21.40
CA PRO D 330 -30.49 -38.75 20.54
C PRO D 330 -31.94 -38.90 20.13
N HIS D 331 -32.86 -38.11 20.69
CA HIS D 331 -34.27 -38.14 20.31
C HIS D 331 -34.68 -36.86 19.59
N THR D 332 -33.73 -36.23 18.89
CA THR D 332 -33.97 -34.99 18.16
C THR D 332 -34.22 -35.28 16.68
N ARG D 333 -34.71 -34.26 15.97
CA ARG D 333 -35.04 -34.36 14.56
C ARG D 333 -34.39 -33.22 13.80
N THR D 334 -33.96 -33.49 12.56
CA THR D 334 -33.25 -32.48 11.78
C THR D 334 -34.22 -31.39 11.31
N GLN D 335 -33.72 -30.15 11.28
CA GLN D 335 -34.57 -28.99 11.11
C GLN D 335 -35.18 -28.95 9.71
N ASP D 336 -36.31 -28.26 9.60
CA ASP D 336 -37.00 -28.14 8.33
C ASP D 336 -36.26 -27.19 7.39
N TYR D 337 -36.34 -27.49 6.09
CA TYR D 337 -35.64 -26.69 5.09
C TYR D 337 -36.16 -25.26 5.01
N ALA D 338 -37.46 -25.05 5.24
CA ALA D 338 -38.03 -23.73 5.04
C ALA D 338 -37.44 -22.70 6.00
N ARG D 339 -36.98 -23.14 7.17
CA ARG D 339 -36.41 -22.25 8.17
C ARG D 339 -34.91 -22.05 7.99
N VAL D 340 -34.16 -23.16 7.95
CA VAL D 340 -32.70 -23.08 8.01
C VAL D 340 -32.04 -22.94 6.64
N PHE D 341 -32.70 -23.34 5.55
CA PHE D 341 -32.06 -23.38 4.25
C PHE D 341 -32.66 -22.46 3.19
N LEU D 342 -33.90 -22.01 3.34
CA LEU D 342 -34.55 -21.20 2.32
C LEU D 342 -34.31 -19.72 2.57
N PRO D 343 -33.64 -18.99 1.66
CA PRO D 343 -33.38 -17.56 1.90
C PRO D 343 -34.59 -16.77 2.32
N GLY D 344 -34.52 -16.14 3.49
CA GLY D 344 -35.61 -15.34 4.00
C GLY D 344 -36.81 -16.12 4.50
N GLY D 345 -36.77 -17.45 4.40
CA GLY D 345 -37.94 -18.23 4.80
C GLY D 345 -38.25 -18.11 6.29
N ASP D 346 -37.22 -18.05 7.12
CA ASP D 346 -37.45 -17.99 8.57
C ASP D 346 -37.98 -16.61 8.99
N ARG D 347 -37.48 -15.54 8.38
CA ARG D 347 -38.03 -14.21 8.66
C ARG D 347 -39.53 -14.18 8.40
N ILE D 348 -39.98 -14.88 7.37
CA ILE D 348 -41.41 -14.88 7.03
C ILE D 348 -42.19 -15.82 7.95
N ILE D 349 -41.65 -17.00 8.24
CA ILE D 349 -42.31 -17.92 9.15
C ILE D 349 -42.47 -17.26 10.53
N SER D 350 -41.41 -16.62 11.02
CA SER D 350 -41.46 -16.02 12.35
C SER D 350 -42.34 -14.78 12.39
N ALA D 351 -42.39 -14.01 11.30
CA ALA D 351 -43.31 -12.87 11.25
C ALA D 351 -44.75 -13.35 11.33
N GLY D 352 -45.07 -14.45 10.67
CA GLY D 352 -46.40 -15.01 10.68
C GLY D 352 -46.79 -15.57 12.04
N LEU D 353 -46.00 -16.52 12.54
CA LEU D 353 -46.29 -17.11 13.85
C LEU D 353 -46.46 -16.04 14.92
N GLU D 354 -45.72 -14.93 14.81
CA GLU D 354 -45.87 -13.87 15.79
C GLU D 354 -47.16 -13.07 15.55
N SER D 355 -47.54 -12.85 14.30
CA SER D 355 -48.80 -12.16 14.04
C SER D 355 -49.98 -12.98 14.57
N ILE D 356 -50.03 -14.26 14.23
CA ILE D 356 -50.99 -15.17 14.85
C ILE D 356 -50.96 -15.00 16.37
N GLY D 357 -49.77 -15.05 16.96
CA GLY D 357 -49.62 -15.05 18.40
C GLY D 357 -49.81 -13.69 19.05
N LEU D 358 -49.28 -12.64 18.44
CA LEU D 358 -49.41 -11.31 19.01
C LEU D 358 -50.75 -10.67 18.65
N ARG D 359 -51.07 -10.62 17.36
CA ARG D 359 -52.30 -9.98 16.90
C ARG D 359 -53.51 -10.91 17.02
N GLY D 360 -53.31 -12.21 16.80
CA GLY D 360 -54.41 -13.17 16.80
C GLY D 360 -54.86 -13.63 15.44
N ALA D 361 -54.07 -13.39 14.40
CA ALA D 361 -54.48 -13.69 13.02
C ALA D 361 -54.95 -15.13 12.88
N ASP D 362 -55.77 -15.40 11.87
CA ASP D 362 -56.26 -16.74 11.65
C ASP D 362 -55.13 -17.66 11.21
N VAL D 363 -55.14 -18.89 11.73
CA VAL D 363 -54.05 -19.81 11.48
C VAL D 363 -54.03 -20.25 10.02
N THR D 364 -55.21 -20.50 9.43
CA THR D 364 -55.26 -21.01 8.07
C THR D 364 -54.92 -19.94 7.05
N LYS D 365 -55.38 -18.71 7.26
CA LYS D 365 -55.00 -17.62 6.36
C LYS D 365 -53.51 -17.30 6.46
N THR D 366 -52.97 -17.27 7.68
CA THR D 366 -51.56 -16.93 7.82
C THR D 366 -50.65 -18.02 7.27
N PHE D 367 -50.98 -19.29 7.52
CA PHE D 367 -50.13 -20.38 7.04
C PHE D 367 -50.24 -20.55 5.53
N THR D 368 -51.39 -20.19 4.94
CA THR D 368 -51.50 -20.18 3.49
C THR D 368 -50.66 -19.04 2.89
N ASN D 369 -50.78 -17.85 3.46
CA ASN D 369 -50.02 -16.72 2.95
C ASN D 369 -48.53 -16.87 3.22
N ILE D 370 -48.17 -17.50 4.34
CA ILE D 370 -46.77 -17.87 4.57
C ILE D 370 -46.28 -18.77 3.44
N GLN D 371 -47.10 -19.72 3.01
CA GLN D 371 -46.68 -20.71 2.04
C GLN D 371 -46.61 -20.14 0.63
N LYS D 372 -47.48 -19.18 0.29
CA LYS D 372 -47.38 -18.53 -1.00
C LYS D 372 -46.12 -17.68 -1.08
N ARG D 373 -45.82 -16.91 -0.03
CA ARG D 373 -44.62 -16.10 -0.03
C ARG D 373 -43.36 -16.96 -0.16
N LEU D 374 -43.35 -18.12 0.49
CA LEU D 374 -42.19 -19.00 0.44
C LEU D 374 -42.11 -19.79 -0.86
N GLN D 375 -43.26 -20.08 -1.48
CA GLN D 375 -43.22 -20.80 -2.76
C GLN D 375 -42.60 -19.94 -3.86
N VAL D 376 -42.74 -18.62 -3.77
CA VAL D 376 -42.06 -17.73 -4.71
C VAL D 376 -40.54 -17.85 -4.54
N ILE D 377 -40.08 -17.87 -3.29
CA ILE D 377 -38.65 -18.08 -3.02
C ILE D 377 -38.16 -19.35 -3.71
N LEU D 378 -38.93 -20.44 -3.59
CA LEU D 378 -38.57 -21.67 -4.30
C LEU D 378 -38.69 -21.50 -5.80
N ASP D 379 -39.75 -20.83 -6.27
CA ASP D 379 -39.91 -20.59 -7.69
C ASP D 379 -38.80 -19.70 -8.23
N ARG D 380 -38.58 -18.55 -7.60
CA ARG D 380 -37.57 -17.61 -8.06
C ARG D 380 -36.17 -17.99 -7.60
N GLN D 381 -35.94 -19.27 -7.27
CA GLN D 381 -34.61 -19.76 -6.91
C GLN D 381 -34.29 -21.08 -7.63
N ILE D 382 -35.01 -21.41 -8.69
CA ILE D 382 -34.75 -22.60 -9.47
C ILE D 382 -34.74 -22.26 -10.95
#